data_5W3T
#
_entry.id   5W3T
#
_cell.length_a   77.987
_cell.length_b   78.956
_cell.length_c   79.902
_cell.angle_alpha   103.36
_cell.angle_beta   112.12
_cell.angle_gamma   111.54
#
_symmetry.space_group_name_H-M   'P 1'
#
loop_
_entity.id
_entity.type
_entity.pdbx_description
1 polymer 'PopP2 protein'
2 non-polymer 'INOSITOL HEXAKISPHOSPHATE'
3 non-polymer GLYCEROL
4 water water
#
_entity_poly.entity_id   1
_entity_poly.type   'polypeptide(L)'
_entity_poly.pdbx_seq_one_letter_code
;SEFELGAPAGRQAGQQATVDRLRTQVTGFLSGALGKLQALSAQNMDPELAQFRVLDVDRAIMPLLIVAENARNPGLNLVP
LHMDMAEDEEVRTQPPMAGSRHIAEFVASARPGRYRAVIDDGSHTRAADIRKDASGTSVIVVDPLRKEKDESAYVDYADN
VNMEFGEHAKCAFIPVDIQKSFFDCRILSLSLALKMHDKDDAFAAFHETLRNGGDPSHHVSRAQQTEELGATLVLDGAPL
VDARMMKHGQAASSVSRYLGNHPEQSTVPVNKRNETLGERTTRHLVKRKVRNRADSEGRVTSGETKEITFSNSVEQKRIA
LLNRAASYVNSAPPPVVMRMAKLLQDSLLDTN
;
_entity_poly.pdbx_strand_id   A,B,C,D
#
# COMPACT_ATOMS: atom_id res chain seq x y z
N PRO A 8 13.84 10.05 -38.66
CA PRO A 8 12.66 9.18 -38.59
C PRO A 8 11.49 9.70 -39.43
N ALA A 9 11.44 11.02 -39.65
CA ALA A 9 10.34 11.62 -40.41
C ALA A 9 10.24 11.09 -41.84
N GLY A 10 11.37 10.63 -42.38
CA GLY A 10 11.41 10.10 -43.73
C GLY A 10 10.49 8.91 -43.96
N ARG A 11 10.38 8.05 -42.96
CA ARG A 11 9.56 6.84 -43.07
C ARG A 11 8.15 7.02 -42.47
N GLN A 12 7.90 8.19 -41.86
CA GLN A 12 6.63 8.46 -41.18
C GLN A 12 5.49 8.82 -42.14
N ALA A 13 5.86 9.35 -43.30
CA ALA A 13 4.93 9.81 -44.34
C ALA A 13 3.96 10.90 -43.85
N GLY A 14 4.39 11.66 -42.85
CA GLY A 14 3.61 12.77 -42.34
C GLY A 14 2.55 12.45 -41.28
N GLN A 15 2.47 11.20 -40.85
CA GLN A 15 1.53 10.83 -39.78
C GLN A 15 2.30 10.44 -38.52
N GLN A 16 3.35 11.21 -38.22
CA GLN A 16 4.18 10.96 -37.04
C GLN A 16 3.37 10.91 -35.75
N ALA A 17 2.30 11.71 -35.71
CA ALA A 17 1.43 11.78 -34.54
C ALA A 17 0.60 10.51 -34.38
N THR A 18 0.00 10.05 -35.48
CA THR A 18 -0.83 8.86 -35.46
C THR A 18 0.02 7.61 -35.22
N VAL A 19 1.15 7.52 -35.92
CA VAL A 19 2.07 6.39 -35.75
C VAL A 19 2.55 6.32 -34.32
N ASP A 20 2.99 7.46 -33.78
CA ASP A 20 3.48 7.53 -32.42
C ASP A 20 2.44 7.13 -31.40
N ARG A 21 1.19 7.51 -31.64
CA ARG A 21 0.11 7.21 -30.70
C ARG A 21 -0.31 5.75 -30.81
N LEU A 22 -0.28 5.20 -32.03
CA LEU A 22 -0.61 3.80 -32.22
C LEU A 22 0.49 2.90 -31.68
N ARG A 23 1.74 3.35 -31.82
CA ARG A 23 2.88 2.62 -31.27
C ARG A 23 2.76 2.56 -29.75
N THR A 24 2.48 3.71 -29.15
CA THR A 24 2.26 3.83 -27.72
C THR A 24 1.12 2.91 -27.26
N GLN A 25 0.04 2.90 -28.03
CA GLN A 25 -1.12 2.08 -27.72
C GLN A 25 -0.82 0.58 -27.75
N VAL A 26 -0.02 0.14 -28.73
CA VAL A 26 0.31 -1.28 -28.84
C VAL A 26 1.27 -1.71 -27.73
N THR A 27 2.33 -0.93 -27.53
CA THR A 27 3.29 -1.21 -26.45
C THR A 27 2.56 -1.11 -25.12
N GLY A 28 1.61 -0.20 -25.04
CA GLY A 28 0.83 -0.02 -23.82
C GLY A 28 0.03 -1.23 -23.45
N PHE A 29 -0.54 -1.90 -24.45
CA PHE A 29 -1.31 -3.11 -24.23
C PHE A 29 -0.41 -4.27 -23.85
N LEU A 30 0.66 -4.43 -24.62
CA LEU A 30 1.62 -5.48 -24.37
C LEU A 30 2.19 -5.33 -22.96
N SER A 31 2.59 -4.11 -22.61
CA SER A 31 3.14 -3.85 -21.28
C SER A 31 2.10 -4.02 -20.18
N GLY A 32 0.84 -3.75 -20.51
CA GLY A 32 -0.25 -3.95 -19.58
C GLY A 32 -0.45 -5.43 -19.27
N ALA A 33 -0.54 -6.23 -20.32
CA ALA A 33 -0.67 -7.68 -20.17
C ALA A 33 0.56 -8.28 -19.50
N LEU A 34 1.73 -7.82 -19.93
CA LEU A 34 3.00 -8.30 -19.40
C LEU A 34 3.09 -8.06 -17.89
N GLY A 35 2.71 -6.86 -17.46
CA GLY A 35 2.73 -6.48 -16.06
C GLY A 35 1.84 -7.36 -15.20
N LYS A 36 0.63 -7.62 -15.68
CA LYS A 36 -0.32 -8.48 -14.97
C LYS A 36 0.20 -9.91 -14.87
N LEU A 37 0.72 -10.42 -15.97
CA LEU A 37 1.24 -11.79 -16.00
C LEU A 37 2.46 -11.94 -15.09
N GLN A 38 3.29 -10.91 -15.06
CA GLN A 38 4.48 -10.89 -14.22
C GLN A 38 4.15 -10.88 -12.74
N ALA A 39 3.10 -10.15 -12.37
CA ALA A 39 2.67 -10.08 -10.98
C ALA A 39 2.16 -11.44 -10.50
N LEU A 40 1.39 -12.11 -11.35
CA LEU A 40 0.86 -13.42 -11.05
C LEU A 40 1.96 -14.47 -10.91
N SER A 41 2.91 -14.44 -11.84
CA SER A 41 3.98 -15.42 -11.83
C SER A 41 4.93 -15.21 -10.66
N ALA A 42 5.27 -13.95 -10.40
CA ALA A 42 6.19 -13.61 -9.32
C ALA A 42 5.64 -14.00 -7.96
N GLN A 43 4.31 -13.94 -7.82
CA GLN A 43 3.68 -14.30 -6.56
C GLN A 43 3.17 -15.73 -6.54
N ASN A 44 3.57 -16.54 -7.53
CA ASN A 44 3.17 -17.94 -7.58
C ASN A 44 1.66 -18.11 -7.52
N MET A 45 0.94 -17.35 -8.35
CA MET A 45 -0.51 -17.38 -8.31
C MET A 45 -1.13 -17.96 -9.58
N ASP A 46 -2.04 -18.91 -9.39
CA ASP A 46 -2.79 -19.46 -10.52
C ASP A 46 -3.71 -18.41 -11.12
N PRO A 47 -3.60 -18.21 -12.43
CA PRO A 47 -4.41 -17.20 -13.15
C PRO A 47 -5.90 -17.50 -13.05
N GLU A 48 -6.28 -18.78 -13.09
CA GLU A 48 -7.69 -19.15 -13.09
C GLU A 48 -8.30 -18.85 -11.72
N LEU A 49 -7.53 -19.06 -10.67
CA LEU A 49 -8.00 -18.74 -9.33
C LEU A 49 -7.99 -17.22 -9.08
N ALA A 50 -7.13 -16.51 -9.81
CA ALA A 50 -7.02 -15.06 -9.68
C ALA A 50 -8.00 -14.32 -10.59
N GLN A 51 -8.86 -15.07 -11.27
CA GLN A 51 -9.90 -14.51 -12.14
C GLN A 51 -9.31 -13.80 -13.35
N PHE A 52 -8.07 -14.14 -13.70
CA PHE A 52 -7.44 -13.57 -14.87
C PHE A 52 -7.76 -14.39 -16.12
N ARG A 53 -8.18 -13.70 -17.17
CA ARG A 53 -8.66 -14.38 -18.38
C ARG A 53 -7.54 -14.55 -19.39
N VAL A 54 -6.73 -15.59 -19.21
CA VAL A 54 -5.59 -15.84 -20.09
C VAL A 54 -6.04 -16.12 -21.52
N LEU A 55 -7.16 -16.82 -21.66
CA LEU A 55 -7.70 -17.16 -22.97
C LEU A 55 -7.95 -15.92 -23.82
N ASP A 56 -8.48 -14.87 -23.19
CA ASP A 56 -8.77 -13.63 -23.91
C ASP A 56 -7.48 -12.89 -24.25
N VAL A 57 -6.55 -12.88 -23.31
CA VAL A 57 -5.29 -12.19 -23.49
C VAL A 57 -4.42 -12.93 -24.51
N ASP A 58 -4.38 -14.26 -24.41
CA ASP A 58 -3.63 -15.06 -25.37
C ASP A 58 -4.18 -14.87 -26.79
N ARG A 59 -5.50 -14.84 -26.94
CA ARG A 59 -6.09 -14.67 -28.27
C ARG A 59 -5.76 -13.30 -28.88
N ALA A 60 -5.75 -12.27 -28.04
CA ALA A 60 -5.48 -10.91 -28.52
C ALA A 60 -4.01 -10.68 -28.88
N ILE A 61 -3.10 -11.21 -28.07
CA ILE A 61 -1.67 -10.96 -28.29
C ILE A 61 -1.07 -11.85 -29.37
N MET A 62 -1.69 -13.01 -29.59
CA MET A 62 -1.13 -14.02 -30.49
C MET A 62 -0.85 -13.52 -31.93
N PRO A 63 -1.79 -12.76 -32.53
CA PRO A 63 -1.42 -12.26 -33.86
C PRO A 63 -0.19 -11.32 -33.83
N LEU A 64 -0.02 -10.58 -32.75
CA LEU A 64 1.11 -9.67 -32.61
C LEU A 64 2.42 -10.42 -32.38
N LEU A 65 2.35 -11.51 -31.62
CA LEU A 65 3.50 -12.39 -31.38
C LEU A 65 3.98 -13.01 -32.69
N ILE A 66 3.04 -13.40 -33.54
CA ILE A 66 3.38 -13.97 -34.83
C ILE A 66 4.09 -12.95 -35.72
N VAL A 67 3.59 -11.72 -35.75
CA VAL A 67 4.25 -10.68 -36.53
C VAL A 67 5.70 -10.49 -36.07
N ALA A 68 5.90 -10.41 -34.75
CA ALA A 68 7.24 -10.20 -34.20
C ALA A 68 8.17 -11.39 -34.44
N GLU A 69 7.65 -12.60 -34.30
CA GLU A 69 8.47 -13.80 -34.48
C GLU A 69 8.87 -13.99 -35.93
N ASN A 70 7.96 -13.68 -36.84
CA ASN A 70 8.29 -13.75 -38.28
C ASN A 70 9.42 -12.77 -38.64
N ALA A 71 9.42 -11.60 -38.01
CA ALA A 71 10.45 -10.60 -38.27
C ALA A 71 11.77 -10.95 -37.58
N ARG A 72 11.71 -11.62 -36.44
CA ARG A 72 12.91 -11.96 -35.70
C ARG A 72 13.58 -13.18 -36.36
N ASN A 73 12.80 -14.02 -37.03
CA ASN A 73 13.34 -15.18 -37.74
C ASN A 73 12.86 -15.25 -39.18
N PRO A 74 13.54 -14.52 -40.08
CA PRO A 74 13.18 -14.60 -41.50
C PRO A 74 13.20 -16.05 -42.02
N GLY A 75 12.09 -16.47 -42.62
CA GLY A 75 11.96 -17.84 -43.07
C GLY A 75 11.00 -18.65 -42.22
N LEU A 76 10.73 -18.19 -41.00
CA LEU A 76 9.77 -18.86 -40.12
C LEU A 76 8.47 -19.04 -40.87
N ASN A 77 8.02 -17.96 -41.53
CA ASN A 77 6.81 -17.98 -42.33
C ASN A 77 5.63 -18.56 -41.58
N LEU A 78 5.42 -18.03 -40.39
CA LEU A 78 4.34 -18.49 -39.52
C LEU A 78 3.01 -17.82 -39.89
N VAL A 79 2.01 -18.65 -40.14
CA VAL A 79 0.67 -18.21 -40.53
C VAL A 79 -0.39 -18.79 -39.60
N PRO A 80 -1.29 -17.95 -39.07
CA PRO A 80 -2.42 -18.45 -38.27
C PRO A 80 -3.50 -19.07 -39.15
N LEU A 81 -3.88 -20.31 -38.83
CA LEU A 81 -4.90 -21.00 -39.59
C LEU A 81 -5.97 -21.54 -38.65
N HIS A 82 -7.15 -21.82 -39.19
CA HIS A 82 -8.18 -22.44 -38.41
C HIS A 82 -8.93 -23.48 -39.23
N MET A 83 -9.45 -24.49 -38.54
CA MET A 83 -10.22 -25.53 -39.20
C MET A 83 -11.65 -25.03 -39.39
N ASP A 84 -12.42 -25.77 -40.18
CA ASP A 84 -13.76 -25.34 -40.54
C ASP A 84 -14.67 -25.27 -39.31
N MET A 85 -14.47 -26.20 -38.36
CA MET A 85 -15.27 -26.22 -37.13
C MET A 85 -15.05 -24.97 -36.29
N ALA A 86 -13.94 -24.29 -36.51
CA ALA A 86 -13.63 -23.06 -35.79
C ALA A 86 -14.53 -21.91 -36.27
N GLU A 87 -15.22 -22.11 -37.38
CA GLU A 87 -16.10 -21.08 -37.89
C GLU A 87 -17.53 -21.30 -37.41
N ASP A 88 -17.72 -22.33 -36.58
CA ASP A 88 -19.02 -22.59 -35.99
C ASP A 88 -19.16 -21.84 -34.66
N GLU A 89 -19.86 -20.71 -34.70
CA GLU A 89 -20.02 -19.83 -33.55
C GLU A 89 -20.78 -20.47 -32.38
N GLU A 90 -21.44 -21.60 -32.64
CA GLU A 90 -22.30 -22.21 -31.64
C GLU A 90 -21.58 -23.27 -30.80
N VAL A 91 -20.48 -23.81 -31.34
CA VAL A 91 -19.78 -24.89 -30.66
C VAL A 91 -18.43 -24.42 -30.11
N ARG A 92 -17.77 -23.52 -30.83
CA ARG A 92 -16.42 -23.08 -30.49
C ARG A 92 -16.38 -22.33 -29.15
N THR A 93 -15.22 -22.39 -28.50
CA THR A 93 -14.98 -21.65 -27.26
C THR A 93 -14.68 -20.18 -27.57
N GLN A 94 -13.92 -19.96 -28.64
CA GLN A 94 -13.52 -18.63 -29.07
C GLN A 94 -13.49 -18.57 -30.59
N PRO A 95 -13.73 -17.38 -31.16
CA PRO A 95 -13.49 -17.18 -32.59
C PRO A 95 -11.98 -17.19 -32.89
N PRO A 96 -11.59 -17.57 -34.11
CA PRO A 96 -10.16 -17.58 -34.47
C PRO A 96 -9.50 -16.22 -34.28
N MET A 97 -8.18 -16.21 -34.06
CA MET A 97 -7.47 -14.96 -33.82
C MET A 97 -7.55 -14.04 -35.04
N ALA A 98 -7.35 -12.73 -34.84
CA ALA A 98 -7.41 -11.77 -35.92
C ALA A 98 -6.42 -12.11 -37.03
N GLY A 99 -6.90 -12.11 -38.27
CA GLY A 99 -6.05 -12.41 -39.41
C GLY A 99 -5.96 -13.88 -39.75
N SER A 100 -6.57 -14.74 -38.94
CA SER A 100 -6.56 -16.18 -39.16
C SER A 100 -7.22 -16.54 -40.49
N ARG A 101 -6.66 -17.53 -41.18
CA ARG A 101 -7.20 -17.95 -42.46
C ARG A 101 -7.70 -19.38 -42.41
N HIS A 102 -8.82 -19.63 -43.08
CA HIS A 102 -9.34 -20.98 -43.24
C HIS A 102 -8.32 -21.81 -44.02
N ILE A 103 -8.11 -23.03 -43.56
CA ILE A 103 -7.12 -23.93 -44.15
C ILE A 103 -7.34 -24.15 -45.65
N ALA A 104 -8.58 -24.44 -46.03
CA ALA A 104 -8.93 -24.68 -47.43
C ALA A 104 -8.60 -23.47 -48.29
N GLU A 105 -8.88 -22.28 -47.76
CA GLU A 105 -8.59 -21.03 -48.44
C GLU A 105 -7.08 -20.82 -48.59
N PHE A 106 -6.35 -21.08 -47.52
CA PHE A 106 -4.90 -20.95 -47.53
C PHE A 106 -4.27 -21.89 -48.56
N VAL A 107 -4.60 -23.17 -48.45
CA VAL A 107 -4.05 -24.19 -49.35
C VAL A 107 -4.30 -23.85 -50.82
N ALA A 108 -5.50 -23.37 -51.11
CA ALA A 108 -5.88 -23.04 -52.47
C ALA A 108 -5.04 -21.90 -53.07
N SER A 109 -4.84 -20.83 -52.29
CA SER A 109 -4.34 -19.59 -52.87
C SER A 109 -2.94 -19.19 -52.44
N ALA A 110 -2.40 -19.80 -51.39
CA ALA A 110 -1.08 -19.43 -50.91
C ALA A 110 0.01 -19.73 -51.94
N ARG A 111 1.01 -18.87 -51.98
CA ARG A 111 2.17 -19.06 -52.82
C ARG A 111 2.90 -20.34 -52.40
N PRO A 112 3.46 -21.07 -53.38
CA PRO A 112 4.24 -22.25 -53.03
C PRO A 112 5.41 -21.87 -52.13
N GLY A 113 5.72 -22.72 -51.16
CA GLY A 113 6.81 -22.46 -50.25
C GLY A 113 6.69 -23.24 -48.95
N ARG A 114 7.51 -22.85 -47.99
CA ARG A 114 7.57 -23.52 -46.70
C ARG A 114 6.95 -22.65 -45.61
N TYR A 115 5.98 -23.20 -44.89
CA TYR A 115 5.27 -22.46 -43.86
C TYR A 115 5.26 -23.17 -42.52
N ARG A 116 5.19 -22.39 -41.43
CA ARG A 116 4.76 -22.93 -40.15
C ARG A 116 3.38 -22.36 -39.86
N ALA A 117 2.64 -23.04 -38.99
CA ALA A 117 1.30 -22.60 -38.67
C ALA A 117 0.90 -22.96 -37.25
N VAL A 118 0.06 -22.13 -36.67
CA VAL A 118 -0.69 -22.51 -35.49
C VAL A 118 -2.12 -22.73 -35.98
N ILE A 119 -2.66 -23.91 -35.71
CA ILE A 119 -3.96 -24.28 -36.24
C ILE A 119 -5.02 -24.39 -35.13
N ASP A 120 -6.03 -23.55 -35.21
CA ASP A 120 -7.13 -23.51 -34.26
C ASP A 120 -8.36 -24.28 -34.74
N ASP A 121 -8.96 -25.12 -33.88
CA ASP A 121 -10.17 -25.84 -34.25
C ASP A 121 -11.42 -25.27 -33.58
N GLY A 122 -11.26 -24.17 -32.87
CA GLY A 122 -12.36 -23.52 -32.19
C GLY A 122 -12.22 -23.57 -30.67
N SER A 123 -11.56 -24.62 -30.18
CA SER A 123 -11.36 -24.79 -28.75
C SER A 123 -9.92 -25.17 -28.38
N HIS A 124 -9.16 -25.65 -29.37
CA HIS A 124 -7.78 -26.10 -29.13
C HIS A 124 -6.86 -25.72 -30.30
N THR A 125 -5.60 -25.43 -30.00
CA THR A 125 -4.63 -25.01 -31.02
C THR A 125 -3.44 -25.96 -31.10
N ARG A 126 -3.03 -26.29 -32.32
CA ARG A 126 -1.87 -27.15 -32.58
C ARG A 126 -0.83 -26.41 -33.44
N ALA A 127 0.38 -26.95 -33.50
CA ALA A 127 1.43 -26.41 -34.38
C ALA A 127 1.54 -27.26 -35.65
N ALA A 128 2.03 -26.67 -36.73
CA ALA A 128 2.17 -27.38 -37.99
C ALA A 128 3.35 -26.86 -38.84
N ASP A 129 3.98 -27.78 -39.58
CA ASP A 129 5.00 -27.44 -40.57
C ASP A 129 4.48 -27.82 -41.96
N ILE A 130 4.34 -26.83 -42.84
CA ILE A 130 3.66 -27.04 -44.12
C ILE A 130 4.57 -26.78 -45.32
N ARG A 131 4.57 -27.74 -46.25
CA ARG A 131 5.28 -27.58 -47.51
C ARG A 131 4.30 -27.63 -48.67
N LYS A 132 4.28 -26.56 -49.45
CA LYS A 132 3.39 -26.50 -50.60
C LYS A 132 4.14 -26.19 -51.88
N ASP A 133 3.91 -27.01 -52.91
CA ASP A 133 4.48 -26.76 -54.23
C ASP A 133 3.53 -27.28 -55.31
N ALA A 134 4.04 -27.35 -56.54
CA ALA A 134 3.26 -27.79 -57.69
C ALA A 134 2.64 -29.18 -57.50
N SER A 135 3.41 -30.09 -56.91
CA SER A 135 2.97 -31.48 -56.73
C SER A 135 1.86 -31.61 -55.70
N GLY A 136 1.79 -30.63 -54.80
CA GLY A 136 0.75 -30.59 -53.79
C GLY A 136 1.24 -30.08 -52.46
N THR A 137 0.48 -30.37 -51.41
CA THR A 137 0.79 -29.90 -50.07
C THR A 137 1.02 -31.08 -49.11
N SER A 138 2.05 -30.95 -48.29
CA SER A 138 2.32 -31.89 -47.21
C SER A 138 2.40 -31.11 -45.92
N VAL A 139 1.85 -31.68 -44.85
CA VAL A 139 1.82 -31.00 -43.56
C VAL A 139 2.16 -31.97 -42.44
N ILE A 140 2.99 -31.50 -41.51
CA ILE A 140 3.32 -32.25 -40.32
C ILE A 140 2.76 -31.52 -39.09
N VAL A 141 1.74 -32.12 -38.47
CA VAL A 141 1.07 -31.50 -37.35
C VAL A 141 1.57 -32.05 -36.01
N VAL A 142 1.98 -31.16 -35.12
CA VAL A 142 2.37 -31.54 -33.77
C VAL A 142 1.41 -30.97 -32.72
N ASP A 143 0.75 -31.86 -31.99
CA ASP A 143 -0.23 -31.47 -30.96
C ASP A 143 0.42 -31.49 -29.59
N PRO A 144 0.46 -30.32 -28.91
CA PRO A 144 1.05 -30.23 -27.57
C PRO A 144 0.24 -30.94 -26.50
N LEU A 145 -0.95 -31.41 -26.86
CA LEU A 145 -1.83 -32.08 -25.90
C LEU A 145 -1.98 -33.56 -26.24
N ARG A 146 -1.96 -34.40 -25.23
CA ARG A 146 -2.10 -35.84 -25.40
C ARG A 146 -2.88 -36.42 -24.23
N LYS A 147 -4.19 -36.21 -24.24
CA LYS A 147 -5.01 -36.54 -23.09
C LYS A 147 -5.95 -37.73 -23.34
N GLU A 148 -6.04 -38.16 -24.60
CA GLU A 148 -6.99 -39.21 -24.96
C GLU A 148 -6.64 -40.52 -24.28
N LYS A 149 -7.63 -41.08 -23.57
CA LYS A 149 -7.47 -42.37 -22.92
C LYS A 149 -7.26 -43.47 -23.95
N ASP A 150 -8.25 -43.65 -24.83
CA ASP A 150 -8.15 -44.61 -25.91
C ASP A 150 -7.36 -43.99 -27.06
N GLU A 151 -6.21 -44.60 -27.37
CA GLU A 151 -5.32 -44.08 -28.41
C GLU A 151 -5.88 -44.22 -29.83
N SER A 152 -7.15 -44.58 -29.94
CA SER A 152 -7.81 -44.70 -31.24
C SER A 152 -8.43 -43.36 -31.65
N ALA A 153 -8.59 -42.46 -30.69
CA ALA A 153 -9.14 -41.14 -30.96
C ALA A 153 -8.16 -40.30 -31.77
N TYR A 154 -6.87 -40.61 -31.69
CA TYR A 154 -5.86 -39.87 -32.43
C TYR A 154 -5.93 -40.21 -33.92
N VAL A 155 -6.38 -41.43 -34.22
CA VAL A 155 -6.54 -41.85 -35.60
C VAL A 155 -7.50 -40.93 -36.35
N ASP A 156 -8.60 -40.55 -35.69
CA ASP A 156 -9.57 -39.65 -36.31
C ASP A 156 -9.10 -38.20 -36.31
N TYR A 157 -8.23 -37.86 -35.36
CA TYR A 157 -7.57 -36.56 -35.38
C TYR A 157 -6.71 -36.39 -36.63
N ALA A 158 -5.94 -37.42 -36.96
CA ALA A 158 -5.09 -37.41 -38.14
C ALA A 158 -5.92 -37.21 -39.41
N ASP A 159 -7.08 -37.86 -39.46
CA ASP A 159 -7.98 -37.75 -40.61
C ASP A 159 -8.53 -36.36 -40.84
N ASN A 160 -9.07 -35.82 -39.76
CA ASN A 160 -9.79 -34.57 -39.83
C ASN A 160 -8.83 -33.47 -40.25
N VAL A 161 -7.60 -33.55 -39.78
CA VAL A 161 -6.59 -32.60 -40.21
C VAL A 161 -6.27 -32.77 -41.69
N ASN A 162 -6.04 -34.01 -42.12
CA ASN A 162 -5.73 -34.30 -43.51
C ASN A 162 -6.91 -33.94 -44.41
N MET A 163 -8.12 -34.11 -43.90
CA MET A 163 -9.32 -33.72 -44.63
C MET A 163 -9.37 -32.22 -44.89
N GLU A 164 -8.92 -31.43 -43.92
CA GLU A 164 -8.95 -29.96 -44.00
C GLU A 164 -8.02 -29.47 -45.10
N PHE A 165 -6.91 -30.17 -45.28
CA PHE A 165 -5.93 -29.80 -46.29
C PHE A 165 -6.23 -30.44 -47.64
N GLY A 166 -7.28 -31.25 -47.69
CA GLY A 166 -7.64 -31.96 -48.91
C GLY A 166 -7.15 -33.40 -48.82
N GLU A 167 -7.90 -34.33 -49.40
CA GLU A 167 -7.58 -35.76 -49.26
C GLU A 167 -6.32 -36.22 -49.99
N HIS A 168 -5.85 -35.41 -50.95
CA HIS A 168 -4.66 -35.70 -51.74
C HIS A 168 -3.39 -35.08 -51.14
N ALA A 169 -3.57 -34.41 -50.02
CA ALA A 169 -2.48 -33.84 -49.27
C ALA A 169 -1.89 -34.90 -48.34
N LYS A 170 -0.57 -34.88 -48.19
CA LYS A 170 0.14 -35.78 -47.29
C LYS A 170 0.11 -35.22 -45.87
N CYS A 171 -0.12 -36.08 -44.88
CA CYS A 171 -0.26 -35.59 -43.52
C CYS A 171 0.35 -36.53 -42.46
N ALA A 172 1.05 -35.93 -41.51
CA ALA A 172 1.52 -36.64 -40.32
C ALA A 172 0.98 -35.94 -39.08
N PHE A 173 0.48 -36.72 -38.13
CA PHE A 173 -0.09 -36.17 -36.90
C PHE A 173 0.66 -36.70 -35.69
N ILE A 174 1.26 -35.78 -34.93
CA ILE A 174 2.12 -36.16 -33.82
C ILE A 174 1.64 -35.56 -32.50
N PRO A 175 0.83 -36.32 -31.73
CA PRO A 175 0.40 -35.88 -30.40
C PRO A 175 1.52 -36.01 -29.36
N VAL A 176 1.82 -34.92 -28.64
CA VAL A 176 2.89 -34.92 -27.66
C VAL A 176 2.38 -34.49 -26.28
N ASP A 177 2.80 -35.19 -25.23
CA ASP A 177 2.31 -34.92 -23.87
C ASP A 177 3.04 -33.74 -23.20
N ILE A 178 2.67 -32.53 -23.60
CA ILE A 178 3.30 -31.32 -23.06
C ILE A 178 2.33 -30.50 -22.19
N GLN A 179 1.14 -30.27 -22.71
CA GLN A 179 0.14 -29.45 -22.05
C GLN A 179 -0.56 -30.21 -20.94
N LYS A 180 -0.76 -29.56 -19.81
CA LYS A 180 -1.58 -30.12 -18.71
C LYS A 180 -2.71 -29.16 -18.37
N SER A 181 -2.44 -27.87 -18.47
CA SER A 181 -3.50 -26.89 -18.23
C SER A 181 -4.48 -26.88 -19.40
N PHE A 182 -5.53 -26.08 -19.30
CA PHE A 182 -6.52 -26.04 -20.36
C PHE A 182 -6.32 -24.86 -21.31
N PHE A 183 -5.50 -23.88 -20.91
CA PHE A 183 -5.39 -22.64 -21.67
C PHE A 183 -4.00 -22.33 -22.25
N ASP A 184 -3.08 -23.28 -22.23
CA ASP A 184 -1.70 -23.01 -22.66
C ASP A 184 -1.38 -23.52 -24.07
N CYS A 185 -2.40 -23.97 -24.80
CA CYS A 185 -2.19 -24.55 -26.12
C CYS A 185 -1.63 -23.55 -27.15
N ARG A 186 -2.05 -22.29 -27.06
CA ARG A 186 -1.59 -21.30 -28.03
C ARG A 186 -0.09 -21.02 -27.89
N ILE A 187 0.38 -20.71 -26.69
CA ILE A 187 1.78 -20.39 -26.48
C ILE A 187 2.68 -21.61 -26.75
N LEU A 188 2.22 -22.80 -26.33
CA LEU A 188 2.93 -24.04 -26.59
C LEU A 188 3.07 -24.33 -28.08
N SER A 189 2.00 -24.10 -28.84
CA SER A 189 2.02 -24.32 -30.28
C SER A 189 2.96 -23.32 -30.96
N LEU A 190 2.97 -22.09 -30.46
CA LEU A 190 3.87 -21.06 -30.99
C LEU A 190 5.33 -21.50 -30.79
N SER A 191 5.62 -22.01 -29.61
CA SER A 191 6.96 -22.50 -29.30
C SER A 191 7.33 -23.67 -30.20
N LEU A 192 6.40 -24.60 -30.40
CA LEU A 192 6.65 -25.74 -31.28
C LEU A 192 6.92 -25.29 -32.71
N ALA A 193 6.18 -24.28 -33.18
CA ALA A 193 6.41 -23.74 -34.52
C ALA A 193 7.83 -23.21 -34.69
N LEU A 194 8.32 -22.50 -33.68
CA LEU A 194 9.67 -21.96 -33.66
C LEU A 194 10.70 -23.09 -33.69
N LYS A 195 10.44 -24.15 -32.94
CA LYS A 195 11.35 -25.29 -32.91
C LYS A 195 11.35 -26.02 -34.24
N MET A 196 10.20 -26.04 -34.91
CA MET A 196 10.12 -26.62 -36.25
C MET A 196 11.05 -25.88 -37.20
N HIS A 197 11.02 -24.55 -37.13
CA HIS A 197 11.90 -23.72 -37.94
C HIS A 197 13.35 -23.98 -37.54
N ASP A 198 13.57 -24.22 -36.26
CA ASP A 198 14.89 -24.54 -35.73
C ASP A 198 15.43 -25.85 -36.30
N LYS A 199 14.53 -26.83 -36.49
CA LYS A 199 14.86 -28.12 -37.08
C LYS A 199 14.30 -28.22 -38.48
N ASP A 200 14.43 -27.14 -39.24
CA ASP A 200 13.87 -27.02 -40.58
C ASP A 200 14.21 -28.21 -41.47
N ASP A 201 15.48 -28.61 -41.46
CA ASP A 201 15.93 -29.65 -42.37
C ASP A 201 15.41 -31.02 -41.94
N ALA A 202 15.27 -31.24 -40.63
CA ALA A 202 14.70 -32.51 -40.16
C ALA A 202 13.23 -32.64 -40.54
N PHE A 203 12.47 -31.55 -40.48
CA PHE A 203 11.08 -31.62 -40.85
C PHE A 203 10.91 -31.72 -42.37
N ALA A 204 11.80 -31.05 -43.10
CA ALA A 204 11.79 -31.12 -44.55
C ALA A 204 12.05 -32.54 -45.06
N ALA A 205 12.99 -33.23 -44.40
CA ALA A 205 13.32 -34.61 -44.75
C ALA A 205 12.09 -35.50 -44.55
N PHE A 206 11.34 -35.23 -43.49
CA PHE A 206 10.12 -35.97 -43.20
C PHE A 206 9.06 -35.68 -44.26
N HIS A 207 8.99 -34.43 -44.72
CA HIS A 207 8.09 -34.04 -45.80
C HIS A 207 8.35 -34.86 -47.08
N GLU A 208 9.62 -35.02 -47.44
CA GLU A 208 10.00 -35.80 -48.63
C GLU A 208 9.57 -37.26 -48.51
N THR A 209 9.80 -37.85 -47.35
CA THR A 209 9.40 -39.22 -47.08
C THR A 209 7.89 -39.39 -47.18
N LEU A 210 7.15 -38.44 -46.63
CA LEU A 210 5.70 -38.48 -46.73
C LEU A 210 5.28 -38.43 -48.19
N ARG A 211 5.93 -37.56 -48.97
CA ARG A 211 5.53 -37.36 -50.36
C ARG A 211 5.94 -38.53 -51.24
N ASN A 212 6.97 -39.26 -50.82
CA ASN A 212 7.45 -40.40 -51.58
C ASN A 212 6.94 -41.72 -51.01
N GLY A 213 6.17 -41.62 -49.94
CA GLY A 213 5.62 -42.80 -49.28
C GLY A 213 6.68 -43.73 -48.76
N GLY A 214 7.78 -43.16 -48.28
CA GLY A 214 8.87 -43.93 -47.74
C GLY A 214 8.62 -44.39 -46.31
N ASP A 215 9.64 -45.01 -45.72
CA ASP A 215 9.57 -45.52 -44.35
C ASP A 215 9.76 -44.36 -43.36
N PRO A 216 8.73 -44.05 -42.58
CA PRO A 216 8.78 -42.96 -41.61
C PRO A 216 9.71 -43.24 -40.42
N SER A 217 10.18 -44.49 -40.30
CA SER A 217 11.06 -44.84 -39.19
C SER A 217 12.44 -44.22 -39.29
N HIS A 218 12.71 -43.55 -40.41
CA HIS A 218 13.98 -42.83 -40.57
C HIS A 218 13.93 -41.52 -39.76
N HIS A 219 12.72 -41.11 -39.37
CA HIS A 219 12.50 -39.82 -38.73
C HIS A 219 11.87 -39.93 -37.35
N VAL A 220 11.01 -40.92 -37.18
CA VAL A 220 10.30 -41.14 -35.93
C VAL A 220 10.38 -42.59 -35.47
N SER A 221 10.08 -42.83 -34.20
CA SER A 221 10.25 -44.15 -33.61
C SER A 221 9.04 -45.07 -33.78
N ARG A 222 7.84 -44.51 -33.75
CA ARG A 222 6.66 -45.34 -33.94
C ARG A 222 5.61 -44.58 -34.74
N ALA A 223 5.17 -45.22 -35.83
CA ALA A 223 4.23 -44.61 -36.75
C ALA A 223 3.34 -45.65 -37.41
N GLN A 224 2.15 -45.20 -37.84
CA GLN A 224 1.22 -46.07 -38.54
C GLN A 224 0.33 -45.27 -39.46
N GLN A 225 -0.08 -45.87 -40.56
CA GLN A 225 -0.98 -45.20 -41.48
C GLN A 225 -2.39 -45.50 -41.07
N THR A 226 -3.23 -44.46 -41.14
CA THR A 226 -4.60 -44.56 -40.66
C THR A 226 -5.46 -45.49 -41.53
N GLU A 227 -5.14 -45.57 -42.82
CA GLU A 227 -5.76 -46.49 -43.80
C GLU A 227 -7.18 -46.13 -44.27
N GLU A 228 -7.64 -44.93 -43.95
CA GLU A 228 -8.82 -44.35 -44.61
C GLU A 228 -8.44 -43.14 -45.46
N LEU A 229 -7.51 -42.33 -44.96
CA LEU A 229 -6.94 -41.24 -45.74
C LEU A 229 -5.46 -41.47 -46.00
N GLY A 230 -4.90 -42.48 -45.36
CA GLY A 230 -3.50 -42.79 -45.55
C GLY A 230 -2.59 -41.84 -44.79
N ALA A 231 -3.16 -41.12 -43.83
CA ALA A 231 -2.40 -40.20 -43.00
C ALA A 231 -1.50 -40.98 -42.06
N THR A 232 -0.34 -40.40 -41.75
CA THR A 232 0.61 -41.03 -40.86
C THR A 232 0.40 -40.56 -39.42
N LEU A 233 -0.03 -41.49 -38.56
CA LEU A 233 -0.16 -41.20 -37.14
C LEU A 233 1.11 -41.61 -36.40
N VAL A 234 1.74 -40.64 -35.75
CA VAL A 234 2.98 -40.85 -35.03
C VAL A 234 2.76 -40.84 -33.52
N LEU A 235 2.74 -42.02 -32.91
CA LEU A 235 2.51 -42.12 -31.47
C LEU A 235 3.80 -42.05 -30.66
N ASP A 236 4.94 -41.96 -31.36
CA ASP A 236 6.24 -41.70 -30.73
C ASP A 236 7.14 -40.94 -31.70
N GLY A 237 7.28 -39.63 -31.47
CA GLY A 237 7.94 -38.75 -32.41
C GLY A 237 9.45 -38.61 -32.36
N ALA A 238 10.07 -39.12 -31.31
CA ALA A 238 11.52 -39.07 -31.20
C ALA A 238 12.13 -39.86 -32.35
N PRO A 239 13.28 -39.39 -32.88
CA PRO A 239 14.01 -38.20 -32.43
C PRO A 239 13.57 -36.90 -33.11
N LEU A 240 12.56 -36.95 -33.98
CA LEU A 240 12.05 -35.73 -34.60
C LEU A 240 11.56 -34.79 -33.51
N VAL A 241 10.82 -35.33 -32.56
CA VAL A 241 10.46 -34.63 -31.34
C VAL A 241 11.54 -34.87 -30.29
N ASP A 242 12.47 -33.92 -30.18
CA ASP A 242 13.62 -34.05 -29.31
C ASP A 242 13.44 -33.32 -27.98
N ALA A 243 14.52 -33.25 -27.22
CA ALA A 243 14.51 -32.64 -25.89
C ALA A 243 14.05 -31.18 -25.94
N ARG A 244 14.47 -30.46 -26.98
CA ARG A 244 14.14 -29.05 -27.09
C ARG A 244 12.64 -28.80 -27.27
N MET A 245 11.92 -29.77 -27.80
CA MET A 245 10.48 -29.65 -27.97
C MET A 245 9.71 -30.04 -26.71
N MET A 246 10.41 -30.63 -25.74
CA MET A 246 9.77 -31.05 -24.48
C MET A 246 10.08 -30.09 -23.33
N LYS A 247 10.76 -28.99 -23.64
CA LYS A 247 11.22 -28.02 -22.64
C LYS A 247 10.09 -27.46 -21.77
N HIS A 248 8.95 -27.24 -22.37
CA HIS A 248 7.83 -26.56 -21.70
C HIS A 248 6.80 -27.55 -21.17
N GLY A 249 7.23 -28.80 -20.96
CA GLY A 249 6.39 -29.81 -20.36
C GLY A 249 5.89 -29.34 -19.00
N GLN A 250 4.59 -29.36 -18.79
CA GLN A 250 4.05 -28.76 -17.56
C GLN A 250 4.09 -29.72 -16.37
N ALA A 251 3.90 -31.01 -16.61
CA ALA A 251 4.00 -32.01 -15.55
C ALA A 251 5.40 -32.61 -15.51
N ALA A 252 6.01 -32.62 -14.32
CA ALA A 252 7.34 -33.19 -14.12
C ALA A 252 7.41 -34.64 -14.60
N SER A 253 6.33 -35.37 -14.41
CA SER A 253 6.26 -36.77 -14.81
C SER A 253 6.29 -36.93 -16.33
N SER A 254 5.75 -35.95 -17.05
CA SER A 254 5.77 -36.00 -18.51
C SER A 254 7.20 -35.88 -19.05
N VAL A 255 7.97 -34.95 -18.48
CA VAL A 255 9.36 -34.78 -18.85
C VAL A 255 10.18 -36.00 -18.42
N SER A 256 9.97 -36.42 -17.18
CA SER A 256 10.67 -37.58 -16.64
C SER A 256 10.40 -38.85 -17.46
N ARG A 257 9.12 -39.08 -17.79
CA ARG A 257 8.73 -40.26 -18.56
C ARG A 257 9.33 -40.23 -19.96
N TYR A 258 9.38 -39.04 -20.56
CA TYR A 258 9.99 -38.87 -21.87
C TYR A 258 11.46 -39.26 -21.85
N LEU A 259 12.21 -38.73 -20.87
CA LEU A 259 13.63 -39.05 -20.73
C LEU A 259 13.85 -40.52 -20.41
N GLY A 260 12.94 -41.11 -19.64
CA GLY A 260 13.00 -42.52 -19.31
C GLY A 260 12.82 -43.36 -20.54
N ASN A 261 12.02 -42.86 -21.49
CA ASN A 261 11.79 -43.55 -22.76
C ASN A 261 12.86 -43.24 -23.82
N HIS A 262 13.52 -42.10 -23.70
CA HIS A 262 14.58 -41.76 -24.64
C HIS A 262 15.77 -41.20 -23.90
N PRO A 263 16.53 -42.09 -23.22
CA PRO A 263 17.63 -41.74 -22.31
C PRO A 263 18.69 -40.88 -22.98
N GLU A 264 18.90 -41.08 -24.27
CA GLU A 264 19.91 -40.32 -25.01
C GLU A 264 19.58 -38.82 -25.03
N GLN A 265 18.31 -38.47 -24.81
CA GLN A 265 17.91 -37.06 -24.81
C GLN A 265 18.21 -36.36 -23.50
N SER A 266 18.62 -37.13 -22.49
CA SER A 266 18.78 -36.60 -21.13
C SER A 266 20.08 -35.81 -20.93
N THR A 267 21.02 -35.93 -21.87
CA THR A 267 22.32 -35.27 -21.73
C THR A 267 22.61 -34.17 -22.74
N VAL A 268 21.73 -33.98 -23.71
CA VAL A 268 21.94 -32.95 -24.73
C VAL A 268 21.57 -31.58 -24.14
N PRO A 269 22.34 -30.54 -24.47
CA PRO A 269 22.04 -29.19 -23.97
C PRO A 269 20.78 -28.64 -24.62
N VAL A 270 19.87 -28.03 -23.85
CA VAL A 270 18.64 -27.52 -24.41
C VAL A 270 18.64 -26.00 -24.55
N ASN A 271 19.72 -25.35 -24.11
CA ASN A 271 19.91 -23.92 -24.30
C ASN A 271 21.40 -23.54 -24.22
N LYS A 272 21.69 -22.26 -24.46
CA LYS A 272 23.08 -21.80 -24.52
C LYS A 272 23.76 -21.80 -23.15
N ARG A 273 22.98 -21.88 -22.08
CA ARG A 273 23.57 -22.01 -20.74
C ARG A 273 23.95 -23.47 -20.41
N ASN A 274 23.77 -24.37 -21.39
CA ASN A 274 24.16 -25.78 -21.31
C ASN A 274 23.38 -26.62 -20.29
N GLU A 275 22.14 -26.24 -20.05
CA GLU A 275 21.26 -27.04 -19.21
C GLU A 275 20.75 -28.26 -19.98
N THR A 276 20.60 -29.37 -19.28
CA THR A 276 19.87 -30.50 -19.82
C THR A 276 18.38 -30.28 -19.58
N LEU A 277 17.56 -31.11 -20.21
CA LEU A 277 16.11 -31.00 -20.08
C LEU A 277 15.69 -31.13 -18.62
N GLY A 278 16.27 -32.10 -17.91
CA GLY A 278 15.98 -32.33 -16.51
C GLY A 278 16.43 -31.18 -15.63
N GLU A 279 17.62 -30.66 -15.87
CA GLU A 279 18.15 -29.55 -15.09
C GLU A 279 17.22 -28.33 -15.25
N ARG A 280 16.86 -28.02 -16.48
CA ARG A 280 16.03 -26.86 -16.76
C ARG A 280 14.61 -27.01 -16.18
N THR A 281 14.04 -28.20 -16.33
CA THR A 281 12.68 -28.43 -15.83
C THR A 281 12.63 -28.33 -14.31
N THR A 282 13.61 -28.94 -13.63
CA THR A 282 13.71 -28.88 -12.18
C THR A 282 13.82 -27.43 -11.70
N ARG A 283 14.54 -26.60 -12.44
CA ARG A 283 14.66 -25.18 -12.11
C ARG A 283 13.32 -24.45 -12.18
N HIS A 284 12.38 -24.96 -12.99
CA HIS A 284 11.10 -24.29 -13.21
C HIS A 284 9.94 -24.83 -12.37
N LEU A 285 10.23 -25.79 -11.51
CA LEU A 285 9.20 -26.41 -10.68
C LEU A 285 8.68 -25.49 -9.57
N VAL A 286 7.36 -25.39 -9.48
CA VAL A 286 6.72 -24.63 -8.43
C VAL A 286 5.63 -25.46 -7.79
N LYS A 287 5.23 -25.07 -6.60
CA LYS A 287 4.13 -25.66 -5.87
C LYS A 287 3.08 -24.60 -5.56
N ARG A 288 1.90 -24.72 -6.18
CA ARG A 288 0.86 -23.73 -5.95
C ARG A 288 -0.55 -24.31 -5.99
N LYS A 289 -1.50 -23.54 -5.43
CA LYS A 289 -2.91 -23.87 -5.45
C LYS A 289 -3.50 -23.49 -6.81
N VAL A 290 -4.22 -24.45 -7.41
CA VAL A 290 -4.96 -24.27 -8.66
C VAL A 290 -6.42 -24.75 -8.54
N ARG A 291 -7.21 -24.66 -9.60
CA ARG A 291 -8.58 -25.09 -9.41
C ARG A 291 -8.99 -26.46 -10.00
N ASN A 292 -9.84 -27.20 -9.29
CA ASN A 292 -10.09 -28.60 -9.70
C ASN A 292 -10.88 -28.77 -10.99
N GLU A 304 -12.61 -27.63 -4.10
CA GLU A 304 -12.55 -26.44 -4.94
C GLU A 304 -11.14 -26.19 -5.44
N THR A 305 -10.17 -26.17 -4.52
CA THR A 305 -8.77 -25.92 -4.90
C THR A 305 -7.86 -27.14 -4.70
N LYS A 306 -6.75 -27.14 -5.41
CA LYS A 306 -5.83 -28.27 -5.33
C LYS A 306 -4.38 -27.73 -5.27
N GLU A 307 -3.53 -28.26 -4.38
CA GLU A 307 -2.13 -27.83 -4.40
C GLU A 307 -1.29 -28.86 -5.16
N ILE A 308 -0.61 -28.43 -6.20
CA ILE A 308 0.17 -29.34 -7.04
C ILE A 308 1.57 -28.82 -7.35
N THR A 309 2.43 -29.73 -7.79
CA THR A 309 3.77 -29.36 -8.25
C THR A 309 3.86 -29.50 -9.77
N PHE A 310 4.32 -28.45 -10.44
CA PHE A 310 4.45 -28.46 -11.88
C PHE A 310 5.50 -27.44 -12.36
N SER A 311 5.78 -27.47 -13.65
CA SER A 311 6.71 -26.51 -14.22
C SER A 311 6.02 -25.26 -14.74
N ASN A 312 6.46 -24.09 -14.29
CA ASN A 312 5.87 -22.84 -14.76
C ASN A 312 6.59 -22.30 -15.99
N SER A 313 7.26 -23.19 -16.72
CA SER A 313 8.05 -22.82 -17.90
C SER A 313 7.22 -22.09 -18.97
N VAL A 314 5.99 -22.54 -19.19
CA VAL A 314 5.12 -21.95 -20.22
C VAL A 314 4.76 -20.52 -19.86
N GLU A 315 4.45 -20.26 -18.60
CA GLU A 315 4.01 -18.93 -18.21
C GLU A 315 5.20 -17.95 -18.31
N GLN A 316 6.41 -18.46 -18.12
CA GLN A 316 7.62 -17.65 -18.32
C GLN A 316 7.84 -17.37 -19.80
N LYS A 317 7.55 -18.37 -20.64
CA LYS A 317 7.68 -18.24 -22.09
C LYS A 317 6.77 -17.17 -22.65
N ARG A 318 5.51 -17.18 -22.20
CA ARG A 318 4.55 -16.16 -22.59
C ARG A 318 5.09 -14.77 -22.26
N ILE A 319 5.63 -14.65 -21.06
CA ILE A 319 6.22 -13.39 -20.62
C ILE A 319 7.44 -13.02 -21.49
N ALA A 320 8.29 -13.99 -21.79
CA ALA A 320 9.44 -13.73 -22.65
C ALA A 320 9.01 -13.29 -24.07
N LEU A 321 7.97 -13.93 -24.59
CA LEU A 321 7.46 -13.60 -25.92
C LEU A 321 6.89 -12.18 -25.95
N LEU A 322 6.18 -11.80 -24.90
CA LEU A 322 5.65 -10.45 -24.79
C LEU A 322 6.78 -9.43 -24.72
N ASN A 323 7.83 -9.77 -23.99
CA ASN A 323 9.00 -8.91 -23.89
C ASN A 323 9.62 -8.66 -25.26
N ARG A 324 9.78 -9.73 -26.04
CA ARG A 324 10.26 -9.65 -27.42
C ARG A 324 9.38 -8.75 -28.28
N ALA A 325 8.08 -9.01 -28.22
CA ALA A 325 7.11 -8.31 -29.05
C ALA A 325 7.12 -6.81 -28.75
N ALA A 326 7.16 -6.46 -27.47
CA ALA A 326 7.20 -5.07 -27.04
C ALA A 326 8.46 -4.35 -27.53
N SER A 327 9.62 -5.00 -27.43
CA SER A 327 10.86 -4.41 -27.90
C SER A 327 10.80 -4.17 -29.40
N TYR A 328 10.25 -5.16 -30.11
CA TYR A 328 10.12 -5.08 -31.55
C TYR A 328 9.24 -3.89 -31.95
N VAL A 329 8.12 -3.72 -31.27
CA VAL A 329 7.21 -2.61 -31.60
C VAL A 329 7.84 -1.26 -31.34
N ASN A 330 8.66 -1.17 -30.29
CA ASN A 330 9.30 0.10 -29.92
C ASN A 330 10.08 0.72 -31.07
N SER A 331 10.69 -0.12 -31.90
CA SER A 331 11.53 0.36 -32.99
C SER A 331 11.09 -0.16 -34.35
N ALA A 332 9.89 -0.74 -34.43
CA ALA A 332 9.35 -1.22 -35.70
C ALA A 332 9.03 -0.05 -36.62
N PRO A 333 9.21 -0.24 -37.94
CA PRO A 333 8.84 0.78 -38.93
C PRO A 333 7.34 1.06 -38.93
N PRO A 334 6.94 2.27 -39.35
CA PRO A 334 5.52 2.69 -39.37
C PRO A 334 4.52 1.70 -40.00
N PRO A 335 4.85 1.05 -41.13
CA PRO A 335 3.85 0.11 -41.67
C PRO A 335 3.55 -1.06 -40.74
N VAL A 336 4.57 -1.50 -40.02
CA VAL A 336 4.43 -2.59 -39.06
C VAL A 336 3.59 -2.16 -37.86
N VAL A 337 3.87 -0.96 -37.34
CA VAL A 337 3.06 -0.40 -36.26
C VAL A 337 1.58 -0.33 -36.68
N MET A 338 1.33 0.13 -37.90
CA MET A 338 -0.03 0.21 -38.43
C MET A 338 -0.66 -1.18 -38.44
N ARG A 339 0.10 -2.15 -38.91
CA ARG A 339 -0.38 -3.51 -39.08
C ARG A 339 -0.68 -4.16 -37.74
N MET A 340 0.16 -3.93 -36.74
CA MET A 340 -0.05 -4.51 -35.43
C MET A 340 -1.17 -3.80 -34.65
N ALA A 341 -1.33 -2.51 -34.87
CA ALA A 341 -2.43 -1.77 -34.25
C ALA A 341 -3.77 -2.27 -34.76
N LYS A 342 -3.85 -2.49 -36.07
CA LYS A 342 -5.07 -2.99 -36.69
C LYS A 342 -5.43 -4.40 -36.21
N LEU A 343 -4.42 -5.26 -36.09
CA LEU A 343 -4.63 -6.62 -35.62
C LEU A 343 -5.19 -6.61 -34.20
N LEU A 344 -4.67 -5.71 -33.38
CA LEU A 344 -5.13 -5.54 -32.01
C LEU A 344 -6.60 -5.10 -31.99
N GLN A 345 -6.93 -4.13 -32.84
CA GLN A 345 -8.29 -3.63 -32.92
C GLN A 345 -9.25 -4.68 -33.46
N ASP A 346 -8.79 -5.46 -34.43
CA ASP A 346 -9.66 -6.43 -35.09
C ASP A 346 -10.02 -7.62 -34.20
N SER A 347 -9.35 -7.72 -33.06
CA SER A 347 -9.66 -8.77 -32.10
C SER A 347 -11.05 -8.57 -31.47
N LEU A 348 -11.64 -7.41 -31.70
CA LEU A 348 -12.95 -7.09 -31.11
C LEU A 348 -14.10 -7.12 -32.14
N LEU A 349 -13.81 -7.64 -33.32
CA LEU A 349 -14.77 -7.70 -34.43
C LEU A 349 -15.69 -8.92 -34.35
N ASP A 350 -15.24 -9.93 -33.60
CA ASP A 350 -16.01 -11.15 -33.39
C ASP A 350 -16.41 -11.36 -31.94
N PRO B 8 12.80 10.31 30.54
CA PRO B 8 13.38 9.77 29.31
C PRO B 8 14.55 8.81 29.55
N ALA B 9 14.88 8.57 30.81
CA ALA B 9 15.94 7.63 31.15
C ALA B 9 15.59 6.24 30.63
N GLY B 10 14.29 5.97 30.55
CA GLY B 10 13.76 4.71 30.07
C GLY B 10 14.17 4.33 28.66
N ARG B 11 14.27 5.34 27.80
CA ARG B 11 14.61 5.12 26.40
C ARG B 11 16.10 5.27 26.13
N GLN B 12 16.86 5.64 27.18
CA GLN B 12 18.30 5.87 27.05
C GLN B 12 19.11 4.56 27.06
N ALA B 13 18.55 3.54 27.71
CA ALA B 13 19.21 2.23 27.84
C ALA B 13 20.58 2.31 28.52
N GLY B 14 20.76 3.31 29.38
CA GLY B 14 22.00 3.43 30.13
C GLY B 14 23.13 4.12 29.42
N GLN B 15 22.87 4.62 28.22
CA GLN B 15 23.89 5.34 27.47
C GLN B 15 23.56 6.82 27.36
N GLN B 16 23.03 7.39 28.45
CA GLN B 16 22.66 8.80 28.47
C GLN B 16 23.83 9.73 28.13
N ALA B 17 25.03 9.31 28.51
CA ALA B 17 26.24 10.09 28.27
C ALA B 17 26.62 10.13 26.79
N THR B 18 26.63 8.95 26.16
CA THR B 18 26.97 8.84 24.74
C THR B 18 25.90 9.48 23.88
N VAL B 19 24.63 9.20 24.20
CA VAL B 19 23.51 9.79 23.48
C VAL B 19 23.57 11.31 23.54
N ASP B 20 23.72 11.83 24.74
CA ASP B 20 23.79 13.27 24.96
C ASP B 20 24.96 13.94 24.26
N ARG B 21 26.09 13.25 24.22
CA ARG B 21 27.27 13.85 23.60
C ARG B 21 27.14 13.79 22.08
N LEU B 22 26.54 12.72 21.57
CA LEU B 22 26.33 12.60 20.12
C LEU B 22 25.22 13.53 19.64
N ARG B 23 24.21 13.76 20.47
CA ARG B 23 23.15 14.69 20.13
C ARG B 23 23.72 16.10 19.96
N THR B 24 24.53 16.52 20.93
CA THR B 24 25.20 17.82 20.88
C THR B 24 26.07 17.96 19.63
N GLN B 25 26.80 16.90 19.33
CA GLN B 25 27.69 16.89 18.18
C GLN B 25 26.91 17.06 16.87
N VAL B 26 25.77 16.39 16.74
CA VAL B 26 24.98 16.51 15.53
C VAL B 26 24.28 17.88 15.43
N THR B 27 23.62 18.30 16.50
CA THR B 27 22.95 19.61 16.49
C THR B 27 23.97 20.73 16.31
N GLY B 28 25.15 20.56 16.91
CA GLY B 28 26.21 21.54 16.82
C GLY B 28 26.67 21.76 15.39
N PHE B 29 26.74 20.68 14.62
CA PHE B 29 27.13 20.75 13.22
C PHE B 29 26.03 21.33 12.35
N LEU B 30 24.81 20.83 12.51
CA LEU B 30 23.67 21.34 11.77
C LEU B 30 23.43 22.82 12.06
N SER B 31 23.38 23.17 13.35
CA SER B 31 23.11 24.55 13.75
C SER B 31 24.28 25.47 13.42
N GLY B 32 25.48 24.90 13.41
CA GLY B 32 26.67 25.63 13.02
C GLY B 32 26.58 26.03 11.56
N ALA B 33 26.23 25.08 10.70
CA ALA B 33 26.03 25.36 9.29
C ALA B 33 24.92 26.37 9.12
N LEU B 34 23.84 26.17 9.86
CA LEU B 34 22.67 27.04 9.79
C LEU B 34 23.03 28.49 10.08
N GLY B 35 23.79 28.71 11.16
CA GLY B 35 24.20 30.03 11.57
C GLY B 35 25.06 30.77 10.56
N LYS B 36 26.05 30.08 10.00
CA LYS B 36 26.91 30.69 9.00
C LYS B 36 26.12 31.03 7.74
N LEU B 37 25.30 30.10 7.30
CA LEU B 37 24.50 30.29 6.09
C LEU B 37 23.47 31.41 6.25
N GLN B 38 22.89 31.50 7.45
CA GLN B 38 21.91 32.54 7.75
C GLN B 38 22.57 33.91 7.80
N ALA B 39 23.79 33.95 8.33
CA ALA B 39 24.57 35.18 8.40
C ALA B 39 24.95 35.67 7.00
N LEU B 40 25.37 34.74 6.15
CA LEU B 40 25.73 35.08 4.78
C LEU B 40 24.52 35.58 4.00
N SER B 41 23.40 34.89 4.17
CA SER B 41 22.19 35.23 3.42
C SER B 41 21.63 36.56 3.90
N ALA B 42 21.63 36.80 5.21
CA ALA B 42 21.13 38.06 5.76
C ALA B 42 21.96 39.25 5.28
N GLN B 43 23.24 39.02 5.05
CA GLN B 43 24.12 40.08 4.59
C GLN B 43 24.28 40.08 3.07
N ASN B 44 23.45 39.29 2.41
CA ASN B 44 23.42 39.21 0.95
C ASN B 44 24.79 38.90 0.35
N MET B 45 25.46 37.90 0.90
CA MET B 45 26.82 37.53 0.47
C MET B 45 26.83 36.15 -0.17
N ASP B 46 27.45 36.06 -1.34
CA ASP B 46 27.62 34.76 -1.98
C ASP B 46 28.55 33.88 -1.15
N PRO B 47 28.09 32.68 -0.78
CA PRO B 47 28.85 31.74 0.05
C PRO B 47 30.17 31.31 -0.59
N GLU B 48 30.19 31.13 -1.90
CA GLU B 48 31.38 30.64 -2.58
C GLU B 48 32.47 31.71 -2.56
N LEU B 49 32.07 32.97 -2.70
CA LEU B 49 33.02 34.07 -2.61
C LEU B 49 33.42 34.31 -1.15
N ALA B 50 32.55 33.91 -0.22
CA ALA B 50 32.85 34.05 1.21
C ALA B 50 33.65 32.86 1.71
N GLN B 51 34.15 32.05 0.78
CA GLN B 51 35.02 30.91 1.06
C GLN B 51 34.28 29.80 1.82
N PHE B 52 32.95 29.79 1.73
CA PHE B 52 32.14 28.75 2.34
C PHE B 52 31.99 27.57 1.37
N ARG B 53 32.26 26.36 1.86
CA ARG B 53 32.24 25.19 0.99
C ARG B 53 30.88 24.49 1.04
N VAL B 54 29.95 25.01 0.24
CA VAL B 54 28.58 24.50 0.23
C VAL B 54 28.52 23.05 -0.24
N LEU B 55 29.36 22.69 -1.20
CA LEU B 55 29.37 21.32 -1.71
C LEU B 55 29.65 20.33 -0.60
N ASP B 56 30.60 20.66 0.27
CA ASP B 56 30.98 19.78 1.38
C ASP B 56 29.90 19.73 2.45
N VAL B 57 29.31 20.88 2.74
CA VAL B 57 28.25 20.93 3.74
C VAL B 57 26.99 20.26 3.23
N ASP B 58 26.62 20.54 1.97
CA ASP B 58 25.43 19.93 1.38
C ASP B 58 25.53 18.40 1.38
N ARG B 59 26.69 17.86 1.01
CA ARG B 59 26.87 16.41 1.00
C ARG B 59 26.80 15.81 2.41
N ALA B 60 27.41 16.49 3.36
CA ALA B 60 27.45 16.01 4.74
C ALA B 60 26.07 16.10 5.42
N ILE B 61 25.31 17.17 5.18
CA ILE B 61 24.01 17.32 5.85
C ILE B 61 22.87 16.53 5.22
N MET B 62 23.00 16.24 3.93
CA MET B 62 21.92 15.66 3.15
C MET B 62 21.34 14.33 3.72
N PRO B 63 22.21 13.39 4.16
CA PRO B 63 21.60 12.19 4.76
C PRO B 63 20.82 12.50 6.03
N LEU B 64 21.23 13.53 6.75
CA LEU B 64 20.55 13.91 7.98
C LEU B 64 19.20 14.58 7.68
N LEU B 65 19.17 15.39 6.62
CA LEU B 65 17.94 16.04 6.18
C LEU B 65 16.93 15.01 5.72
N ILE B 66 17.41 13.98 5.03
CA ILE B 66 16.51 12.94 4.54
C ILE B 66 15.85 12.18 5.70
N VAL B 67 16.65 11.86 6.72
CA VAL B 67 16.11 11.20 7.91
C VAL B 67 15.03 12.07 8.57
N ALA B 68 15.29 13.35 8.74
CA ALA B 68 14.35 14.26 9.39
C ALA B 68 13.06 14.42 8.59
N GLU B 69 13.19 14.51 7.27
CA GLU B 69 12.02 14.68 6.40
C GLU B 69 11.15 13.43 6.34
N ASN B 70 11.79 12.26 6.33
CA ASN B 70 11.05 10.98 6.36
C ASN B 70 10.26 10.85 7.66
N ALA B 71 10.83 11.35 8.75
CA ALA B 71 10.18 11.30 10.05
C ALA B 71 9.08 12.36 10.15
N ARG B 72 9.28 13.50 9.50
CA ARG B 72 8.31 14.57 9.54
C ARG B 72 7.12 14.29 8.61
N ASN B 73 7.36 13.55 7.54
CA ASN B 73 6.28 13.17 6.63
C ASN B 73 6.24 11.66 6.38
N PRO B 74 5.56 10.91 7.26
CA PRO B 74 5.42 9.48 7.04
C PRO B 74 4.78 9.17 5.68
N GLY B 75 5.44 8.32 4.90
CA GLY B 75 5.00 8.00 3.56
C GLY B 75 5.90 8.58 2.49
N LEU B 76 6.69 9.59 2.86
CA LEU B 76 7.66 10.18 1.94
C LEU B 76 8.59 9.10 1.39
N ASN B 77 9.10 8.25 2.28
CA ASN B 77 9.95 7.12 1.92
C ASN B 77 11.08 7.52 1.01
N LEU B 78 11.80 8.56 1.40
CA LEU B 78 12.89 9.11 0.62
C LEU B 78 14.18 8.34 0.86
N VAL B 79 14.79 7.89 -0.22
CA VAL B 79 16.03 7.11 -0.17
C VAL B 79 17.08 7.75 -1.06
N PRO B 80 18.30 7.93 -0.53
CA PRO B 80 19.38 8.41 -1.39
C PRO B 80 19.89 7.29 -2.28
N LEU B 81 19.93 7.53 -3.58
CA LEU B 81 20.41 6.53 -4.55
C LEU B 81 21.49 7.14 -5.44
N HIS B 82 22.29 6.29 -6.05
CA HIS B 82 23.27 6.77 -7.00
C HIS B 82 23.40 5.84 -8.21
N MET B 83 23.76 6.43 -9.34
CA MET B 83 23.93 5.68 -10.58
C MET B 83 25.30 5.01 -10.59
N ASP B 84 25.52 4.10 -11.54
CA ASP B 84 26.76 3.33 -11.58
C ASP B 84 27.99 4.21 -11.75
N MET B 85 27.85 5.26 -12.55
CA MET B 85 28.93 6.20 -12.80
C MET B 85 29.36 6.94 -11.53
N ALA B 86 28.48 6.98 -10.53
CA ALA B 86 28.81 7.65 -9.26
C ALA B 86 29.81 6.85 -8.43
N GLU B 87 30.02 5.59 -8.78
CA GLU B 87 30.98 4.77 -8.05
C GLU B 87 32.34 4.83 -8.73
N ASP B 88 32.43 5.65 -9.78
CA ASP B 88 33.70 5.83 -10.47
C ASP B 88 34.52 6.95 -9.84
N GLU B 89 35.48 6.58 -9.02
CA GLU B 89 36.31 7.54 -8.28
C GLU B 89 37.17 8.43 -9.19
N GLU B 90 37.28 8.08 -10.47
CA GLU B 90 38.15 8.82 -11.39
C GLU B 90 37.38 9.93 -12.11
N VAL B 91 36.05 9.82 -12.17
CA VAL B 91 35.24 10.79 -12.90
C VAL B 91 34.41 11.71 -11.99
N ARG B 92 33.91 11.17 -10.88
CA ARG B 92 32.99 11.89 -10.02
C ARG B 92 33.62 13.14 -9.37
N THR B 93 32.78 14.13 -9.08
CA THR B 93 33.18 15.33 -8.37
C THR B 93 33.32 15.04 -6.88
N GLN B 94 32.38 14.23 -6.39
CA GLN B 94 32.30 13.82 -5.00
C GLN B 94 31.79 12.39 -4.93
N PRO B 95 32.20 11.65 -3.88
CA PRO B 95 31.59 10.35 -3.63
C PRO B 95 30.13 10.52 -3.16
N PRO B 96 29.26 9.53 -3.41
CA PRO B 96 27.87 9.63 -2.96
C PRO B 96 27.74 9.86 -1.45
N MET B 97 26.64 10.47 -1.03
CA MET B 97 26.42 10.79 0.38
C MET B 97 26.34 9.49 1.19
N ALA B 98 26.60 9.59 2.49
CA ALA B 98 26.59 8.43 3.38
C ALA B 98 25.24 7.72 3.35
N GLY B 99 25.27 6.39 3.21
CA GLY B 99 24.05 5.60 3.21
C GLY B 99 23.42 5.44 1.85
N SER B 100 23.99 6.12 0.85
CA SER B 100 23.47 6.05 -0.51
C SER B 100 23.56 4.62 -1.05
N ARG B 101 22.55 4.20 -1.80
CA ARG B 101 22.52 2.86 -2.37
C ARG B 101 22.57 2.89 -3.89
N HIS B 102 23.32 1.95 -4.46
CA HIS B 102 23.37 1.78 -5.90
C HIS B 102 21.96 1.43 -6.39
N ILE B 103 21.55 2.04 -7.49
CA ILE B 103 20.20 1.82 -8.04
C ILE B 103 19.91 0.35 -8.30
N ALA B 104 20.86 -0.34 -8.93
CA ALA B 104 20.72 -1.77 -9.22
C ALA B 104 20.54 -2.59 -7.94
N GLU B 105 21.29 -2.23 -6.90
CA GLU B 105 21.16 -2.90 -5.62
C GLU B 105 19.79 -2.63 -5.00
N PHE B 106 19.37 -1.37 -5.06
CA PHE B 106 18.06 -0.98 -4.53
C PHE B 106 16.95 -1.74 -5.24
N VAL B 107 16.92 -1.67 -6.57
CA VAL B 107 15.89 -2.33 -7.38
C VAL B 107 15.82 -3.83 -7.09
N ALA B 108 16.98 -4.46 -6.97
CA ALA B 108 17.05 -5.90 -6.72
C ALA B 108 16.45 -6.29 -5.36
N SER B 109 16.82 -5.56 -4.31
CA SER B 109 16.54 -6.02 -2.96
C SER B 109 15.53 -5.18 -2.15
N ALA B 110 15.19 -3.98 -2.59
CA ALA B 110 14.26 -3.15 -1.83
C ALA B 110 12.86 -3.75 -1.78
N ARG B 111 12.19 -3.57 -0.65
CA ARG B 111 10.81 -4.03 -0.48
C ARG B 111 9.88 -3.32 -1.45
N PRO B 112 8.88 -4.04 -1.98
CA PRO B 112 7.90 -3.40 -2.88
C PRO B 112 7.17 -2.25 -2.19
N GLY B 113 6.92 -1.18 -2.92
CA GLY B 113 6.22 -0.03 -2.36
C GLY B 113 6.46 1.26 -3.10
N ARG B 114 6.08 2.37 -2.47
CA ARG B 114 6.19 3.68 -3.09
C ARG B 114 7.35 4.44 -2.47
N TYR B 115 8.28 4.89 -3.30
CA TYR B 115 9.46 5.60 -2.83
C TYR B 115 9.69 6.95 -3.51
N ARG B 116 10.33 7.85 -2.80
CA ARG B 116 10.97 9.01 -3.41
C ARG B 116 12.47 8.81 -3.32
N ALA B 117 13.20 9.49 -4.19
CA ALA B 117 14.64 9.33 -4.21
C ALA B 117 15.35 10.61 -4.61
N VAL B 118 16.56 10.74 -4.07
CA VAL B 118 17.53 11.69 -4.56
C VAL B 118 18.58 10.85 -5.30
N ILE B 119 18.80 11.14 -6.58
CA ILE B 119 19.69 10.31 -7.39
C ILE B 119 20.95 11.04 -7.82
N ASP B 120 22.08 10.57 -7.34
CA ASP B 120 23.38 11.17 -7.63
C ASP B 120 24.05 10.40 -8.76
N ASP B 121 24.60 11.11 -9.75
CA ASP B 121 25.32 10.39 -10.80
C ASP B 121 26.83 10.60 -10.66
N GLY B 122 27.25 11.28 -9.60
CA GLY B 122 28.66 11.57 -9.39
C GLY B 122 29.01 13.05 -9.47
N SER B 123 28.21 13.80 -10.24
CA SER B 123 28.44 15.23 -10.41
C SER B 123 27.15 16.04 -10.29
N HIS B 124 26.01 15.37 -10.43
CA HIS B 124 24.72 16.05 -10.41
C HIS B 124 23.65 15.21 -9.73
N THR B 125 22.68 15.89 -9.11
CA THR B 125 21.63 15.22 -8.37
C THR B 125 20.24 15.53 -8.92
N ARG B 126 19.43 14.47 -9.06
CA ARG B 126 18.06 14.61 -9.54
C ARG B 126 17.06 14.04 -8.54
N ALA B 127 15.79 14.36 -8.75
CA ALA B 127 14.71 13.77 -7.96
C ALA B 127 13.98 12.66 -8.73
N ALA B 128 13.38 11.73 -8.01
CA ALA B 128 12.63 10.64 -8.63
C ALA B 128 11.48 10.18 -7.73
N ASP B 129 10.39 9.77 -8.38
CA ASP B 129 9.25 9.13 -7.72
C ASP B 129 9.17 7.70 -8.21
N ILE B 130 9.31 6.74 -7.30
CA ILE B 130 9.46 5.34 -7.66
C ILE B 130 8.35 4.43 -7.13
N ARG B 131 7.78 3.62 -8.00
CA ARG B 131 6.81 2.63 -7.60
C ARG B 131 7.36 1.24 -7.93
N LYS B 132 7.49 0.40 -6.90
CA LYS B 132 7.97 -0.95 -7.12
C LYS B 132 6.99 -1.96 -6.55
N ASP B 133 6.57 -2.90 -7.39
CA ASP B 133 5.70 -3.99 -6.95
C ASP B 133 5.93 -5.24 -7.77
N ALA B 134 5.02 -6.19 -7.66
CA ALA B 134 5.10 -7.45 -8.40
C ALA B 134 5.14 -7.28 -9.91
N SER B 135 4.33 -6.34 -10.41
CA SER B 135 4.22 -6.10 -11.85
C SER B 135 5.48 -5.48 -12.43
N GLY B 136 6.28 -4.87 -11.56
CA GLY B 136 7.55 -4.29 -11.97
C GLY B 136 7.91 -3.00 -11.28
N THR B 137 8.85 -2.27 -11.86
CA THR B 137 9.33 -1.01 -11.33
C THR B 137 9.04 0.11 -12.32
N SER B 138 8.51 1.22 -11.82
CA SER B 138 8.32 2.42 -12.61
C SER B 138 8.93 3.63 -11.89
N VAL B 139 9.56 4.51 -12.64
CA VAL B 139 10.25 5.66 -12.06
C VAL B 139 9.92 6.94 -12.85
N ILE B 140 9.64 8.00 -12.13
CA ILE B 140 9.44 9.32 -12.76
C ILE B 140 10.53 10.26 -12.27
N VAL B 141 11.45 10.63 -13.15
CA VAL B 141 12.58 11.46 -12.77
C VAL B 141 12.37 12.94 -13.11
N VAL B 142 12.56 13.81 -12.12
CA VAL B 142 12.50 15.24 -12.38
C VAL B 142 13.87 15.87 -12.14
N ASP B 143 14.44 16.45 -13.21
CA ASP B 143 15.76 17.06 -13.15
C ASP B 143 15.62 18.57 -12.97
N PRO B 144 16.10 19.11 -11.84
CA PRO B 144 16.00 20.57 -11.57
C PRO B 144 16.87 21.41 -12.51
N LEU B 145 17.68 20.74 -13.33
CA LEU B 145 18.56 21.41 -14.27
C LEU B 145 18.11 21.18 -15.72
N ARG B 146 18.19 22.23 -16.52
CA ARG B 146 17.82 22.16 -17.93
C ARG B 146 18.73 23.07 -18.74
N LYS B 147 19.95 22.58 -18.99
CA LYS B 147 21.01 23.38 -19.57
C LYS B 147 21.35 23.02 -21.02
N GLU B 148 20.85 21.88 -21.49
CA GLU B 148 21.22 21.37 -22.82
C GLU B 148 20.75 22.26 -23.95
N LYS B 149 21.68 22.66 -24.80
CA LYS B 149 21.35 23.47 -25.98
C LYS B 149 20.45 22.66 -26.90
N ASP B 150 20.98 21.53 -27.40
CA ASP B 150 20.22 20.63 -28.23
C ASP B 150 19.36 19.73 -27.36
N GLU B 151 18.04 19.84 -27.51
CA GLU B 151 17.11 19.07 -26.69
C GLU B 151 17.11 17.58 -27.02
N SER B 152 18.09 17.13 -27.81
CA SER B 152 18.22 15.72 -28.16
C SER B 152 19.08 14.99 -27.12
N ALA B 153 19.81 15.75 -26.32
CA ALA B 153 20.64 15.17 -25.27
C ALA B 153 19.78 14.57 -24.16
N TYR B 154 18.55 15.06 -24.02
CA TYR B 154 17.66 14.56 -22.99
C TYR B 154 17.15 13.18 -23.38
N VAL B 155 17.13 12.90 -24.68
CA VAL B 155 16.78 11.58 -25.17
C VAL B 155 17.75 10.56 -24.56
N ASP B 156 19.04 10.90 -24.51
CA ASP B 156 20.01 10.00 -23.95
C ASP B 156 19.97 9.99 -22.43
N TYR B 157 19.60 11.11 -21.82
CA TYR B 157 19.38 11.12 -20.38
C TYR B 157 18.27 10.15 -19.96
N ALA B 158 17.16 10.20 -20.68
CA ALA B 158 16.03 9.31 -20.40
C ALA B 158 16.40 7.83 -20.53
N ASP B 159 17.15 7.50 -21.58
CA ASP B 159 17.58 6.13 -21.82
C ASP B 159 18.49 5.64 -20.72
N ASN B 160 19.46 6.48 -20.36
CA ASN B 160 20.48 6.13 -19.38
C ASN B 160 19.90 5.87 -18.00
N VAL B 161 18.86 6.62 -17.65
CA VAL B 161 18.14 6.42 -16.40
C VAL B 161 17.37 5.08 -16.36
N ASN B 162 16.64 4.78 -17.44
CA ASN B 162 15.86 3.55 -17.53
C ASN B 162 16.79 2.34 -17.45
N MET B 163 17.98 2.47 -18.03
CA MET B 163 18.96 1.38 -18.01
C MET B 163 19.40 1.05 -16.58
N GLU B 164 19.51 2.07 -15.73
CA GLU B 164 19.94 1.88 -14.35
C GLU B 164 18.90 1.08 -13.56
N PHE B 165 17.63 1.31 -13.90
CA PHE B 165 16.53 0.63 -13.22
C PHE B 165 16.12 -0.70 -13.88
N GLY B 166 16.81 -1.07 -14.95
CA GLY B 166 16.48 -2.29 -15.68
C GLY B 166 15.71 -1.99 -16.95
N GLU B 167 15.91 -2.78 -18.01
CA GLU B 167 15.29 -2.46 -19.28
C GLU B 167 13.77 -2.69 -19.30
N HIS B 168 13.28 -3.48 -18.36
CA HIS B 168 11.83 -3.72 -18.28
C HIS B 168 11.14 -2.76 -17.32
N ALA B 169 11.90 -1.83 -16.77
CA ALA B 169 11.34 -0.83 -15.88
C ALA B 169 10.75 0.35 -16.64
N LYS B 170 9.63 0.88 -16.16
CA LYS B 170 9.01 2.06 -16.76
C LYS B 170 9.67 3.34 -16.27
N CYS B 171 9.94 4.25 -17.20
CA CYS B 171 10.66 5.45 -16.84
C CYS B 171 10.17 6.67 -17.61
N ALA B 172 10.02 7.76 -16.86
CA ALA B 172 9.72 9.06 -17.41
C ALA B 172 10.80 10.03 -16.96
N PHE B 173 11.29 10.86 -17.88
CA PHE B 173 12.32 11.83 -17.56
C PHE B 173 11.83 13.25 -17.86
N ILE B 174 11.82 14.07 -16.81
CA ILE B 174 11.27 15.43 -16.91
C ILE B 174 12.32 16.48 -16.56
N PRO B 175 13.01 17.03 -17.56
CA PRO B 175 13.96 18.12 -17.32
C PRO B 175 13.24 19.45 -17.07
N VAL B 176 13.56 20.10 -15.95
CA VAL B 176 12.92 21.36 -15.57
C VAL B 176 13.93 22.47 -15.32
N ASP B 177 13.63 23.67 -15.82
CA ASP B 177 14.54 24.81 -15.71
C ASP B 177 14.42 25.53 -14.36
N ILE B 178 15.02 24.95 -13.31
CA ILE B 178 14.98 25.55 -11.97
C ILE B 178 16.36 26.04 -11.53
N GLN B 179 17.36 25.18 -11.69
CA GLN B 179 18.73 25.46 -11.26
C GLN B 179 19.51 26.35 -12.21
N LYS B 180 20.23 27.31 -11.64
CA LYS B 180 21.15 28.16 -12.39
C LYS B 180 22.57 28.12 -11.81
N SER B 181 22.67 27.98 -10.49
CA SER B 181 23.97 27.85 -9.85
C SER B 181 24.56 26.48 -10.14
N PHE B 182 25.79 26.24 -9.67
CA PHE B 182 26.41 24.96 -9.95
C PHE B 182 26.29 24.00 -8.76
N PHE B 183 25.93 24.54 -7.60
CA PHE B 183 25.98 23.74 -6.37
C PHE B 183 24.65 23.54 -5.65
N ASP B 184 23.54 23.89 -6.29
CA ASP B 184 22.24 23.84 -5.61
C ASP B 184 21.36 22.65 -5.99
N CYS B 185 21.90 21.71 -6.78
CA CYS B 185 21.11 20.59 -7.26
C CYS B 185 20.58 19.69 -6.12
N ARG B 186 21.36 19.53 -5.07
CA ARG B 186 20.97 18.67 -3.95
C ARG B 186 19.73 19.20 -3.18
N ILE B 187 19.76 20.47 -2.78
CA ILE B 187 18.63 21.04 -2.04
C ILE B 187 17.40 21.11 -2.93
N LEU B 188 17.59 21.48 -4.18
CA LEU B 188 16.51 21.54 -5.17
C LEU B 188 15.85 20.18 -5.39
N SER B 189 16.66 19.12 -5.48
CA SER B 189 16.12 17.77 -5.66
C SER B 189 15.36 17.30 -4.42
N LEU B 190 15.85 17.66 -3.24
CA LEU B 190 15.17 17.30 -2.00
C LEU B 190 13.77 17.96 -1.95
N SER B 191 13.69 19.23 -2.34
CA SER B 191 12.40 19.94 -2.37
C SER B 191 11.43 19.30 -3.37
N LEU B 192 11.94 18.94 -4.54
CA LEU B 192 11.12 18.29 -5.56
C LEU B 192 10.56 16.98 -5.05
N ALA B 193 11.38 16.23 -4.31
CA ALA B 193 10.94 14.98 -3.72
C ALA B 193 9.78 15.20 -2.77
N LEU B 194 9.89 16.26 -1.97
CA LEU B 194 8.85 16.62 -1.02
C LEU B 194 7.58 16.99 -1.79
N LYS B 195 7.72 17.69 -2.90
CA LYS B 195 6.56 18.07 -3.69
C LYS B 195 5.90 16.87 -4.35
N MET B 196 6.70 15.87 -4.72
CA MET B 196 6.17 14.62 -5.27
C MET B 196 5.26 13.92 -4.28
N HIS B 197 5.70 13.85 -3.03
CA HIS B 197 4.90 13.26 -1.97
C HIS B 197 3.64 14.10 -1.74
N ASP B 198 3.78 15.41 -1.90
CA ASP B 198 2.66 16.33 -1.77
C ASP B 198 1.63 16.07 -2.86
N LYS B 199 2.10 15.72 -4.06
CA LYS B 199 1.22 15.38 -5.18
C LYS B 199 1.26 13.88 -5.44
N ASP B 200 1.23 13.10 -4.37
CA ASP B 200 1.36 11.65 -4.44
C ASP B 200 0.41 11.03 -5.47
N ASP B 201 -0.86 11.44 -5.44
CA ASP B 201 -1.86 10.81 -6.29
C ASP B 201 -1.71 11.20 -7.77
N ALA B 202 -1.25 12.42 -8.03
CA ALA B 202 -1.02 12.84 -9.41
C ALA B 202 0.13 12.03 -10.02
N PHE B 203 1.17 11.75 -9.23
CA PHE B 203 2.29 10.96 -9.71
C PHE B 203 1.94 9.48 -9.80
N ALA B 204 1.11 9.00 -8.89
CA ALA B 204 0.63 7.62 -8.95
C ALA B 204 -0.16 7.39 -10.23
N ALA B 205 -0.97 8.37 -10.60
CA ALA B 205 -1.77 8.31 -11.82
C ALA B 205 -0.88 8.21 -13.06
N PHE B 206 0.22 8.97 -13.03
CA PHE B 206 1.18 8.95 -14.12
C PHE B 206 1.89 7.59 -14.19
N HIS B 207 2.18 7.01 -13.03
CA HIS B 207 2.77 5.67 -12.97
C HIS B 207 1.87 4.66 -13.67
N GLU B 208 0.57 4.75 -13.39
CA GLU B 208 -0.41 3.84 -14.00
C GLU B 208 -0.44 3.96 -15.51
N THR B 209 -0.42 5.20 -16.00
CA THR B 209 -0.42 5.46 -17.43
C THR B 209 0.84 4.89 -18.07
N LEU B 210 1.98 5.07 -17.39
CA LEU B 210 3.25 4.53 -17.88
C LEU B 210 3.22 3.00 -17.98
N ARG B 211 2.62 2.35 -16.98
CA ARG B 211 2.58 0.90 -16.93
C ARG B 211 1.54 0.36 -17.91
N ASN B 212 0.53 1.17 -18.21
CA ASN B 212 -0.53 0.77 -19.12
C ASN B 212 -0.35 1.36 -20.51
N GLY B 213 0.67 2.18 -20.68
CA GLY B 213 0.98 2.82 -21.95
C GLY B 213 -0.11 3.71 -22.51
N GLY B 214 -0.82 4.40 -21.61
CA GLY B 214 -1.87 5.30 -22.03
C GLY B 214 -1.27 6.61 -22.52
N ASP B 215 -2.14 7.57 -22.83
CA ASP B 215 -1.70 8.85 -23.34
C ASP B 215 -1.24 9.77 -22.20
N PRO B 216 0.04 10.15 -22.20
CA PRO B 216 0.56 11.05 -21.14
C PRO B 216 -0.11 12.41 -21.23
N SER B 217 -0.91 12.62 -22.28
CA SER B 217 -1.66 13.86 -22.44
C SER B 217 -2.42 14.24 -21.15
N HIS B 218 -2.92 13.24 -20.42
CA HIS B 218 -3.68 13.50 -19.19
C HIS B 218 -2.82 14.00 -18.03
N HIS B 219 -1.50 13.88 -18.17
CA HIS B 219 -0.62 14.18 -17.05
C HIS B 219 0.37 15.30 -17.36
N VAL B 220 0.84 15.34 -18.59
CA VAL B 220 1.84 16.33 -19.00
C VAL B 220 1.44 16.98 -20.32
N SER B 221 2.06 18.11 -20.67
CA SER B 221 1.70 18.86 -21.87
C SER B 221 2.45 18.37 -23.11
N ARG B 222 3.69 17.92 -22.92
CA ARG B 222 4.47 17.41 -24.05
C ARG B 222 5.36 16.23 -23.64
N ALA B 223 5.24 15.14 -24.39
CA ALA B 223 5.98 13.91 -24.11
C ALA B 223 6.29 13.15 -25.38
N GLN B 224 7.34 12.33 -25.32
CA GLN B 224 7.70 11.51 -26.47
C GLN B 224 8.42 10.24 -26.03
N GLN B 225 8.26 9.18 -26.82
CA GLN B 225 8.90 7.90 -26.53
C GLN B 225 10.27 7.88 -27.18
N THR B 226 11.26 7.36 -26.46
CA THR B 226 12.62 7.34 -26.97
C THR B 226 12.77 6.39 -28.16
N GLU B 227 11.98 5.32 -28.15
CA GLU B 227 11.86 4.34 -29.24
C GLU B 227 13.06 3.40 -29.43
N GLU B 228 13.99 3.44 -28.49
CA GLU B 228 15.02 2.40 -28.34
C GLU B 228 14.85 1.66 -27.00
N LEU B 229 14.47 2.41 -25.97
CA LEU B 229 14.13 1.80 -24.69
C LEU B 229 12.65 2.00 -24.38
N GLY B 230 11.99 2.84 -25.17
CA GLY B 230 10.57 3.10 -24.99
C GLY B 230 10.31 4.01 -23.80
N ALA B 231 11.36 4.69 -23.35
CA ALA B 231 11.29 5.62 -22.22
C ALA B 231 10.53 6.90 -22.61
N THR B 232 9.82 7.48 -21.65
CA THR B 232 9.07 8.71 -21.92
C THR B 232 9.85 9.97 -21.57
N LEU B 233 10.18 10.77 -22.58
CA LEU B 233 10.82 12.06 -22.36
C LEU B 233 9.77 13.17 -22.30
N VAL B 234 9.72 13.89 -21.18
CA VAL B 234 8.74 14.94 -20.98
C VAL B 234 9.38 16.31 -21.10
N LEU B 235 9.19 16.98 -22.23
CA LEU B 235 9.79 18.29 -22.44
C LEU B 235 8.90 19.42 -21.95
N ASP B 236 7.71 19.08 -21.47
CA ASP B 236 6.81 20.02 -20.82
C ASP B 236 5.95 19.29 -19.79
N GLY B 237 6.33 19.45 -18.51
CA GLY B 237 5.74 18.65 -17.45
C GLY B 237 4.43 19.14 -16.88
N ALA B 238 4.05 20.38 -17.21
CA ALA B 238 2.78 20.93 -16.74
C ALA B 238 1.62 20.12 -17.32
N PRO B 239 0.54 19.94 -16.55
CA PRO B 239 0.35 20.48 -15.19
C PRO B 239 0.89 19.59 -14.07
N LEU B 240 1.51 18.46 -14.39
CA LEU B 240 2.15 17.62 -13.36
C LEU B 240 3.21 18.41 -12.60
N VAL B 241 4.04 19.12 -13.37
CA VAL B 241 4.97 20.08 -12.82
C VAL B 241 4.26 21.43 -12.70
N ASP B 242 3.76 21.72 -11.50
CA ASP B 242 2.96 22.91 -11.29
C ASP B 242 3.76 24.05 -10.65
N ALA B 243 3.04 25.10 -10.26
CA ALA B 243 3.66 26.31 -9.69
C ALA B 243 4.49 25.98 -8.46
N ARG B 244 3.99 25.06 -7.63
CA ARG B 244 4.66 24.75 -6.38
C ARG B 244 6.02 24.10 -6.61
N MET B 245 6.20 23.45 -7.75
CA MET B 245 7.48 22.84 -8.11
C MET B 245 8.44 23.84 -8.75
N MET B 246 7.94 25.02 -9.08
CA MET B 246 8.77 26.06 -9.71
C MET B 246 9.17 27.13 -8.71
N LYS B 247 8.81 26.94 -7.44
CA LYS B 247 8.99 27.94 -6.40
C LYS B 247 10.41 28.42 -6.20
N HIS B 248 11.37 27.51 -6.35
CA HIS B 248 12.76 27.81 -6.04
C HIS B 248 13.58 28.11 -7.29
N GLY B 249 12.89 28.46 -8.37
CA GLY B 249 13.55 28.86 -9.61
C GLY B 249 14.50 30.00 -9.34
N GLN B 250 15.76 29.84 -9.73
CA GLN B 250 16.77 30.81 -9.35
C GLN B 250 16.79 32.01 -10.31
N ALA B 251 16.48 31.80 -11.58
CA ALA B 251 16.39 32.90 -12.51
C ALA B 251 14.95 33.41 -12.60
N ALA B 252 14.76 34.70 -12.44
CA ALA B 252 13.45 35.32 -12.59
C ALA B 252 12.88 35.00 -13.97
N SER B 253 13.75 34.92 -14.98
CA SER B 253 13.27 34.66 -16.34
C SER B 253 12.69 33.25 -16.46
N SER B 254 13.23 32.28 -15.72
CA SER B 254 12.70 30.93 -15.75
C SER B 254 11.27 30.87 -15.19
N VAL B 255 11.06 31.54 -14.06
CA VAL B 255 9.73 31.60 -13.46
C VAL B 255 8.78 32.37 -14.38
N SER B 256 9.23 33.52 -14.86
CA SER B 256 8.44 34.36 -15.74
C SER B 256 8.03 33.63 -17.04
N ARG B 257 8.98 32.95 -17.68
CA ARG B 257 8.70 32.19 -18.90
C ARG B 257 7.71 31.05 -18.64
N TYR B 258 7.87 30.36 -17.51
CA TYR B 258 6.98 29.27 -17.14
C TYR B 258 5.54 29.78 -17.01
N LEU B 259 5.34 30.87 -16.26
CA LEU B 259 4.01 31.44 -16.08
C LEU B 259 3.46 31.93 -17.41
N GLY B 260 4.34 32.43 -18.27
CA GLY B 260 3.96 32.87 -19.60
C GLY B 260 3.48 31.74 -20.47
N ASN B 261 4.06 30.56 -20.30
CA ASN B 261 3.67 29.38 -21.05
C ASN B 261 2.48 28.67 -20.42
N HIS B 262 2.32 28.87 -19.11
CA HIS B 262 1.22 28.26 -18.38
C HIS B 262 0.52 29.25 -17.45
N PRO B 263 -0.28 30.16 -18.06
CA PRO B 263 -0.93 31.27 -17.37
C PRO B 263 -1.82 30.85 -16.20
N GLU B 264 -2.47 29.69 -16.28
CA GLU B 264 -3.36 29.24 -15.21
C GLU B 264 -2.62 29.02 -13.90
N GLN B 265 -1.31 28.82 -13.99
CA GLN B 265 -0.47 28.60 -12.81
C GLN B 265 -0.13 29.91 -12.11
N SER B 266 -0.45 31.03 -12.75
CA SER B 266 -0.02 32.33 -12.24
C SER B 266 -0.90 32.82 -11.10
N THR B 267 -2.05 32.19 -10.91
CA THR B 267 -3.01 32.65 -9.91
C THR B 267 -3.21 31.72 -8.71
N VAL B 268 -2.64 30.53 -8.74
CA VAL B 268 -2.82 29.59 -7.64
C VAL B 268 -1.90 29.94 -6.46
N PRO B 269 -2.38 29.77 -5.23
CA PRO B 269 -1.56 30.05 -4.04
C PRO B 269 -0.43 29.02 -3.88
N VAL B 270 0.80 29.46 -3.61
CA VAL B 270 1.90 28.52 -3.51
C VAL B 270 2.29 28.27 -2.06
N ASN B 271 1.65 28.98 -1.14
CA ASN B 271 1.84 28.77 0.30
C ASN B 271 0.63 29.29 1.10
N LYS B 272 0.65 29.11 2.43
CA LYS B 272 -0.47 29.48 3.30
C LYS B 272 -0.62 30.97 3.47
N ARG B 273 0.38 31.72 3.02
CA ARG B 273 0.32 33.17 3.01
C ARG B 273 -0.47 33.68 1.81
N ASN B 274 -0.90 32.74 0.96
CA ASN B 274 -1.67 33.04 -0.25
C ASN B 274 -0.87 33.85 -1.27
N GLU B 275 0.44 33.66 -1.28
CA GLU B 275 1.26 34.24 -2.34
C GLU B 275 1.12 33.43 -3.62
N THR B 276 1.10 34.12 -4.76
CA THR B 276 1.21 33.47 -6.06
C THR B 276 2.70 33.22 -6.35
N LEU B 277 2.97 32.43 -7.40
CA LEU B 277 4.35 32.11 -7.76
C LEU B 277 5.14 33.38 -8.09
N GLY B 278 4.52 34.29 -8.84
CA GLY B 278 5.15 35.55 -9.19
C GLY B 278 5.41 36.46 -7.98
N GLU B 279 4.44 36.55 -7.08
CA GLU B 279 4.57 37.34 -5.85
C GLU B 279 5.72 36.85 -4.96
N ARG B 280 5.76 35.55 -4.75
CA ARG B 280 6.78 34.97 -3.87
C ARG B 280 8.19 35.11 -4.47
N THR B 281 8.29 34.88 -5.79
CA THR B 281 9.59 34.97 -6.47
C THR B 281 10.14 36.39 -6.44
N THR B 282 9.28 37.38 -6.69
CA THR B 282 9.67 38.77 -6.62
C THR B 282 10.19 39.13 -5.21
N ARG B 283 9.53 38.59 -4.20
CA ARG B 283 9.91 38.83 -2.80
C ARG B 283 11.33 38.30 -2.49
N HIS B 284 11.76 37.30 -3.25
CA HIS B 284 13.05 36.65 -3.02
C HIS B 284 14.17 37.17 -3.93
N LEU B 285 13.86 38.14 -4.78
CA LEU B 285 14.85 38.65 -5.72
C LEU B 285 15.93 39.47 -5.02
N VAL B 286 17.18 39.13 -5.30
CA VAL B 286 18.31 39.85 -4.74
C VAL B 286 19.31 40.22 -5.82
N LYS B 287 20.13 41.22 -5.50
CA LYS B 287 21.20 41.70 -6.37
C LYS B 287 22.53 41.56 -5.63
N ARG B 288 23.40 40.67 -6.09
CA ARG B 288 24.70 40.49 -5.43
C ARG B 288 25.81 40.04 -6.41
N LYS B 289 27.05 40.20 -5.96
CA LYS B 289 28.20 39.76 -6.72
C LYS B 289 28.43 38.26 -6.57
N VAL B 290 28.61 37.58 -7.70
CA VAL B 290 28.98 36.16 -7.72
C VAL B 290 30.26 35.98 -8.55
N ARG B 291 30.68 34.74 -8.77
CA ARG B 291 31.85 34.46 -9.59
C ARG B 291 31.43 33.99 -10.99
N ASN B 292 32.17 34.38 -12.02
CA ASN B 292 31.82 33.98 -13.38
C ASN B 292 32.21 32.54 -13.68
N ARG B 293 31.26 31.76 -14.20
CA ARG B 293 31.52 30.37 -14.51
C ARG B 293 31.05 30.06 -15.93
N GLU B 304 36.42 38.36 -13.22
CA GLU B 304 36.48 37.58 -11.98
C GLU B 304 35.13 37.56 -11.27
N THR B 305 34.55 38.74 -11.03
CA THR B 305 33.25 38.85 -10.38
C THR B 305 32.17 39.47 -11.28
N LYS B 306 30.91 39.13 -11.03
CA LYS B 306 29.80 39.71 -11.77
C LYS B 306 28.63 39.95 -10.82
N GLU B 307 27.93 41.07 -10.99
CA GLU B 307 26.74 41.35 -10.20
C GLU B 307 25.51 40.90 -10.96
N ILE B 308 24.69 40.06 -10.33
CA ILE B 308 23.51 39.50 -10.98
C ILE B 308 22.26 39.62 -10.12
N THR B 309 21.09 39.53 -10.75
CA THR B 309 19.82 39.49 -10.03
C THR B 309 19.22 38.10 -10.13
N PHE B 310 18.87 37.53 -9.00
CA PHE B 310 18.32 36.19 -8.94
C PHE B 310 17.49 36.02 -7.68
N SER B 311 16.82 34.88 -7.57
CA SER B 311 16.04 34.56 -6.39
C SER B 311 16.88 33.77 -5.39
N ASN B 312 16.94 34.22 -4.14
CA ASN B 312 17.69 33.50 -3.11
C ASN B 312 16.82 32.47 -2.39
N SER B 313 15.77 32.00 -3.05
CA SER B 313 14.82 31.06 -2.45
C SER B 313 15.51 29.77 -2.00
N VAL B 314 16.42 29.27 -2.82
CA VAL B 314 17.13 28.02 -2.51
C VAL B 314 17.98 28.17 -1.26
N GLU B 315 18.67 29.30 -1.12
CA GLU B 315 19.52 29.45 0.03
C GLU B 315 18.69 29.57 1.30
N GLN B 316 17.49 30.16 1.19
CA GLN B 316 16.56 30.23 2.32
C GLN B 316 16.01 28.85 2.64
N LYS B 317 15.76 28.05 1.59
CA LYS B 317 15.25 26.70 1.77
C LYS B 317 16.25 25.83 2.55
N ARG B 318 17.53 25.91 2.17
CA ARG B 318 18.58 25.18 2.86
C ARG B 318 18.61 25.56 4.34
N ILE B 319 18.45 26.85 4.59
CA ILE B 319 18.41 27.35 5.97
C ILE B 319 17.19 26.76 6.69
N ALA B 320 16.03 26.78 6.03
CA ALA B 320 14.80 26.22 6.61
C ALA B 320 14.92 24.71 6.89
N LEU B 321 15.53 23.98 5.96
CA LEU B 321 15.71 22.55 6.12
C LEU B 321 16.64 22.22 7.29
N LEU B 322 17.72 22.98 7.42
CA LEU B 322 18.67 22.80 8.53
C LEU B 322 17.99 23.08 9.87
N ASN B 323 17.16 24.10 9.89
CA ASN B 323 16.40 24.43 11.09
C ASN B 323 15.48 23.27 11.51
N ARG B 324 14.79 22.71 10.52
CA ARG B 324 13.94 21.53 10.73
C ARG B 324 14.71 20.37 11.33
N ALA B 325 15.82 20.04 10.69
CA ALA B 325 16.63 18.88 11.06
C ALA B 325 17.21 19.04 12.47
N ALA B 326 17.72 20.23 12.78
CA ALA B 326 18.28 20.51 14.10
C ALA B 326 17.22 20.35 15.19
N SER B 327 16.02 20.85 14.94
CA SER B 327 14.93 20.71 15.90
C SER B 327 14.58 19.25 16.08
N TYR B 328 14.52 18.52 14.98
CA TYR B 328 14.18 17.10 15.03
C TYR B 328 15.20 16.34 15.88
N VAL B 329 16.49 16.63 15.68
CA VAL B 329 17.54 15.92 16.44
C VAL B 329 17.47 16.24 17.94
N ASN B 330 17.12 17.48 18.27
CA ASN B 330 17.00 17.90 19.66
C ASN B 330 16.08 17.03 20.49
N SER B 331 15.04 16.50 19.86
CA SER B 331 14.05 15.72 20.57
C SER B 331 13.89 14.32 20.00
N ALA B 332 14.78 13.94 19.09
CA ALA B 332 14.74 12.60 18.51
C ALA B 332 15.09 11.55 19.57
N PRO B 333 14.44 10.38 19.49
CA PRO B 333 14.79 9.28 20.39
C PRO B 333 16.22 8.80 20.18
N PRO B 334 16.84 8.20 21.22
CA PRO B 334 18.23 7.74 21.19
C PRO B 334 18.64 6.90 19.97
N PRO B 335 17.79 5.95 19.50
CA PRO B 335 18.27 5.21 18.32
C PRO B 335 18.43 6.11 17.10
N VAL B 336 17.58 7.12 16.98
CA VAL B 336 17.64 8.06 15.87
C VAL B 336 18.90 8.92 15.97
N VAL B 337 19.19 9.40 17.18
CA VAL B 337 20.41 10.15 17.46
C VAL B 337 21.66 9.33 17.06
N MET B 338 21.64 8.05 17.43
CA MET B 338 22.74 7.14 17.08
C MET B 338 22.90 7.06 15.57
N ARG B 339 21.79 6.89 14.87
CA ARG B 339 21.84 6.67 13.44
C ARG B 339 22.31 7.93 12.69
N MET B 340 21.86 9.09 13.15
CA MET B 340 22.22 10.35 12.50
C MET B 340 23.65 10.75 12.82
N ALA B 341 24.13 10.38 14.01
CA ALA B 341 25.52 10.60 14.36
C ALA B 341 26.45 9.76 13.48
N LYS B 342 26.06 8.51 13.25
CA LYS B 342 26.86 7.62 12.43
C LYS B 342 26.91 8.12 10.99
N LEU B 343 25.77 8.56 10.48
CA LEU B 343 25.69 9.10 9.12
C LEU B 343 26.60 10.30 8.95
N LEU B 344 26.66 11.15 9.97
CA LEU B 344 27.52 12.31 9.96
C LEU B 344 28.99 11.91 9.93
N GLN B 345 29.34 10.94 10.77
CA GLN B 345 30.71 10.43 10.85
C GLN B 345 31.09 9.70 9.56
N ASP B 346 30.13 9.02 8.94
CA ASP B 346 30.39 8.24 7.74
C ASP B 346 30.67 9.14 6.54
N SER B 347 30.41 10.44 6.68
CA SER B 347 30.70 11.39 5.61
C SER B 347 32.20 11.61 5.43
N LEU B 348 33.01 11.08 6.35
CA LEU B 348 34.46 11.25 6.31
C LEU B 348 35.20 9.98 5.88
N LEU B 349 34.44 9.00 5.38
CA LEU B 349 35.01 7.70 5.02
C LEU B 349 35.61 7.65 3.60
N ASP B 350 35.13 8.49 2.70
CA ASP B 350 35.66 8.56 1.34
C ASP B 350 36.26 9.92 0.98
N ALA C 7 -49.64 45.14 15.68
CA ALA C 7 -49.93 44.54 16.99
C ALA C 7 -49.38 43.12 17.08
N PRO C 8 -48.73 42.76 18.21
CA PRO C 8 -48.41 41.36 18.52
C PRO C 8 -49.61 40.56 19.03
N ALA C 9 -50.55 41.21 19.72
CA ALA C 9 -51.68 40.50 20.32
C ALA C 9 -52.58 39.80 19.30
N GLY C 10 -52.63 40.32 18.09
CA GLY C 10 -53.43 39.75 17.02
C GLY C 10 -53.08 38.32 16.65
N ARG C 11 -51.78 38.02 16.66
CA ARG C 11 -51.30 36.69 16.27
C ARG C 11 -51.04 35.77 17.45
N GLN C 12 -51.19 36.29 18.67
CA GLN C 12 -50.90 35.52 19.88
C GLN C 12 -52.07 34.59 20.22
N ALA C 13 -53.28 35.00 19.82
CA ALA C 13 -54.51 34.25 20.11
C ALA C 13 -54.73 34.07 21.62
N GLY C 14 -54.21 35.00 22.41
CA GLY C 14 -54.40 34.97 23.85
C GLY C 14 -53.43 34.10 24.64
N GLN C 15 -52.44 33.51 23.98
CA GLN C 15 -51.44 32.73 24.70
C GLN C 15 -50.08 33.40 24.68
N GLN C 16 -50.06 34.71 24.87
CA GLN C 16 -48.83 35.49 24.91
C GLN C 16 -47.86 34.97 25.98
N ALA C 17 -48.41 34.45 27.07
CA ALA C 17 -47.59 33.94 28.17
C ALA C 17 -46.86 32.65 27.80
N THR C 18 -47.59 31.72 27.20
CA THR C 18 -47.01 30.45 26.79
C THR C 18 -46.02 30.66 25.65
N VAL C 19 -46.41 31.49 24.68
CA VAL C 19 -45.53 31.82 23.56
C VAL C 19 -44.25 32.47 24.06
N ASP C 20 -44.39 33.45 24.95
CA ASP C 20 -43.26 34.16 25.52
C ASP C 20 -42.31 33.26 26.28
N ARG C 21 -42.85 32.27 26.99
CA ARG C 21 -42.01 31.38 27.78
C ARG C 21 -41.27 30.36 26.91
N LEU C 22 -41.94 29.87 25.86
CA LEU C 22 -41.30 28.92 24.97
C LEU C 22 -40.26 29.60 24.09
N ARG C 23 -40.51 30.87 23.74
CA ARG C 23 -39.55 31.66 22.99
C ARG C 23 -38.26 31.82 23.79
N THR C 24 -38.43 32.20 25.06
CA THR C 24 -37.32 32.35 26.00
C THR C 24 -36.50 31.08 26.13
N GLN C 25 -37.20 29.96 26.20
CA GLN C 25 -36.55 28.66 26.32
C GLN C 25 -35.69 28.38 25.09
N VAL C 26 -36.17 28.76 23.91
CA VAL C 26 -35.42 28.56 22.67
C VAL C 26 -34.25 29.54 22.52
N THR C 27 -34.54 30.83 22.68
CA THR C 27 -33.51 31.87 22.60
C THR C 27 -32.45 31.69 23.68
N GLY C 28 -32.87 31.20 24.84
CA GLY C 28 -31.95 30.95 25.94
C GLY C 28 -30.93 29.89 25.57
N PHE C 29 -31.38 28.85 24.86
CA PHE C 29 -30.49 27.77 24.49
C PHE C 29 -29.53 28.20 23.37
N LEU C 30 -30.07 28.83 22.34
CA LEU C 30 -29.26 29.33 21.23
C LEU C 30 -28.22 30.32 21.72
N SER C 31 -28.66 31.31 22.50
CA SER C 31 -27.76 32.34 22.99
C SER C 31 -26.74 31.79 23.98
N GLY C 32 -27.11 30.74 24.70
CA GLY C 32 -26.21 30.07 25.61
C GLY C 32 -25.07 29.41 24.86
N ALA C 33 -25.42 28.63 23.84
CA ALA C 33 -24.44 27.97 23.00
C ALA C 33 -23.55 28.98 22.29
N LEU C 34 -24.19 30.00 21.73
CA LEU C 34 -23.50 31.05 21.00
C LEU C 34 -22.48 31.75 21.90
N GLY C 35 -22.87 32.04 23.14
CA GLY C 35 -21.97 32.70 24.07
C GLY C 35 -20.71 31.91 24.37
N LYS C 36 -20.87 30.63 24.65
CA LYS C 36 -19.71 29.78 24.93
C LYS C 36 -18.82 29.59 23.70
N LEU C 37 -19.44 29.33 22.55
CA LEU C 37 -18.70 29.09 21.32
C LEU C 37 -17.95 30.33 20.86
N GLN C 38 -18.57 31.49 21.05
CA GLN C 38 -17.95 32.73 20.64
C GLN C 38 -16.75 33.06 21.54
N ALA C 39 -16.86 32.73 22.82
CA ALA C 39 -15.76 32.93 23.76
C ALA C 39 -14.57 32.00 23.45
N LEU C 40 -14.87 30.75 23.13
CA LEU C 40 -13.83 29.78 22.79
C LEU C 40 -13.10 30.20 21.52
N SER C 41 -13.86 30.65 20.53
CA SER C 41 -13.26 31.03 19.26
C SER C 41 -12.40 32.28 19.40
N ALA C 42 -12.89 33.26 20.16
CA ALA C 42 -12.15 34.50 20.36
C ALA C 42 -10.81 34.26 21.05
N GLN C 43 -10.77 33.26 21.91
CA GLN C 43 -9.55 32.94 22.64
C GLN C 43 -8.74 31.83 21.97
N ASN C 44 -9.10 31.50 20.72
CA ASN C 44 -8.39 30.49 19.94
C ASN C 44 -8.28 29.15 20.67
N MET C 45 -9.39 28.70 21.25
CA MET C 45 -9.40 27.48 22.04
C MET C 45 -10.24 26.36 21.43
N ASP C 46 -9.65 25.18 21.34
CA ASP C 46 -10.38 24.00 20.87
C ASP C 46 -11.46 23.63 21.88
N PRO C 47 -12.71 23.51 21.42
CA PRO C 47 -13.87 23.22 22.27
C PRO C 47 -13.78 21.87 23.00
N GLU C 48 -13.21 20.86 22.34
CA GLU C 48 -13.17 19.53 22.95
C GLU C 48 -12.18 19.49 24.12
N LEU C 49 -11.08 20.23 24.00
CA LEU C 49 -10.12 20.34 25.10
C LEU C 49 -10.66 21.23 26.21
N ALA C 50 -11.60 22.11 25.86
CA ALA C 50 -12.24 23.00 26.82
C ALA C 50 -13.44 22.33 27.48
N GLN C 51 -13.55 21.03 27.24
CA GLN C 51 -14.59 20.17 27.82
C GLN C 51 -15.99 20.53 27.31
N PHE C 52 -16.05 21.26 26.20
CA PHE C 52 -17.35 21.63 25.61
C PHE C 52 -17.82 20.56 24.62
N ARG C 53 -19.07 20.11 24.78
CA ARG C 53 -19.57 19.00 23.98
C ARG C 53 -20.33 19.46 22.74
N VAL C 54 -19.60 19.74 21.68
CA VAL C 54 -20.16 20.25 20.43
C VAL C 54 -21.12 19.25 19.79
N LEU C 55 -20.83 17.96 19.91
CA LEU C 55 -21.70 16.91 19.36
C LEU C 55 -23.12 16.98 19.89
N ASP C 56 -23.25 17.21 21.20
CA ASP C 56 -24.54 17.30 21.85
C ASP C 56 -25.27 18.59 21.47
N VAL C 57 -24.52 19.68 21.38
CA VAL C 57 -25.07 20.98 21.01
C VAL C 57 -25.46 21.03 19.53
N ASP C 58 -24.58 20.51 18.66
CA ASP C 58 -24.86 20.49 17.22
C ASP C 58 -26.12 19.71 16.91
N ARG C 59 -26.29 18.56 17.56
CA ARG C 59 -27.46 17.74 17.34
C ARG C 59 -28.73 18.46 17.78
N ALA C 60 -28.66 19.16 18.90
CA ALA C 60 -29.81 19.86 19.45
C ALA C 60 -30.21 21.10 18.63
N ILE C 61 -29.22 21.86 18.17
CA ILE C 61 -29.51 23.11 17.45
C ILE C 61 -29.87 22.86 16.00
N MET C 62 -29.44 21.72 15.46
CA MET C 62 -29.58 21.47 14.04
C MET C 62 -31.03 21.58 13.50
N PRO C 63 -32.02 20.99 14.20
CA PRO C 63 -33.38 21.21 13.67
C PRO C 63 -33.80 22.67 13.70
N LEU C 64 -33.31 23.43 14.68
CA LEU C 64 -33.65 24.84 14.80
C LEU C 64 -32.99 25.66 13.68
N LEU C 65 -31.76 25.30 13.33
CA LEU C 65 -31.05 25.94 12.22
C LEU C 65 -31.76 25.66 10.90
N ILE C 66 -32.24 24.43 10.72
CA ILE C 66 -32.96 24.06 9.50
C ILE C 66 -34.26 24.86 9.36
N VAL C 67 -35.01 25.00 10.45
CA VAL C 67 -36.24 25.80 10.41
C VAL C 67 -35.91 27.24 9.98
N ALA C 68 -34.91 27.85 10.59
CA ALA C 68 -34.56 29.24 10.28
C ALA C 68 -34.07 29.39 8.84
N GLU C 69 -33.26 28.45 8.38
CA GLU C 69 -32.74 28.53 7.01
C GLU C 69 -33.84 28.35 5.96
N ASN C 70 -34.78 27.44 6.22
CA ASN C 70 -35.94 27.25 5.33
C ASN C 70 -36.78 28.53 5.21
N ALA C 71 -36.87 29.28 6.31
CA ALA C 71 -37.58 30.55 6.30
C ALA C 71 -36.77 31.67 5.65
N ARG C 72 -35.44 31.63 5.81
CA ARG C 72 -34.62 32.70 5.27
C ARG C 72 -34.46 32.53 3.77
N ASN C 73 -34.53 31.29 3.29
CA ASN C 73 -34.47 31.02 1.85
C ASN C 73 -35.63 30.15 1.39
N PRO C 74 -36.77 30.78 1.05
CA PRO C 74 -37.90 30.01 0.52
C PRO C 74 -37.50 29.21 -0.71
N GLY C 75 -37.79 27.91 -0.68
CA GLY C 75 -37.40 27.04 -1.78
C GLY C 75 -36.28 26.11 -1.38
N LEU C 76 -35.54 26.45 -0.32
CA LEU C 76 -34.47 25.60 0.16
C LEU C 76 -34.99 24.20 0.42
N ASN C 77 -36.12 24.11 1.11
CA ASN C 77 -36.78 22.84 1.39
C ASN C 77 -35.86 21.79 2.01
N LEU C 78 -35.19 22.19 3.08
CA LEU C 78 -34.26 21.33 3.78
C LEU C 78 -34.96 20.42 4.79
N VAL C 79 -34.70 19.13 4.67
CA VAL C 79 -35.31 18.13 5.53
C VAL C 79 -34.22 17.26 6.17
N PRO C 80 -34.31 17.03 7.49
CA PRO C 80 -33.38 16.08 8.12
C PRO C 80 -33.77 14.64 7.83
N LEU C 81 -32.83 13.84 7.34
CA LEU C 81 -33.12 12.44 7.04
C LEU C 81 -32.10 11.52 7.70
N HIS C 82 -32.46 10.25 7.92
CA HIS C 82 -31.49 9.32 8.45
C HIS C 82 -31.63 7.94 7.83
N MET C 83 -30.50 7.25 7.75
CA MET C 83 -30.45 5.91 7.18
C MET C 83 -30.89 4.89 8.22
N ASP C 84 -31.11 3.66 7.78
CA ASP C 84 -31.63 2.63 8.67
C ASP C 84 -30.68 2.36 9.82
N MET C 85 -29.40 2.40 9.54
CA MET C 85 -28.36 2.16 10.54
C MET C 85 -28.38 3.21 11.65
N ALA C 86 -28.96 4.37 11.37
CA ALA C 86 -29.06 5.42 12.37
C ALA C 86 -30.12 5.07 13.43
N GLU C 87 -30.95 4.07 13.15
CA GLU C 87 -31.96 3.66 14.12
C GLU C 87 -31.51 2.48 14.97
N ASP C 88 -30.26 2.05 14.79
CA ASP C 88 -29.69 0.98 15.59
C ASP C 88 -29.04 1.57 16.83
N GLU C 89 -29.74 1.49 17.97
CA GLU C 89 -29.26 2.09 19.22
C GLU C 89 -27.95 1.49 19.72
N GLU C 90 -27.56 0.35 19.16
CA GLU C 90 -26.39 -0.37 19.62
C GLU C 90 -25.11 0.00 18.85
N VAL C 91 -25.28 0.53 17.65
CA VAL C 91 -24.14 0.86 16.80
C VAL C 91 -23.90 2.37 16.66
N ARG C 92 -24.99 3.14 16.60
CA ARG C 92 -24.90 4.57 16.34
C ARG C 92 -24.18 5.33 17.45
N THR C 93 -23.55 6.44 17.07
CA THR C 93 -22.90 7.33 18.03
C THR C 93 -23.95 8.17 18.73
N GLN C 94 -24.94 8.61 17.95
CA GLN C 94 -26.03 9.43 18.46
C GLN C 94 -27.33 9.10 17.73
N PRO C 95 -28.47 9.25 18.43
CA PRO C 95 -29.74 9.13 17.73
C PRO C 95 -29.93 10.30 16.77
N PRO C 96 -30.71 10.10 15.69
CA PRO C 96 -30.95 11.17 14.73
C PRO C 96 -31.55 12.40 15.40
N MET C 97 -31.34 13.58 14.82
CA MET C 97 -31.84 14.82 15.39
C MET C 97 -33.36 14.81 15.46
N ALA C 98 -33.93 15.64 16.32
CA ALA C 98 -35.38 15.70 16.47
C ALA C 98 -36.04 16.03 15.14
N GLY C 99 -37.05 15.25 14.79
CA GLY C 99 -37.79 15.47 13.56
C GLY C 99 -37.25 14.77 12.34
N SER C 100 -36.08 14.14 12.49
CA SER C 100 -35.45 13.42 11.39
C SER C 100 -36.35 12.30 10.91
N ARG C 101 -36.40 12.10 9.60
CA ARG C 101 -37.24 11.06 9.01
C ARG C 101 -36.38 9.99 8.36
N HIS C 102 -36.81 8.74 8.53
CA HIS C 102 -36.18 7.62 7.86
C HIS C 102 -36.32 7.84 6.37
N ILE C 103 -35.25 7.61 5.62
CA ILE C 103 -35.24 7.84 4.18
C ILE C 103 -36.33 7.05 3.46
N ALA C 104 -36.48 5.77 3.82
CA ALA C 104 -37.51 4.93 3.22
C ALA C 104 -38.91 5.49 3.47
N GLU C 105 -39.13 6.00 4.68
CA GLU C 105 -40.40 6.61 5.04
C GLU C 105 -40.61 7.89 4.21
N PHE C 106 -39.54 8.68 4.09
CA PHE C 106 -39.56 9.91 3.29
C PHE C 106 -39.89 9.60 1.83
N VAL C 107 -39.12 8.71 1.23
CA VAL C 107 -39.30 8.32 -0.17
C VAL C 107 -40.72 7.85 -0.45
N ALA C 108 -41.25 7.05 0.47
CA ALA C 108 -42.60 6.50 0.32
C ALA C 108 -43.69 7.57 0.37
N SER C 109 -43.60 8.48 1.34
CA SER C 109 -44.74 9.34 1.65
C SER C 109 -44.58 10.84 1.37
N ALA C 110 -43.34 11.30 1.16
CA ALA C 110 -43.11 12.72 0.94
C ALA C 110 -43.79 13.21 -0.32
N ARG C 111 -44.29 14.44 -0.29
CA ARG C 111 -44.88 15.03 -1.48
C ARG C 111 -43.82 15.26 -2.54
N PRO C 112 -44.18 15.05 -3.81
CA PRO C 112 -43.22 15.28 -4.89
C PRO C 112 -42.72 16.72 -4.94
N GLY C 113 -41.44 16.87 -5.22
CA GLY C 113 -40.84 18.18 -5.31
C GLY C 113 -39.34 18.13 -5.15
N ARG C 114 -38.74 19.31 -4.97
CA ARG C 114 -37.30 19.46 -4.87
C ARG C 114 -36.90 19.71 -3.41
N TYR C 115 -36.03 18.87 -2.88
CA TYR C 115 -35.62 18.97 -1.49
C TYR C 115 -34.10 18.99 -1.34
N ARG C 116 -33.64 19.64 -0.28
CA ARG C 116 -32.29 19.43 0.22
C ARG C 116 -32.38 18.63 1.50
N ALA C 117 -31.29 17.98 1.87
CA ALA C 117 -31.31 17.15 3.06
C ALA C 117 -29.96 17.10 3.75
N VAL C 118 -30.00 16.94 5.07
CA VAL C 118 -28.82 16.47 5.80
C VAL C 118 -29.16 15.03 6.18
N ILE C 119 -28.27 14.12 5.81
CA ILE C 119 -28.51 12.69 5.99
C ILE C 119 -27.58 12.07 7.03
N ASP C 120 -28.16 11.58 8.11
CA ASP C 120 -27.42 10.97 9.21
C ASP C 120 -27.40 9.45 9.12
N ASP C 121 -26.23 8.83 9.32
CA ASP C 121 -26.15 7.37 9.34
C ASP C 121 -25.92 6.83 10.75
N GLY C 122 -25.93 7.73 11.74
CA GLY C 122 -25.71 7.37 13.12
C GLY C 122 -24.43 7.94 13.69
N SER C 123 -23.44 8.15 12.83
CA SER C 123 -22.15 8.67 13.26
C SER C 123 -21.64 9.79 12.35
N HIS C 124 -22.18 9.89 11.14
CA HIS C 124 -21.72 10.87 10.18
C HIS C 124 -22.89 11.47 9.40
N THR C 125 -22.77 12.74 9.02
CA THR C 125 -23.83 13.44 8.31
C THR C 125 -23.32 13.95 6.97
N ARG C 126 -24.13 13.78 5.94
CA ARG C 126 -23.81 14.26 4.60
C ARG C 126 -24.89 15.23 4.09
N ALA C 127 -24.59 15.96 3.01
CA ALA C 127 -25.59 16.81 2.38
C ALA C 127 -26.17 16.14 1.14
N ALA C 128 -27.41 16.47 0.79
CA ALA C 128 -28.05 15.86 -0.36
C ALA C 128 -29.03 16.78 -1.05
N ASP C 129 -29.07 16.66 -2.37
CA ASP C 129 -30.04 17.36 -3.20
C ASP C 129 -30.93 16.31 -3.83
N ILE C 130 -32.22 16.39 -3.50
CA ILE C 130 -33.18 15.36 -3.84
C ILE C 130 -34.30 15.87 -4.74
N ARG C 131 -34.55 15.12 -5.80
CA ARG C 131 -35.69 15.41 -6.67
C ARG C 131 -36.62 14.21 -6.66
N LYS C 132 -37.86 14.44 -6.22
CA LYS C 132 -38.84 13.37 -6.19
C LYS C 132 -40.09 13.76 -6.97
N ASP C 133 -40.49 12.88 -7.90
CA ASP C 133 -41.73 13.08 -8.64
C ASP C 133 -42.37 11.72 -8.95
N ALA C 134 -43.35 11.73 -9.85
CA ALA C 134 -44.06 10.53 -10.26
C ALA C 134 -43.13 9.44 -10.79
N SER C 135 -42.12 9.85 -11.56
CA SER C 135 -41.21 8.91 -12.20
C SER C 135 -40.31 8.20 -11.20
N GLY C 136 -40.12 8.83 -10.05
CA GLY C 136 -39.32 8.26 -8.97
C GLY C 136 -38.49 9.33 -8.26
N THR C 137 -37.47 8.89 -7.54
CA THR C 137 -36.60 9.77 -6.79
C THR C 137 -35.15 9.71 -7.28
N SER C 138 -34.53 10.88 -7.41
CA SER C 138 -33.11 10.97 -7.71
C SER C 138 -32.43 11.83 -6.63
N VAL C 139 -31.24 11.39 -6.22
CA VAL C 139 -30.54 12.08 -5.14
C VAL C 139 -29.07 12.28 -5.48
N ILE C 140 -28.58 13.48 -5.21
CA ILE C 140 -27.17 13.82 -5.34
C ILE C 140 -26.57 14.08 -3.97
N VAL C 141 -25.74 13.15 -3.52
CA VAL C 141 -25.14 13.22 -2.19
C VAL C 141 -23.73 13.79 -2.22
N VAL C 142 -23.51 14.83 -1.43
CA VAL C 142 -22.20 15.43 -1.30
C VAL C 142 -21.69 15.22 0.14
N ASP C 143 -20.58 14.48 0.24
CA ASP C 143 -20.01 14.12 1.53
C ASP C 143 -18.85 15.06 1.84
N PRO C 144 -18.95 15.84 2.92
CA PRO C 144 -17.86 16.76 3.28
C PRO C 144 -16.61 16.04 3.75
N LEU C 145 -16.69 14.72 3.94
CA LEU C 145 -15.56 13.94 4.42
C LEU C 145 -15.00 13.03 3.34
N ARG C 146 -13.68 13.00 3.23
CA ARG C 146 -12.99 12.19 2.24
C ARG C 146 -11.71 11.64 2.83
N LYS C 147 -11.84 10.63 3.68
CA LYS C 147 -10.71 10.15 4.48
C LYS C 147 -10.23 8.75 4.05
N GLU C 148 -11.01 8.08 3.23
CA GLU C 148 -10.72 6.70 2.84
C GLU C 148 -9.42 6.56 2.05
N LYS C 149 -8.53 5.69 2.52
CA LYS C 149 -7.29 5.42 1.82
C LYS C 149 -7.59 4.78 0.47
N ASP C 150 -8.25 3.62 0.49
CA ASP C 150 -8.65 2.94 -0.74
C ASP C 150 -9.92 3.56 -1.31
N GLU C 151 -9.80 4.12 -2.52
CA GLU C 151 -10.92 4.78 -3.17
C GLU C 151 -12.00 3.81 -3.65
N SER C 152 -11.89 2.54 -3.23
CA SER C 152 -12.90 1.55 -3.56
C SER C 152 -14.00 1.54 -2.50
N ALA C 153 -13.71 2.15 -1.35
CA ALA C 153 -14.68 2.23 -0.25
C ALA C 153 -15.84 3.16 -0.57
N TYR C 154 -15.61 4.11 -1.46
CA TYR C 154 -16.67 5.05 -1.84
C TYR C 154 -17.67 4.33 -2.72
N VAL C 155 -17.22 3.29 -3.41
CA VAL C 155 -18.12 2.49 -4.23
C VAL C 155 -19.25 1.92 -3.37
N ASP C 156 -18.91 1.41 -2.19
CA ASP C 156 -19.91 0.84 -1.30
C ASP C 156 -20.72 1.94 -0.59
N TYR C 157 -20.13 3.13 -0.43
CA TYR C 157 -20.88 4.29 0.06
C TYR C 157 -22.01 4.67 -0.88
N ALA C 158 -21.69 4.75 -2.16
CA ALA C 158 -22.68 5.09 -3.18
C ALA C 158 -23.84 4.09 -3.17
N ASP C 159 -23.50 2.81 -2.99
CA ASP C 159 -24.46 1.71 -2.98
C ASP C 159 -25.48 1.77 -1.84
N ASN C 160 -24.96 1.89 -0.62
CA ASN C 160 -25.76 1.83 0.59
C ASN C 160 -26.70 3.02 0.67
N VAL C 161 -26.23 4.17 0.19
CA VAL C 161 -27.07 5.35 0.10
C VAL C 161 -28.18 5.09 -0.92
N ASN C 162 -27.80 4.57 -2.09
CA ASN C 162 -28.76 4.27 -3.16
C ASN C 162 -29.76 3.22 -2.73
N MET C 163 -29.29 2.26 -1.96
CA MET C 163 -30.13 1.22 -1.39
C MET C 163 -31.20 1.82 -0.47
N GLU C 164 -30.84 2.86 0.27
CA GLU C 164 -31.77 3.49 1.22
C GLU C 164 -32.94 4.16 0.53
N PHE C 165 -32.70 4.75 -0.65
CA PHE C 165 -33.74 5.45 -1.38
C PHE C 165 -34.49 4.50 -2.32
N GLY C 166 -34.08 3.24 -2.34
CA GLY C 166 -34.67 2.25 -3.22
C GLY C 166 -33.78 2.05 -4.42
N GLU C 167 -33.71 0.83 -4.93
CA GLU C 167 -32.78 0.52 -6.02
C GLU C 167 -33.24 1.12 -7.36
N HIS C 168 -34.51 1.51 -7.45
CA HIS C 168 -35.01 2.15 -8.68
C HIS C 168 -34.75 3.65 -8.63
N ALA C 169 -34.14 4.12 -7.55
CA ALA C 169 -33.77 5.53 -7.45
C ALA C 169 -32.40 5.79 -8.09
N LYS C 170 -32.28 6.94 -8.74
CA LYS C 170 -31.01 7.39 -9.31
C LYS C 170 -30.19 8.12 -8.22
N CYS C 171 -28.90 7.81 -8.14
CA CYS C 171 -28.05 8.35 -7.07
C CYS C 171 -26.64 8.69 -7.52
N ALA C 172 -26.16 9.85 -7.06
CA ALA C 172 -24.77 10.24 -7.25
C ALA C 172 -24.15 10.50 -5.88
N PHE C 173 -22.93 10.00 -5.69
CA PHE C 173 -22.22 10.16 -4.44
C PHE C 173 -20.92 10.90 -4.70
N ILE C 174 -20.77 12.07 -4.07
CA ILE C 174 -19.63 12.94 -4.30
C ILE C 174 -18.86 13.23 -3.01
N PRO C 175 -17.78 12.46 -2.75
CA PRO C 175 -16.91 12.71 -1.60
C PRO C 175 -15.99 13.90 -1.84
N VAL C 176 -16.01 14.86 -0.91
CA VAL C 176 -15.20 16.07 -1.03
C VAL C 176 -14.35 16.26 0.23
N ASP C 177 -13.10 16.65 0.04
CA ASP C 177 -12.15 16.79 1.13
C ASP C 177 -12.27 18.14 1.85
N ILE C 178 -13.30 18.28 2.68
CA ILE C 178 -13.57 19.51 3.42
C ILE C 178 -13.33 19.35 4.93
N GLN C 179 -13.92 18.30 5.49
CA GLN C 179 -13.83 18.03 6.93
C GLN C 179 -12.51 17.40 7.32
N LYS C 180 -11.94 17.86 8.43
CA LYS C 180 -10.77 17.23 9.04
C LYS C 180 -11.05 16.85 10.49
N SER C 181 -11.85 17.65 11.19
CA SER C 181 -12.21 17.33 12.57
C SER C 181 -13.19 16.18 12.61
N PHE C 182 -13.58 15.72 13.79
CA PHE C 182 -14.49 14.59 13.87
C PHE C 182 -15.93 15.05 14.14
N PHE C 183 -16.12 16.32 14.51
CA PHE C 183 -17.43 16.78 14.97
C PHE C 183 -18.08 17.87 14.11
N ASP C 184 -17.52 18.13 12.93
CA ASP C 184 -18.00 19.24 12.12
C ASP C 184 -18.88 18.85 10.91
N CYS C 185 -19.26 17.58 10.80
CA CYS C 185 -20.03 17.14 9.65
C CYS C 185 -21.43 17.78 9.53
N ARG C 186 -22.10 18.04 10.65
CA ARG C 186 -23.45 18.60 10.59
C ARG C 186 -23.45 20.00 9.98
N ILE C 187 -22.61 20.88 10.52
CA ILE C 187 -22.53 22.27 10.05
C ILE C 187 -21.99 22.34 8.62
N LEU C 188 -21.00 21.51 8.30
CA LEU C 188 -20.48 21.46 6.94
C LEU C 188 -21.55 21.02 5.95
N SER C 189 -22.33 20.01 6.32
CA SER C 189 -23.40 19.51 5.44
C SER C 189 -24.50 20.56 5.24
N LEU C 190 -24.83 21.28 6.30
CA LEU C 190 -25.85 22.33 6.23
C LEU C 190 -25.42 23.41 5.26
N SER C 191 -24.16 23.82 5.35
CA SER C 191 -23.61 24.81 4.43
C SER C 191 -23.64 24.30 2.99
N LEU C 192 -23.31 23.03 2.78
CA LEU C 192 -23.36 22.46 1.44
C LEU C 192 -24.79 22.47 0.91
N ALA C 193 -25.76 22.14 1.77
CA ALA C 193 -27.16 22.19 1.37
C ALA C 193 -27.55 23.60 0.90
N LEU C 194 -27.08 24.62 1.62
CA LEU C 194 -27.34 25.99 1.20
C LEU C 194 -26.69 26.29 -0.16
N LYS C 195 -25.47 25.80 -0.37
CA LYS C 195 -24.80 26.04 -1.65
C LYS C 195 -25.51 25.30 -2.79
N MET C 196 -26.06 24.12 -2.49
CA MET C 196 -26.85 23.37 -3.46
C MET C 196 -28.05 24.18 -3.95
N HIS C 197 -28.75 24.80 -3.02
CA HIS C 197 -29.87 25.67 -3.33
C HIS C 197 -29.40 26.88 -4.11
N ASP C 198 -28.23 27.39 -3.74
CA ASP C 198 -27.62 28.53 -4.42
C ASP C 198 -27.29 28.17 -5.86
N LYS C 199 -26.89 26.93 -6.09
CA LYS C 199 -26.60 26.44 -7.44
C LYS C 199 -27.71 25.50 -7.88
N ASP C 200 -28.94 25.89 -7.59
CA ASP C 200 -30.12 25.08 -7.83
C ASP C 200 -30.19 24.48 -9.25
N ASP C 201 -29.95 25.31 -10.26
CA ASP C 201 -30.12 24.88 -11.64
C ASP C 201 -29.05 23.90 -12.07
N ALA C 202 -27.84 24.07 -11.55
CA ALA C 202 -26.76 23.14 -11.88
C ALA C 202 -27.06 21.75 -11.32
N PHE C 203 -27.64 21.69 -10.13
CA PHE C 203 -27.94 20.39 -9.55
C PHE C 203 -29.15 19.74 -10.23
N ALA C 204 -30.12 20.56 -10.64
CA ALA C 204 -31.29 20.08 -11.37
C ALA C 204 -30.86 19.46 -12.70
N ALA C 205 -29.88 20.09 -13.34
CA ALA C 205 -29.36 19.61 -14.61
C ALA C 205 -28.73 18.22 -14.42
N PHE C 206 -28.03 18.04 -13.30
CA PHE C 206 -27.40 16.76 -13.01
C PHE C 206 -28.46 15.68 -12.72
N HIS C 207 -29.55 16.07 -12.06
CA HIS C 207 -30.67 15.17 -11.81
C HIS C 207 -31.24 14.61 -13.12
N GLU C 208 -31.41 15.49 -14.11
CA GLU C 208 -31.94 15.09 -15.41
C GLU C 208 -31.05 14.07 -16.08
N THR C 209 -29.75 14.33 -16.04
CA THR C 209 -28.77 13.42 -16.63
C THR C 209 -28.83 12.06 -15.93
N LEU C 210 -28.91 12.07 -14.60
CA LEU C 210 -28.99 10.83 -13.82
C LEU C 210 -30.23 10.00 -14.16
N ARG C 211 -31.35 10.67 -14.34
CA ARG C 211 -32.62 10.00 -14.61
C ARG C 211 -32.66 9.47 -16.05
N ASN C 212 -31.88 10.10 -16.93
CA ASN C 212 -31.84 9.71 -18.32
C ASN C 212 -30.61 8.84 -18.63
N GLY C 213 -29.79 8.60 -17.63
CA GLY C 213 -28.58 7.80 -17.81
C GLY C 213 -27.65 8.44 -18.83
N GLY C 214 -27.64 9.78 -18.86
CA GLY C 214 -26.80 10.51 -19.78
C GLY C 214 -25.37 10.62 -19.32
N ASP C 215 -24.57 11.37 -20.08
CA ASP C 215 -23.16 11.53 -19.77
C ASP C 215 -22.96 12.56 -18.66
N PRO C 216 -22.47 12.11 -17.49
CA PRO C 216 -22.24 12.97 -16.31
C PRO C 216 -21.09 13.95 -16.49
N SER C 217 -20.30 13.82 -17.55
CA SER C 217 -19.17 14.72 -17.79
C SER C 217 -19.61 16.14 -18.17
N HIS C 218 -20.91 16.33 -18.34
CA HIS C 218 -21.45 17.65 -18.59
C HIS C 218 -21.47 18.44 -17.29
N HIS C 219 -21.36 17.72 -16.17
CA HIS C 219 -21.55 18.34 -14.87
C HIS C 219 -20.34 18.19 -13.95
N VAL C 220 -19.65 17.06 -14.04
CA VAL C 220 -18.51 16.76 -13.18
C VAL C 220 -17.30 16.30 -13.99
N SER C 221 -16.11 16.33 -13.38
CA SER C 221 -14.88 16.04 -14.12
C SER C 221 -14.51 14.56 -14.17
N ARG C 222 -14.79 13.82 -13.11
CA ARG C 222 -14.51 12.40 -13.12
C ARG C 222 -15.61 11.66 -12.35
N ALA C 223 -16.20 10.67 -13.02
CA ALA C 223 -17.31 9.90 -12.48
C ALA C 223 -17.28 8.48 -13.03
N GLN C 224 -17.88 7.54 -12.31
CA GLN C 224 -17.93 6.16 -12.77
C GLN C 224 -19.18 5.47 -12.22
N GLN C 225 -19.64 4.47 -12.96
CA GLN C 225 -20.83 3.71 -12.57
C GLN C 225 -20.40 2.60 -11.63
N THR C 226 -21.12 2.40 -10.54
CA THR C 226 -20.74 1.37 -9.58
C THR C 226 -20.97 -0.03 -10.20
N GLU C 227 -21.99 -0.14 -11.06
CA GLU C 227 -22.30 -1.34 -11.86
C GLU C 227 -22.90 -2.55 -11.14
N GLU C 228 -23.29 -2.37 -9.89
CA GLU C 228 -24.14 -3.34 -9.19
C GLU C 228 -25.49 -2.71 -8.87
N LEU C 229 -25.47 -1.42 -8.53
CA LEU C 229 -26.70 -0.66 -8.36
C LEU C 229 -26.82 0.42 -9.43
N GLY C 230 -25.74 0.64 -10.17
CA GLY C 230 -25.73 1.64 -11.22
C GLY C 230 -25.62 3.06 -10.73
N ALA C 231 -25.19 3.23 -9.47
CA ALA C 231 -25.00 4.55 -8.88
C ALA C 231 -23.77 5.24 -9.45
N THR C 232 -23.83 6.56 -9.57
CA THR C 232 -22.70 7.33 -10.10
C THR C 232 -21.78 7.82 -8.97
N LEU C 233 -20.55 7.30 -8.97
CA LEU C 233 -19.53 7.74 -8.03
C LEU C 233 -18.70 8.85 -8.65
N VAL C 234 -18.68 10.01 -8.00
CA VAL C 234 -17.97 11.17 -8.52
C VAL C 234 -16.70 11.46 -7.70
N LEU C 235 -15.56 11.10 -8.25
CA LEU C 235 -14.30 11.30 -7.54
C LEU C 235 -13.71 12.68 -7.83
N ASP C 236 -14.36 13.41 -8.73
CA ASP C 236 -14.02 14.81 -9.01
C ASP C 236 -15.28 15.59 -9.42
N GLY C 237 -15.80 16.37 -8.48
CA GLY C 237 -17.09 17.05 -8.63
C GLY C 237 -17.08 18.38 -9.34
N ALA C 238 -15.90 18.95 -9.58
CA ALA C 238 -15.79 20.21 -10.30
C ALA C 238 -16.31 20.06 -11.72
N PRO C 239 -16.94 21.11 -12.27
CA PRO C 239 -17.19 22.43 -11.69
C PRO C 239 -18.50 22.53 -10.90
N LEU C 240 -19.23 21.41 -10.79
CA LEU C 240 -20.44 21.38 -9.97
C LEU C 240 -20.08 21.73 -8.53
N VAL C 241 -19.00 21.11 -8.04
CA VAL C 241 -18.38 21.50 -6.78
C VAL C 241 -17.38 22.61 -7.06
N ASP C 242 -17.79 23.86 -6.87
CA ASP C 242 -16.94 25.00 -7.18
C ASP C 242 -16.31 25.58 -5.91
N ALA C 243 -15.66 26.74 -6.05
CA ALA C 243 -14.94 27.38 -4.95
C ALA C 243 -15.83 27.66 -3.74
N ARG C 244 -17.07 28.08 -3.97
CA ARG C 244 -17.95 28.46 -2.86
C ARG C 244 -18.25 27.25 -1.99
N MET C 245 -18.17 26.06 -2.56
CA MET C 245 -18.40 24.83 -1.78
C MET C 245 -17.15 24.39 -1.02
N MET C 246 -16.00 24.99 -1.32
CA MET C 246 -14.75 24.64 -0.64
C MET C 246 -14.35 25.66 0.43
N LYS C 247 -15.22 26.64 0.66
CA LYS C 247 -14.93 27.76 1.55
C LYS C 247 -14.54 27.35 2.98
N HIS C 248 -15.18 26.30 3.49
CA HIS C 248 -14.97 25.92 4.89
C HIS C 248 -14.02 24.73 5.05
N GLY C 249 -13.23 24.47 4.02
CA GLY C 249 -12.21 23.44 4.09
C GLY C 249 -11.30 23.68 5.27
N GLN C 250 -11.16 22.67 6.12
CA GLN C 250 -10.45 22.85 7.38
C GLN C 250 -8.93 22.77 7.22
N ALA C 251 -8.45 21.95 6.29
CA ALA C 251 -7.00 21.88 6.04
C ALA C 251 -6.60 22.84 4.93
N ALA C 252 -5.60 23.67 5.21
CA ALA C 252 -5.09 24.58 4.21
C ALA C 252 -4.65 23.83 2.94
N SER C 253 -4.14 22.61 3.12
CA SER C 253 -3.69 21.82 1.99
C SER C 253 -4.89 21.37 1.14
N SER C 254 -6.05 21.16 1.77
CA SER C 254 -7.22 20.75 1.01
C SER C 254 -7.65 21.84 0.03
N VAL C 255 -7.70 23.08 0.50
CA VAL C 255 -8.03 24.22 -0.34
C VAL C 255 -6.97 24.46 -1.41
N SER C 256 -5.72 24.48 -0.98
CA SER C 256 -4.59 24.68 -1.88
C SER C 256 -4.57 23.61 -2.99
N ARG C 257 -4.74 22.36 -2.61
CA ARG C 257 -4.73 21.27 -3.59
C ARG C 257 -5.88 21.42 -4.56
N TYR C 258 -7.05 21.80 -4.03
CA TYR C 258 -8.22 22.02 -4.86
C TYR C 258 -7.94 23.10 -5.91
N LEU C 259 -7.43 24.24 -5.47
CA LEU C 259 -7.10 25.32 -6.39
C LEU C 259 -6.01 24.89 -7.40
N GLY C 260 -5.06 24.08 -6.94
CA GLY C 260 -4.00 23.58 -7.82
C GLY C 260 -4.55 22.70 -8.92
N ASN C 261 -5.62 21.95 -8.60
CA ASN C 261 -6.26 21.06 -9.56
C ASN C 261 -7.27 21.78 -10.44
N HIS C 262 -7.83 22.87 -9.94
CA HIS C 262 -8.79 23.64 -10.71
C HIS C 262 -8.49 25.12 -10.60
N PRO C 263 -7.44 25.56 -11.32
CA PRO C 263 -6.87 26.92 -11.26
C PRO C 263 -7.89 28.00 -11.55
N GLU C 264 -8.83 27.71 -12.43
CA GLU C 264 -9.84 28.71 -12.82
C GLU C 264 -10.69 29.14 -11.61
N GLN C 265 -10.73 28.30 -10.58
CA GLN C 265 -11.50 28.63 -9.37
C GLN C 265 -10.74 29.58 -8.44
N SER C 266 -9.48 29.86 -8.74
CA SER C 266 -8.64 30.62 -7.81
C SER C 266 -8.88 32.13 -7.88
N THR C 267 -9.55 32.58 -8.93
CA THR C 267 -9.70 34.02 -9.15
C THR C 267 -11.15 34.52 -9.00
N VAL C 268 -12.11 33.61 -8.83
CA VAL C 268 -13.51 34.03 -8.68
C VAL C 268 -13.81 34.50 -7.26
N PRO C 269 -14.64 35.53 -7.13
CA PRO C 269 -14.98 36.01 -5.78
C PRO C 269 -15.87 34.98 -5.07
N VAL C 270 -15.60 34.69 -3.80
CA VAL C 270 -16.40 33.71 -3.08
C VAL C 270 -17.37 34.42 -2.12
N ASN C 271 -17.28 35.75 -2.03
CA ASN C 271 -18.26 36.52 -1.24
C ASN C 271 -18.34 37.97 -1.72
N LYS C 272 -19.23 38.75 -1.12
CA LYS C 272 -19.48 40.13 -1.56
C LYS C 272 -18.30 41.05 -1.21
N ARG C 273 -17.41 40.57 -0.35
CA ARG C 273 -16.19 41.29 -0.01
C ARG C 273 -15.13 41.14 -1.12
N ASN C 274 -15.48 40.35 -2.13
CA ASN C 274 -14.62 40.06 -3.28
C ASN C 274 -13.35 39.29 -2.91
N GLU C 275 -13.43 38.48 -1.86
CA GLU C 275 -12.30 37.61 -1.56
C GLU C 275 -12.29 36.40 -2.49
N THR C 276 -11.09 35.99 -2.89
CA THR C 276 -10.93 34.70 -3.56
C THR C 276 -10.89 33.64 -2.47
N LEU C 277 -11.00 32.38 -2.87
CA LEU C 277 -10.98 31.27 -1.92
C LEU C 277 -9.68 31.26 -1.11
N GLY C 278 -8.57 31.48 -1.80
CA GLY C 278 -7.25 31.53 -1.17
C GLY C 278 -7.10 32.68 -0.19
N GLU C 279 -7.57 33.86 -0.59
CA GLU C 279 -7.52 35.03 0.28
C GLU C 279 -8.34 34.79 1.56
N ARG C 280 -9.55 34.27 1.38
CA ARG C 280 -10.46 34.04 2.50
C ARG C 280 -9.96 32.93 3.43
N THR C 281 -9.42 31.86 2.84
CA THR C 281 -8.95 30.75 3.65
C THR C 281 -7.79 31.17 4.54
N THR C 282 -6.86 31.93 3.95
CA THR C 282 -5.71 32.45 4.67
C THR C 282 -6.13 33.33 5.86
N ARG C 283 -7.16 34.15 5.65
CA ARG C 283 -7.68 35.01 6.71
C ARG C 283 -8.20 34.20 7.89
N HIS C 284 -8.60 32.96 7.63
CA HIS C 284 -9.19 32.13 8.68
C HIS C 284 -8.18 31.17 9.34
N LEU C 285 -6.91 31.22 8.94
CA LEU C 285 -5.91 30.29 9.47
C LEU C 285 -5.54 30.59 10.93
N VAL C 286 -5.60 29.56 11.78
CA VAL C 286 -5.22 29.70 13.18
C VAL C 286 -4.27 28.59 13.59
N LYS C 287 -3.54 28.84 14.67
CA LYS C 287 -2.63 27.86 15.23
C LYS C 287 -3.02 27.59 16.67
N ARG C 288 -3.49 26.37 16.96
CA ARG C 288 -3.89 26.05 18.32
C ARG C 288 -3.64 24.59 18.67
N LYS C 289 -3.67 24.28 19.97
CA LYS C 289 -3.56 22.91 20.44
C LYS C 289 -4.89 22.19 20.30
N VAL C 290 -4.87 21.00 19.73
CA VAL C 290 -6.06 20.16 19.61
C VAL C 290 -5.84 18.80 20.28
N ARG C 291 -6.82 17.92 20.13
CA ARG C 291 -6.74 16.58 20.70
C ARG C 291 -6.35 15.55 19.64
N GLU C 304 -0.88 13.33 23.96
CA GLU C 304 -2.30 13.62 24.18
C GLU C 304 -2.77 14.76 23.29
N THR C 305 -2.07 15.89 23.33
CA THR C 305 -2.43 17.04 22.52
C THR C 305 -1.38 17.34 21.45
N LYS C 306 -1.82 18.00 20.37
CA LYS C 306 -0.93 18.39 19.29
C LYS C 306 -1.32 19.79 18.79
N GLU C 307 -0.31 20.61 18.47
CA GLU C 307 -0.58 21.93 17.92
C GLU C 307 -0.55 21.93 16.39
N ILE C 308 -1.63 22.43 15.79
CA ILE C 308 -1.76 22.43 14.34
C ILE C 308 -2.22 23.77 13.75
N THR C 309 -1.98 23.96 12.46
CA THR C 309 -2.48 25.13 11.76
C THR C 309 -3.62 24.75 10.83
N PHE C 310 -4.74 25.43 10.98
CA PHE C 310 -5.91 25.11 10.19
C PHE C 310 -6.88 26.29 10.09
N SER C 311 -7.91 26.14 9.28
CA SER C 311 -8.91 27.18 9.11
C SER C 311 -10.06 27.01 10.08
N ASN C 312 -10.35 28.06 10.84
CA ASN C 312 -11.45 28.03 11.80
C ASN C 312 -12.76 28.51 11.17
N SER C 313 -12.85 28.40 9.84
CA SER C 313 -14.01 28.89 9.10
C SER C 313 -15.31 28.22 9.57
N VAL C 314 -15.24 26.92 9.84
CA VAL C 314 -16.42 26.15 10.25
C VAL C 314 -16.93 26.62 11.61
N GLU C 315 -16.02 26.86 12.54
CA GLU C 315 -16.46 27.27 13.86
C GLU C 315 -17.07 28.69 13.79
N GLN C 316 -16.55 29.54 12.90
CA GLN C 316 -17.14 30.88 12.69
C GLN C 316 -18.52 30.76 12.01
N LYS C 317 -18.66 29.79 11.10
CA LYS C 317 -19.94 29.53 10.41
C LYS C 317 -21.04 29.10 11.37
N ARG C 318 -20.69 28.17 12.27
CA ARG C 318 -21.61 27.71 13.30
C ARG C 318 -22.08 28.89 14.13
N ILE C 319 -21.16 29.78 14.48
CA ILE C 319 -21.51 30.97 15.24
C ILE C 319 -22.44 31.88 14.44
N ALA C 320 -22.15 32.09 13.16
CA ALA C 320 -23.03 32.89 12.30
C ALA C 320 -24.44 32.28 12.15
N LEU C 321 -24.50 30.95 12.02
CA LEU C 321 -25.78 30.26 11.90
C LEU C 321 -26.62 30.40 13.18
N LEU C 322 -25.97 30.29 14.33
CA LEU C 322 -26.66 30.48 15.61
C LEU C 322 -27.19 31.91 15.74
N ASN C 323 -26.40 32.87 15.27
CA ASN C 323 -26.82 34.28 15.22
C ASN C 323 -28.05 34.49 14.36
N ARG C 324 -28.06 33.87 13.18
CA ARG C 324 -29.22 33.89 12.29
C ARG C 324 -30.47 33.35 12.94
N ALA C 325 -30.33 32.16 13.52
CA ALA C 325 -31.43 31.45 14.12
C ALA C 325 -32.00 32.22 15.31
N ALA C 326 -31.13 32.77 16.16
CA ALA C 326 -31.59 33.52 17.33
C ALA C 326 -32.44 34.71 16.89
N SER C 327 -31.96 35.45 15.89
CA SER C 327 -32.70 36.60 15.37
C SER C 327 -34.04 36.20 14.79
N TYR C 328 -34.05 35.09 14.05
CA TYR C 328 -35.29 34.61 13.47
C TYR C 328 -36.30 34.28 14.57
N VAL C 329 -35.85 33.58 15.61
CA VAL C 329 -36.72 33.17 16.70
C VAL C 329 -37.28 34.37 17.46
N ASN C 330 -36.45 35.41 17.60
CA ASN C 330 -36.83 36.63 18.30
C ASN C 330 -38.09 37.27 17.73
N SER C 331 -38.26 37.16 16.40
CA SER C 331 -39.37 37.83 15.74
C SER C 331 -40.25 36.84 14.97
N ALA C 332 -40.06 35.54 15.22
CA ALA C 332 -40.91 34.53 14.60
C ALA C 332 -42.34 34.61 15.12
N PRO C 333 -43.32 34.35 14.26
CA PRO C 333 -44.73 34.26 14.66
C PRO C 333 -44.94 33.09 15.63
N PRO C 334 -45.99 33.16 16.47
CA PRO C 334 -46.27 32.14 17.49
C PRO C 334 -46.26 30.67 17.02
N PRO C 335 -46.83 30.34 15.84
CA PRO C 335 -46.78 28.92 15.46
C PRO C 335 -45.35 28.41 15.25
N VAL C 336 -44.47 29.28 14.77
CA VAL C 336 -43.08 28.92 14.55
C VAL C 336 -42.37 28.70 15.88
N VAL C 337 -42.60 29.61 16.82
CA VAL C 337 -42.05 29.48 18.17
C VAL C 337 -42.41 28.15 18.82
N MET C 338 -43.68 27.76 18.70
CA MET C 338 -44.19 26.50 19.22
C MET C 338 -43.44 25.31 18.63
N ARG C 339 -43.26 25.32 17.32
CA ARG C 339 -42.64 24.19 16.66
C ARG C 339 -41.16 24.06 17.00
N MET C 340 -40.47 25.19 17.10
CA MET C 340 -39.05 25.18 17.40
C MET C 340 -38.82 24.82 18.86
N ALA C 341 -39.75 25.20 19.72
CA ALA C 341 -39.67 24.83 21.12
C ALA C 341 -39.79 23.31 21.29
N LYS C 342 -40.75 22.73 20.57
CA LYS C 342 -40.98 21.28 20.64
C LYS C 342 -39.79 20.51 20.07
N LEU C 343 -39.21 21.01 18.99
CA LEU C 343 -38.03 20.38 18.40
C LEU C 343 -36.87 20.34 19.39
N LEU C 344 -36.70 21.44 20.13
CA LEU C 344 -35.70 21.53 21.17
C LEU C 344 -35.98 20.55 22.30
N GLN C 345 -37.24 20.46 22.72
CA GLN C 345 -37.62 19.53 23.77
C GLN C 345 -37.45 18.08 23.33
N ASP C 346 -37.75 17.81 22.07
CA ASP C 346 -37.72 16.46 21.54
C ASP C 346 -36.30 15.92 21.42
N SER C 347 -35.31 16.79 21.59
CA SER C 347 -33.91 16.39 21.57
C SER C 347 -33.55 15.55 22.80
N LEU C 348 -34.48 15.51 23.76
CA LEU C 348 -34.28 14.80 25.01
C LEU C 348 -35.09 13.51 25.10
N LEU C 349 -35.66 13.04 23.98
CA LEU C 349 -36.53 11.86 24.07
C LEU C 349 -35.79 10.53 24.05
N ASP C 350 -34.65 10.44 23.37
CA ASP C 350 -33.82 9.24 23.47
C ASP C 350 -32.37 9.57 23.84
N ALA D 7 41.14 -14.32 45.06
CA ALA D 7 41.49 -12.95 44.66
C ALA D 7 40.45 -12.39 43.69
N PRO D 8 40.08 -11.11 43.87
CA PRO D 8 39.25 -10.35 42.92
C PRO D 8 39.81 -10.19 41.49
N ALA D 9 41.06 -9.74 41.41
CA ALA D 9 41.74 -9.47 40.15
C ALA D 9 41.91 -10.69 39.23
N GLY D 10 41.90 -11.89 39.81
CA GLY D 10 42.12 -13.10 39.03
C GLY D 10 41.17 -13.28 37.87
N ARG D 11 39.91 -12.90 38.05
CA ARG D 11 38.92 -13.02 36.99
C ARG D 11 38.75 -11.69 36.24
N GLN D 12 39.44 -10.66 36.72
CA GLN D 12 39.32 -9.32 36.14
C GLN D 12 40.17 -9.18 34.88
N ALA D 13 41.25 -9.95 34.83
CA ALA D 13 42.20 -9.92 33.71
C ALA D 13 42.78 -8.53 33.45
N GLY D 14 42.83 -7.70 34.48
CA GLY D 14 43.43 -6.38 34.37
C GLY D 14 42.54 -5.27 33.83
N GLN D 15 41.26 -5.54 33.59
CA GLN D 15 40.35 -4.51 33.11
C GLN D 15 39.32 -4.16 34.18
N GLN D 16 39.77 -4.03 35.42
CA GLN D 16 38.90 -3.69 36.54
C GLN D 16 38.15 -2.38 36.26
N ALA D 17 38.79 -1.49 35.51
CA ALA D 17 38.21 -0.20 35.17
C ALA D 17 37.04 -0.32 34.18
N THR D 18 37.25 -1.09 33.11
CA THR D 18 36.21 -1.30 32.11
C THR D 18 35.06 -2.12 32.66
N VAL D 19 35.38 -3.20 33.38
CA VAL D 19 34.37 -4.05 34.00
C VAL D 19 33.52 -3.28 35.00
N ASP D 20 34.20 -2.54 35.87
CA ASP D 20 33.54 -1.74 36.89
C ASP D 20 32.62 -0.67 36.31
N ARG D 21 33.04 -0.07 35.21
CA ARG D 21 32.24 1.00 34.59
C ARG D 21 31.03 0.44 33.84
N LEU D 22 31.20 -0.72 33.20
CA LEU D 22 30.09 -1.34 32.50
C LEU D 22 29.11 -1.96 33.50
N ARG D 23 29.63 -2.45 34.62
CA ARG D 23 28.76 -2.98 35.67
C ARG D 23 27.87 -1.88 36.23
N THR D 24 28.49 -0.74 36.56
CA THR D 24 27.77 0.43 37.03
C THR D 24 26.70 0.89 36.04
N GLN D 25 27.05 0.91 34.77
CA GLN D 25 26.13 1.33 33.72
C GLN D 25 24.89 0.42 33.62
N VAL D 26 25.11 -0.88 33.71
CA VAL D 26 24.02 -1.85 33.62
C VAL D 26 23.15 -1.84 34.86
N THR D 27 23.76 -1.91 36.05
CA THR D 27 23.02 -1.88 37.30
C THR D 27 22.25 -0.57 37.46
N GLY D 28 22.85 0.53 37.00
CA GLY D 28 22.22 1.83 37.08
C GLY D 28 20.94 1.89 36.28
N PHE D 29 20.94 1.23 35.11
CA PHE D 29 19.76 1.20 34.27
C PHE D 29 18.67 0.31 34.85
N LEU D 30 19.05 -0.91 35.25
CA LEU D 30 18.10 -1.83 35.87
C LEU D 30 17.53 -1.24 37.16
N SER D 31 18.40 -0.75 38.04
CA SER D 31 17.95 -0.19 39.30
C SER D 31 17.20 1.13 39.10
N GLY D 32 17.52 1.84 38.03
CA GLY D 32 16.82 3.07 37.68
C GLY D 32 15.37 2.80 37.31
N ALA D 33 15.16 1.84 36.41
CA ALA D 33 13.82 1.44 35.99
C ALA D 33 13.06 0.96 37.21
N LEU D 34 13.74 0.18 38.03
CA LEU D 34 13.21 -0.36 39.27
C LEU D 34 12.74 0.74 40.21
N GLY D 35 13.56 1.77 40.39
CA GLY D 35 13.21 2.89 41.26
C GLY D 35 11.96 3.62 40.82
N LYS D 36 11.89 3.93 39.53
CA LYS D 36 10.73 4.62 38.97
C LYS D 36 9.48 3.77 39.05
N LEU D 37 9.58 2.49 38.67
CA LEU D 37 8.42 1.59 38.68
C LEU D 37 7.91 1.35 40.10
N GLN D 38 8.83 1.24 41.05
CA GLN D 38 8.46 1.05 42.45
C GLN D 38 7.76 2.29 42.99
N ALA D 39 8.20 3.47 42.56
CA ALA D 39 7.58 4.72 42.98
C ALA D 39 6.16 4.82 42.46
N LEU D 40 5.95 4.45 41.20
CA LEU D 40 4.62 4.47 40.60
C LEU D 40 3.66 3.48 41.25
N SER D 41 4.18 2.28 41.51
CA SER D 41 3.37 1.22 42.07
C SER D 41 3.00 1.53 43.51
N ALA D 42 3.97 1.99 44.30
CA ALA D 42 3.74 2.34 45.70
C ALA D 42 2.74 3.49 45.82
N GLN D 43 2.73 4.36 44.82
CA GLN D 43 1.81 5.50 44.84
C GLN D 43 0.54 5.21 44.06
N ASN D 44 0.33 3.94 43.71
CA ASN D 44 -0.87 3.49 43.01
C ASN D 44 -1.14 4.29 41.74
N MET D 45 -0.10 4.47 40.92
CA MET D 45 -0.21 5.28 39.72
C MET D 45 -0.02 4.46 38.44
N ASP D 46 -0.94 4.62 37.50
CA ASP D 46 -0.82 4.01 36.19
C ASP D 46 0.36 4.65 35.45
N PRO D 47 1.31 3.83 34.99
CA PRO D 47 2.51 4.32 34.29
C PRO D 47 2.21 5.07 33.00
N GLU D 48 1.18 4.64 32.27
CA GLU D 48 0.85 5.27 30.99
C GLU D 48 0.29 6.68 31.16
N LEU D 49 -0.50 6.88 32.20
CA LEU D 49 -1.01 8.22 32.50
C LEU D 49 0.09 9.08 33.09
N ALA D 50 1.09 8.42 33.67
CA ALA D 50 2.24 9.12 34.23
C ALA D 50 3.31 9.39 33.17
N GLN D 51 2.99 9.09 31.92
CA GLN D 51 3.87 9.33 30.77
C GLN D 51 5.13 8.47 30.83
N PHE D 52 5.08 7.37 31.59
CA PHE D 52 6.20 6.45 31.65
C PHE D 52 6.06 5.39 30.57
N ARG D 53 7.12 5.21 29.79
CA ARG D 53 7.06 4.33 28.63
C ARG D 53 7.49 2.90 28.93
N VAL D 54 6.53 2.13 29.44
CA VAL D 54 6.80 0.74 29.84
C VAL D 54 7.22 -0.14 28.68
N LEU D 55 6.64 0.10 27.49
CA LEU D 55 6.99 -0.68 26.31
C LEU D 55 8.47 -0.57 25.97
N ASP D 56 9.02 0.63 26.05
CA ASP D 56 10.42 0.86 25.73
C ASP D 56 11.35 0.27 26.78
N VAL D 57 10.97 0.42 28.05
CA VAL D 57 11.77 -0.14 29.14
C VAL D 57 11.72 -1.66 29.16
N ASP D 58 10.53 -2.23 28.96
CA ASP D 58 10.35 -3.68 28.95
C ASP D 58 11.20 -4.33 27.85
N ARG D 59 11.23 -3.73 26.68
CA ARG D 59 12.02 -4.25 25.58
C ARG D 59 13.52 -4.20 25.88
N ALA D 60 13.94 -3.12 26.54
CA ALA D 60 15.36 -2.92 26.83
C ALA D 60 15.87 -3.88 27.90
N ILE D 61 15.08 -4.09 28.96
CA ILE D 61 15.51 -4.93 30.09
C ILE D 61 15.34 -6.42 29.82
N MET D 62 14.43 -6.76 28.93
CA MET D 62 14.03 -8.15 28.70
C MET D 62 15.22 -9.08 28.38
N PRO D 63 16.13 -8.67 27.48
CA PRO D 63 17.25 -9.59 27.29
C PRO D 63 18.08 -9.78 28.55
N LEU D 64 18.17 -8.74 29.39
CA LEU D 64 18.94 -8.82 30.63
C LEU D 64 18.25 -9.73 31.65
N LEU D 65 16.92 -9.67 31.69
CA LEU D 65 16.13 -10.54 32.57
C LEU D 65 16.30 -12.01 32.17
N ILE D 66 16.29 -12.27 30.87
CA ILE D 66 16.46 -13.62 30.34
C ILE D 66 17.82 -14.20 30.72
N VAL D 67 18.87 -13.38 30.60
CA VAL D 67 20.20 -13.81 31.02
C VAL D 67 20.22 -14.18 32.51
N ALA D 68 19.64 -13.31 33.35
CA ALA D 68 19.64 -13.50 34.79
C ALA D 68 18.83 -14.73 35.21
N GLU D 69 17.68 -14.93 34.58
CA GLU D 69 16.83 -16.07 34.89
C GLU D 69 17.48 -17.39 34.43
N ASN D 70 18.13 -17.37 33.28
CA ASN D 70 18.86 -18.55 32.82
C ASN D 70 19.97 -18.95 33.78
N ALA D 71 20.62 -17.96 34.37
CA ALA D 71 21.68 -18.23 35.33
C ALA D 71 21.11 -18.70 36.65
N ARG D 72 19.94 -18.23 37.06
CA ARG D 72 19.45 -18.64 38.37
C ARG D 72 18.78 -20.00 38.35
N ASN D 73 18.22 -20.37 37.19
CA ASN D 73 17.68 -21.71 37.02
C ASN D 73 18.24 -22.41 35.79
N PRO D 74 19.42 -23.03 35.96
CA PRO D 74 20.07 -23.84 34.92
C PRO D 74 19.10 -24.91 34.41
N GLY D 75 18.89 -24.95 33.10
CA GLY D 75 17.93 -25.86 32.50
C GLY D 75 16.72 -25.13 31.93
N LEU D 76 16.49 -23.91 32.40
CA LEU D 76 15.41 -23.08 31.88
C LEU D 76 15.54 -22.95 30.36
N ASN D 77 16.75 -22.68 29.88
CA ASN D 77 17.05 -22.58 28.45
C ASN D 77 16.11 -21.63 27.73
N LEU D 78 15.99 -20.42 28.28
CA LEU D 78 15.09 -19.42 27.73
C LEU D 78 15.75 -18.66 26.58
N VAL D 79 15.08 -18.64 25.44
CA VAL D 79 15.59 -17.98 24.25
C VAL D 79 14.56 -17.02 23.69
N PRO D 80 14.98 -15.77 23.42
CA PRO D 80 14.07 -14.83 22.76
C PRO D 80 13.93 -15.16 21.27
N LEU D 81 12.69 -15.31 20.80
CA LEU D 81 12.42 -15.62 19.41
C LEU D 81 11.38 -14.66 18.84
N HIS D 82 11.35 -14.51 17.52
CA HIS D 82 10.32 -13.70 16.88
C HIS D 82 9.82 -14.31 15.58
N MET D 83 8.57 -14.02 15.25
CA MET D 83 7.94 -14.52 14.03
C MET D 83 8.37 -13.66 12.84
N ASP D 84 8.05 -14.12 11.64
CA ASP D 84 8.46 -13.44 10.43
C ASP D 84 7.89 -12.03 10.33
N MET D 85 6.65 -11.86 10.79
CA MET D 85 6.00 -10.56 10.76
C MET D 85 6.69 -9.53 11.66
N ALA D 86 7.49 -10.00 12.62
CA ALA D 86 8.22 -9.11 13.52
C ALA D 86 9.41 -8.45 12.83
N GLU D 87 9.79 -8.97 11.66
CA GLU D 87 10.90 -8.41 10.90
C GLU D 87 10.40 -7.42 9.86
N ASP D 88 9.09 -7.17 9.86
CA ASP D 88 8.49 -6.21 8.96
C ASP D 88 8.51 -4.84 9.59
N GLU D 89 9.45 -4.00 9.16
CA GLU D 89 9.62 -2.68 9.77
C GLU D 89 8.39 -1.77 9.57
N GLU D 90 7.48 -2.15 8.68
CA GLU D 90 6.33 -1.30 8.32
C GLU D 90 5.08 -1.60 9.16
N VAL D 91 5.01 -2.79 9.73
CA VAL D 91 3.83 -3.19 10.47
C VAL D 91 4.04 -3.25 12.00
N ARG D 92 5.21 -3.69 12.40
CA ARG D 92 5.50 -3.95 13.81
C ARG D 92 5.43 -2.71 14.69
N THR D 93 5.07 -2.92 15.95
CA THR D 93 5.03 -1.88 16.96
C THR D 93 6.45 -1.55 17.44
N GLN D 94 7.24 -2.60 17.59
CA GLN D 94 8.63 -2.48 18.03
C GLN D 94 9.50 -3.52 17.34
N PRO D 95 10.77 -3.19 17.12
CA PRO D 95 11.66 -4.26 16.64
C PRO D 95 11.88 -5.28 17.76
N PRO D 96 12.15 -6.55 17.40
CA PRO D 96 12.38 -7.58 18.42
C PRO D 96 13.52 -7.20 19.35
N MET D 97 13.50 -7.72 20.58
CA MET D 97 14.50 -7.37 21.59
C MET D 97 15.90 -7.78 21.13
N ALA D 98 16.92 -7.19 21.74
CA ALA D 98 18.31 -7.50 21.38
C ALA D 98 18.60 -8.98 21.56
N GLY D 99 19.21 -9.59 20.54
CA GLY D 99 19.58 -11.00 20.60
C GLY D 99 18.49 -11.94 20.13
N SER D 100 17.31 -11.39 19.82
CA SER D 100 16.19 -12.19 19.35
C SER D 100 16.52 -12.91 18.05
N ARG D 101 16.04 -14.13 17.92
CA ARG D 101 16.31 -14.94 16.74
C ARG D 101 15.02 -15.24 15.98
N HIS D 102 15.11 -15.22 14.66
CA HIS D 102 13.99 -15.62 13.82
C HIS D 102 13.67 -17.08 14.10
N ILE D 103 12.39 -17.40 14.21
CA ILE D 103 11.97 -18.76 14.51
C ILE D 103 12.45 -19.79 13.47
N ALA D 104 12.25 -19.48 12.19
CA ALA D 104 12.67 -20.38 11.11
C ALA D 104 14.16 -20.64 11.20
N GLU D 105 14.92 -19.60 11.50
CA GLU D 105 16.36 -19.70 11.67
C GLU D 105 16.70 -20.57 12.86
N PHE D 106 16.00 -20.34 13.98
CA PHE D 106 16.21 -21.11 15.19
C PHE D 106 15.93 -22.60 14.96
N VAL D 107 14.74 -22.91 14.48
CA VAL D 107 14.31 -24.30 14.25
C VAL D 107 15.31 -25.05 13.39
N ALA D 108 15.81 -24.40 12.36
CA ALA D 108 16.75 -24.98 11.42
C ALA D 108 18.09 -25.34 12.06
N SER D 109 18.63 -24.43 12.85
CA SER D 109 20.02 -24.53 13.29
C SER D 109 20.18 -24.79 14.79
N ALA D 110 19.10 -24.65 15.55
CA ALA D 110 19.18 -24.85 16.99
C ALA D 110 19.52 -26.29 17.31
N ARG D 111 20.28 -26.45 18.39
CA ARG D 111 20.62 -27.76 18.91
C ARG D 111 19.33 -28.45 19.33
N PRO D 112 19.19 -29.75 19.02
CA PRO D 112 18.00 -30.47 19.49
C PRO D 112 17.95 -30.48 21.00
N GLY D 113 16.76 -30.30 21.58
CA GLY D 113 16.64 -30.26 23.02
C GLY D 113 15.40 -29.54 23.51
N ARG D 114 15.39 -29.22 24.80
CA ARG D 114 14.25 -28.56 25.42
C ARG D 114 14.53 -27.09 25.69
N TYR D 115 13.68 -26.23 25.14
CA TYR D 115 13.82 -24.79 25.31
C TYR D 115 12.52 -24.15 25.75
N ARG D 116 12.63 -23.02 26.46
CA ARG D 116 11.49 -22.13 26.63
C ARG D 116 11.74 -20.89 25.81
N ALA D 117 10.69 -20.20 25.44
CA ALA D 117 10.85 -19.04 24.58
C ALA D 117 9.81 -17.98 24.86
N VAL D 118 10.19 -16.74 24.60
CA VAL D 118 9.22 -15.68 24.46
C VAL D 118 9.18 -15.36 22.98
N ILE D 119 7.99 -15.39 22.40
CA ILE D 119 7.86 -15.21 20.96
C ILE D 119 7.17 -13.90 20.62
N ASP D 120 7.90 -13.03 19.93
CA ASP D 120 7.38 -11.71 19.54
C ASP D 120 6.87 -11.74 18.09
N ASP D 121 5.69 -11.20 17.84
CA ASP D 121 5.19 -11.13 16.46
C ASP D 121 5.22 -9.71 15.87
N GLY D 122 5.76 -8.78 16.65
CA GLY D 122 5.84 -7.39 16.23
C GLY D 122 4.97 -6.48 17.08
N SER D 123 3.91 -7.02 17.65
CA SER D 123 3.00 -6.23 18.48
C SER D 123 2.60 -6.95 19.77
N HIS D 124 2.77 -8.27 19.80
CA HIS D 124 2.38 -9.06 20.95
C HIS D 124 3.38 -10.19 21.22
N THR D 125 3.57 -10.54 22.49
CA THR D 125 4.54 -11.56 22.88
C THR D 125 3.86 -12.72 23.62
N ARG D 126 4.23 -13.95 23.27
CA ARG D 126 3.68 -15.13 23.92
C ARG D 126 4.79 -15.98 24.53
N ALA D 127 4.41 -16.93 25.38
CA ALA D 127 5.35 -17.89 25.93
C ALA D 127 5.23 -19.22 25.19
N ALA D 128 6.32 -19.98 25.15
CA ALA D 128 6.31 -21.26 24.45
C ALA D 128 7.27 -22.25 25.10
N ASP D 129 6.86 -23.51 25.08
CA ASP D 129 7.72 -24.61 25.49
C ASP D 129 7.99 -25.46 24.23
N ILE D 130 9.26 -25.54 23.84
CA ILE D 130 9.60 -26.14 22.56
C ILE D 130 10.47 -27.38 22.73
N ARG D 131 10.06 -28.46 22.07
CA ARG D 131 10.84 -29.68 22.02
C ARG D 131 11.21 -30.00 20.58
N LYS D 132 12.51 -30.05 20.31
CA LYS D 132 13.01 -30.37 18.98
C LYS D 132 13.97 -31.54 19.06
N ASP D 133 13.72 -32.56 18.25
CA ASP D 133 14.63 -33.71 18.16
C ASP D 133 14.59 -34.29 16.74
N ALA D 134 15.12 -35.50 16.60
CA ALA D 134 15.19 -36.18 15.30
C ALA D 134 13.81 -36.29 14.65
N SER D 135 12.81 -36.62 15.45
CA SER D 135 11.46 -36.84 14.93
C SER D 135 10.81 -35.54 14.45
N GLY D 136 11.30 -34.40 14.94
CA GLY D 136 10.78 -33.12 14.51
C GLY D 136 10.69 -32.09 15.62
N THR D 137 9.85 -31.08 15.39
CA THR D 137 9.67 -30.02 16.36
C THR D 137 8.26 -30.03 16.89
N SER D 138 8.13 -29.90 18.21
CA SER D 138 6.84 -29.72 18.84
C SER D 138 6.88 -28.49 19.74
N VAL D 139 5.82 -27.69 19.69
CA VAL D 139 5.79 -26.47 20.46
C VAL D 139 4.44 -26.32 21.14
N ILE D 140 4.47 -25.93 22.40
CA ILE D 140 3.27 -25.62 23.15
C ILE D 140 3.27 -24.13 23.43
N VAL D 141 2.39 -23.41 22.75
CA VAL D 141 2.36 -21.97 22.90
C VAL D 141 1.28 -21.58 23.89
N VAL D 142 1.68 -20.81 24.91
CA VAL D 142 0.70 -20.31 25.86
C VAL D 142 0.63 -18.80 25.72
N ASP D 143 -0.54 -18.31 25.32
CA ASP D 143 -0.78 -16.89 25.11
C ASP D 143 -1.47 -16.30 26.34
N PRO D 144 -0.80 -15.34 27.01
CA PRO D 144 -1.36 -14.67 28.20
C PRO D 144 -2.54 -13.77 27.85
N LEU D 145 -2.80 -13.59 26.56
CA LEU D 145 -3.90 -12.76 26.09
C LEU D 145 -4.99 -13.62 25.47
N ARG D 146 -6.24 -13.28 25.76
CA ARG D 146 -7.41 -13.97 25.22
C ARG D 146 -8.54 -12.96 25.00
N LYS D 147 -8.44 -12.18 23.95
CA LYS D 147 -9.33 -11.04 23.77
C LYS D 147 -10.36 -11.23 22.66
N GLU D 148 -10.16 -12.26 21.83
CA GLU D 148 -11.01 -12.47 20.67
C GLU D 148 -12.46 -12.79 21.07
N LYS D 149 -13.40 -12.04 20.52
CA LYS D 149 -14.82 -12.25 20.79
C LYS D 149 -15.28 -13.60 20.27
N ASP D 150 -15.15 -13.82 18.97
CA ASP D 150 -15.48 -15.09 18.35
C ASP D 150 -14.32 -16.07 18.54
N GLU D 151 -14.57 -17.17 19.24
CA GLU D 151 -13.53 -18.14 19.56
C GLU D 151 -13.01 -18.90 18.34
N SER D 152 -13.43 -18.47 17.16
CA SER D 152 -12.97 -19.07 15.92
C SER D 152 -11.72 -18.34 15.43
N ALA D 153 -11.47 -17.17 16.00
CA ALA D 153 -10.30 -16.36 15.64
C ALA D 153 -9.00 -17.00 16.11
N TYR D 154 -9.12 -17.81 17.16
CA TYR D 154 -7.98 -18.53 17.73
C TYR D 154 -7.53 -19.69 16.85
N VAL D 155 -8.43 -20.19 16.02
CA VAL D 155 -8.11 -21.27 15.09
C VAL D 155 -6.93 -20.97 14.17
N ASP D 156 -6.96 -19.77 13.59
CA ASP D 156 -5.91 -19.28 12.68
C ASP D 156 -4.66 -18.78 13.38
N TYR D 157 -4.81 -18.33 14.62
CA TYR D 157 -3.65 -18.10 15.48
C TYR D 157 -2.86 -19.38 15.65
N ALA D 158 -3.56 -20.46 15.93
CA ALA D 158 -2.92 -21.76 16.06
C ALA D 158 -2.26 -22.11 14.73
N ASP D 159 -2.95 -21.85 13.63
CA ASP D 159 -2.43 -22.14 12.30
C ASP D 159 -1.19 -21.30 11.96
N ASN D 160 -1.27 -19.99 12.18
CA ASN D 160 -0.20 -19.08 11.81
C ASN D 160 1.07 -19.34 12.61
N VAL D 161 0.89 -19.71 13.87
CA VAL D 161 2.01 -20.12 14.72
C VAL D 161 2.60 -21.43 14.21
N ASN D 162 1.72 -22.38 13.92
CA ASN D 162 2.14 -23.68 13.42
C ASN D 162 2.88 -23.52 12.10
N MET D 163 2.46 -22.56 11.29
CA MET D 163 3.12 -22.27 10.03
C MET D 163 4.55 -21.77 10.24
N GLU D 164 4.78 -21.00 11.30
CA GLU D 164 6.10 -20.44 11.59
C GLU D 164 7.14 -21.48 11.96
N PHE D 165 6.73 -22.56 12.61
CA PHE D 165 7.70 -23.59 12.97
C PHE D 165 7.79 -24.62 11.85
N GLY D 166 7.01 -24.40 10.79
CA GLY D 166 6.94 -25.34 9.68
C GLY D 166 5.68 -26.16 9.78
N GLU D 167 5.11 -26.53 8.63
CA GLU D 167 3.83 -27.24 8.62
C GLU D 167 3.94 -28.67 9.13
N HIS D 168 5.17 -29.20 9.18
CA HIS D 168 5.37 -30.55 9.69
C HIS D 168 5.69 -30.55 11.18
N ALA D 169 5.66 -29.39 11.81
CA ALA D 169 5.88 -29.28 13.25
C ALA D 169 4.57 -29.46 14.04
N LYS D 170 4.67 -30.14 15.17
CA LYS D 170 3.51 -30.31 16.06
C LYS D 170 3.35 -29.06 16.92
N CYS D 171 2.12 -28.59 17.05
CA CYS D 171 1.88 -27.34 17.76
C CYS D 171 0.59 -27.35 18.56
N ALA D 172 0.68 -26.83 19.78
CA ALA D 172 -0.50 -26.59 20.60
C ALA D 172 -0.57 -25.12 20.93
N PHE D 173 -1.75 -24.53 20.80
CA PHE D 173 -1.93 -23.11 21.07
C PHE D 173 -2.94 -22.91 22.19
N ILE D 174 -2.50 -22.30 23.28
CA ILE D 174 -3.32 -22.14 24.47
C ILE D 174 -3.52 -20.68 24.84
N PRO D 175 -4.63 -20.08 24.38
CA PRO D 175 -4.98 -18.71 24.78
C PRO D 175 -5.54 -18.67 26.19
N VAL D 176 -4.95 -17.86 27.06
CA VAL D 176 -5.34 -17.80 28.45
C VAL D 176 -5.70 -16.36 28.83
N ASP D 177 -6.79 -16.20 29.57
CA ASP D 177 -7.27 -14.87 29.95
C ASP D 177 -6.53 -14.34 31.18
N ILE D 178 -5.31 -13.86 30.95
CA ILE D 178 -4.48 -13.28 32.01
C ILE D 178 -4.28 -11.79 31.80
N GLN D 179 -3.90 -11.41 30.58
CA GLN D 179 -3.58 -10.03 30.27
C GLN D 179 -4.82 -9.17 30.05
N LYS D 180 -4.81 -7.96 30.60
CA LYS D 180 -5.87 -6.98 30.35
C LYS D 180 -5.30 -5.68 29.81
N SER D 181 -4.12 -5.32 30.27
CA SER D 181 -3.43 -4.13 29.76
C SER D 181 -2.89 -4.38 28.36
N PHE D 182 -2.29 -3.35 27.77
CA PHE D 182 -1.77 -3.48 26.41
C PHE D 182 -0.26 -3.73 26.39
N PHE D 183 0.40 -3.52 27.53
CA PHE D 183 1.85 -3.55 27.56
C PHE D 183 2.51 -4.60 28.48
N ASP D 184 1.73 -5.55 28.99
CA ASP D 184 2.26 -6.51 29.96
C ASP D 184 2.55 -7.90 29.38
N CYS D 185 2.47 -8.05 28.07
CA CYS D 185 2.66 -9.35 27.45
C CYS D 185 4.05 -9.94 27.67
N ARG D 186 5.07 -9.09 27.69
CA ARG D 186 6.45 -9.57 27.85
C ARG D 186 6.71 -10.17 29.22
N ILE D 187 6.35 -9.44 30.27
CA ILE D 187 6.57 -9.91 31.64
C ILE D 187 5.72 -11.14 31.94
N LEU D 188 4.48 -11.14 31.47
CA LEU D 188 3.58 -12.29 31.65
C LEU D 188 4.12 -13.53 30.96
N SER D 189 4.64 -13.37 29.75
CA SER D 189 5.21 -14.50 29.01
C SER D 189 6.47 -15.06 29.68
N LEU D 190 7.28 -14.17 30.23
CA LEU D 190 8.48 -14.55 30.98
C LEU D 190 8.12 -15.38 32.22
N SER D 191 7.11 -14.93 32.95
CA SER D 191 6.63 -15.66 34.13
C SER D 191 6.10 -17.03 33.75
N LEU D 192 5.35 -17.09 32.65
CA LEU D 192 4.83 -18.37 32.14
C LEU D 192 5.97 -19.31 31.75
N ALA D 193 7.03 -18.75 31.18
CA ALA D 193 8.20 -19.54 30.82
C ALA D 193 8.84 -20.17 32.06
N LEU D 194 8.93 -19.39 33.14
CA LEU D 194 9.47 -19.90 34.40
C LEU D 194 8.58 -21.02 34.94
N LYS D 195 7.26 -20.83 34.82
CA LYS D 195 6.29 -21.83 35.26
C LYS D 195 6.34 -23.09 34.40
N MET D 196 6.65 -22.92 33.11
CA MET D 196 6.84 -24.07 32.23
C MET D 196 7.99 -24.91 32.73
N HIS D 197 9.10 -24.25 33.07
CA HIS D 197 10.27 -24.93 33.60
C HIS D 197 9.95 -25.58 34.94
N ASP D 198 9.13 -24.89 35.72
CA ASP D 198 8.69 -25.38 37.02
C ASP D 198 7.84 -26.65 36.85
N LYS D 199 7.02 -26.68 35.81
CA LYS D 199 6.20 -27.85 35.49
C LYS D 199 6.75 -28.57 34.26
N ASP D 200 8.08 -28.71 34.21
CA ASP D 200 8.78 -29.21 33.03
C ASP D 200 8.18 -30.48 32.42
N ASP D 201 7.98 -31.50 33.25
CA ASP D 201 7.51 -32.78 32.76
C ASP D 201 6.01 -32.82 32.46
N ALA D 202 5.24 -31.97 33.13
CA ALA D 202 3.82 -31.86 32.80
C ALA D 202 3.68 -31.40 31.36
N PHE D 203 4.55 -30.49 30.94
CA PHE D 203 4.58 -30.01 29.56
C PHE D 203 5.19 -31.04 28.63
N ALA D 204 6.16 -31.81 29.13
CA ALA D 204 6.78 -32.88 28.36
C ALA D 204 5.74 -33.94 27.96
N ALA D 205 4.83 -34.23 28.88
CA ALA D 205 3.77 -35.20 28.63
C ALA D 205 2.84 -34.70 27.51
N PHE D 206 2.56 -33.40 27.50
CA PHE D 206 1.71 -32.83 26.47
C PHE D 206 2.38 -32.87 25.11
N HIS D 207 3.70 -32.66 25.09
CA HIS D 207 4.49 -32.75 23.87
C HIS D 207 4.35 -34.12 23.22
N GLU D 208 4.41 -35.16 24.05
CA GLU D 208 4.33 -36.53 23.57
C GLU D 208 2.99 -36.82 22.90
N THR D 209 1.91 -36.40 23.55
CA THR D 209 0.55 -36.58 23.05
C THR D 209 0.33 -35.87 21.70
N LEU D 210 0.85 -34.66 21.57
CA LEU D 210 0.75 -33.91 20.31
C LEU D 210 1.42 -34.71 19.19
N ARG D 211 2.55 -35.32 19.52
CA ARG D 211 3.33 -36.09 18.56
C ARG D 211 2.70 -37.43 18.23
N ASN D 212 1.92 -37.96 19.16
CA ASN D 212 1.31 -39.28 18.98
C ASN D 212 -0.15 -39.18 18.55
N GLY D 213 -0.65 -37.94 18.43
CA GLY D 213 -2.04 -37.71 18.07
C GLY D 213 -2.94 -38.31 19.13
N GLY D 214 -2.50 -38.25 20.38
CA GLY D 214 -3.21 -38.84 21.50
C GLY D 214 -4.37 -38.04 22.04
N ASP D 215 -4.92 -38.53 23.15
CA ASP D 215 -6.05 -37.88 23.79
C ASP D 215 -5.60 -36.66 24.57
N PRO D 216 -5.98 -35.45 24.09
CA PRO D 216 -5.56 -34.22 24.76
C PRO D 216 -6.25 -34.01 26.12
N SER D 217 -7.30 -34.80 26.40
CA SER D 217 -8.02 -34.68 27.67
C SER D 217 -7.19 -35.21 28.84
N HIS D 218 -6.04 -35.79 28.52
CA HIS D 218 -5.12 -36.26 29.55
C HIS D 218 -4.37 -35.08 30.16
N HIS D 219 -4.36 -33.96 29.45
CA HIS D 219 -3.55 -32.82 29.85
C HIS D 219 -4.38 -31.55 30.00
N VAL D 220 -5.38 -31.38 29.14
CA VAL D 220 -6.21 -30.18 29.13
C VAL D 220 -7.70 -30.56 29.12
N SER D 221 -8.56 -29.60 29.41
CA SER D 221 -9.99 -29.88 29.52
C SER D 221 -10.71 -29.73 28.18
N ARG D 222 -10.24 -28.81 27.35
CA ARG D 222 -10.84 -28.59 26.05
C ARG D 222 -9.80 -28.26 24.97
N ALA D 223 -9.83 -29.05 23.90
CA ALA D 223 -8.90 -28.89 22.80
C ALA D 223 -9.58 -29.33 21.50
N GLN D 224 -9.13 -28.79 20.37
CA GLN D 224 -9.70 -29.18 19.09
C GLN D 224 -8.67 -29.03 17.99
N GLN D 225 -8.80 -29.86 16.97
CA GLN D 225 -7.86 -29.85 15.85
C GLN D 225 -8.32 -28.90 14.75
N THR D 226 -7.38 -28.11 14.23
CA THR D 226 -7.68 -27.11 13.22
C THR D 226 -8.01 -27.78 11.89
N LEU D 229 -4.26 -27.34 9.26
CA LEU D 229 -2.86 -27.58 9.58
C LEU D 229 -2.72 -28.69 10.62
N GLY D 230 -3.84 -29.08 11.20
CA GLY D 230 -3.86 -30.13 12.20
C GLY D 230 -3.34 -29.67 13.55
N ALA D 231 -3.28 -28.36 13.75
CA ALA D 231 -2.81 -27.79 15.00
C ALA D 231 -3.83 -27.99 16.11
N THR D 232 -3.35 -28.18 17.34
CA THR D 232 -4.26 -28.36 18.47
C THR D 232 -4.55 -27.03 19.15
N LEU D 233 -5.80 -26.60 19.04
CA LEU D 233 -6.25 -25.39 19.73
C LEU D 233 -6.86 -25.77 21.07
N VAL D 234 -6.26 -25.27 22.14
CA VAL D 234 -6.71 -25.56 23.49
C VAL D 234 -7.39 -24.34 24.07
N LEU D 235 -8.71 -24.34 24.07
CA LEU D 235 -9.47 -23.21 24.58
C LEU D 235 -9.75 -23.34 26.07
N ASP D 236 -9.29 -24.45 26.66
CA ASP D 236 -9.32 -24.62 28.11
C ASP D 236 -8.14 -25.51 28.54
N GLY D 237 -7.09 -24.86 29.05
CA GLY D 237 -5.83 -25.52 29.30
C GLY D 237 -5.67 -26.26 30.62
N ALA D 238 -6.61 -26.05 31.54
CA ALA D 238 -6.58 -26.73 32.84
C ALA D 238 -6.74 -28.24 32.64
N PRO D 239 -6.05 -29.03 33.48
CA PRO D 239 -5.22 -28.63 34.60
C PRO D 239 -3.76 -28.31 34.24
N LEU D 240 -3.39 -28.40 32.97
CA LEU D 240 -2.04 -28.04 32.54
C LEU D 240 -1.77 -26.58 32.88
N VAL D 241 -2.76 -25.73 32.64
CA VAL D 241 -2.73 -24.36 33.11
C VAL D 241 -3.36 -24.38 34.51
N ASP D 242 -2.53 -24.46 35.54
CA ASP D 242 -3.03 -24.60 36.90
C ASP D 242 -3.03 -23.27 37.64
N ALA D 243 -3.28 -23.31 38.95
CA ALA D 243 -3.39 -22.11 39.75
C ALA D 243 -2.13 -21.23 39.66
N ARG D 244 -0.94 -21.85 39.67
CA ARG D 244 0.28 -21.07 39.65
C ARG D 244 0.46 -20.27 38.36
N MET D 245 -0.15 -20.72 37.27
CA MET D 245 -0.03 -19.99 36.00
C MET D 245 -1.02 -18.86 35.88
N MET D 246 -1.99 -18.81 36.78
CA MET D 246 -3.01 -17.76 36.75
C MET D 246 -2.76 -16.67 37.79
N LYS D 247 -1.66 -16.76 38.53
CA LYS D 247 -1.41 -15.82 39.63
C LYS D 247 -1.39 -14.36 39.22
N HIS D 248 -0.92 -14.07 38.02
CA HIS D 248 -0.76 -12.68 37.63
C HIS D 248 -1.93 -12.17 36.77
N GLY D 249 -3.05 -12.89 36.85
CA GLY D 249 -4.27 -12.47 36.18
C GLY D 249 -4.66 -11.08 36.60
N GLN D 250 -4.85 -10.20 35.64
CA GLN D 250 -5.05 -8.78 35.91
C GLN D 250 -6.50 -8.43 36.28
N ALA D 251 -7.46 -9.14 35.68
CA ALA D 251 -8.86 -8.92 36.04
C ALA D 251 -9.28 -9.89 37.13
N ALA D 252 -9.87 -9.35 38.20
CA ALA D 252 -10.37 -10.16 39.30
C ALA D 252 -11.36 -11.20 38.80
N SER D 253 -12.12 -10.82 37.77
CA SER D 253 -13.12 -11.72 37.21
C SER D 253 -12.45 -12.89 36.49
N SER D 254 -11.27 -12.64 35.93
CA SER D 254 -10.54 -13.69 35.24
C SER D 254 -10.11 -14.79 36.22
N VAL D 255 -9.58 -14.38 37.36
CA VAL D 255 -9.18 -15.33 38.40
C VAL D 255 -10.42 -16.06 38.95
N SER D 256 -11.44 -15.29 39.29
CA SER D 256 -12.69 -15.81 39.83
C SER D 256 -13.37 -16.81 38.88
N ARG D 257 -13.48 -16.47 37.60
CA ARG D 257 -14.10 -17.39 36.64
C ARG D 257 -13.30 -18.67 36.48
N TYR D 258 -11.98 -18.53 36.47
CA TYR D 258 -11.08 -19.68 36.36
C TYR D 258 -11.30 -20.65 37.55
N LEU D 259 -11.30 -20.11 38.76
CA LEU D 259 -11.55 -20.91 39.95
C LEU D 259 -12.96 -21.49 39.95
N GLY D 260 -13.91 -20.71 39.43
CA GLY D 260 -15.29 -21.14 39.34
C GLY D 260 -15.50 -22.31 38.40
N ASN D 261 -14.70 -22.35 37.34
CA ASN D 261 -14.76 -23.44 36.37
C ASN D 261 -13.92 -24.64 36.80
N HIS D 262 -12.91 -24.37 37.62
CA HIS D 262 -12.01 -25.42 38.12
C HIS D 262 -11.81 -25.26 39.61
N PRO D 263 -12.83 -25.65 40.39
CA PRO D 263 -12.90 -25.45 41.84
C PRO D 263 -11.74 -26.08 42.61
N GLU D 264 -11.23 -27.21 42.13
CA GLU D 264 -10.17 -27.94 42.83
C GLU D 264 -8.87 -27.13 42.91
N GLN D 265 -8.72 -26.16 42.02
CA GLN D 265 -7.53 -25.32 42.00
C GLN D 265 -7.60 -24.22 43.07
N SER D 266 -8.76 -24.10 43.72
CA SER D 266 -8.96 -22.97 44.65
C SER D 266 -8.34 -23.20 46.02
N THR D 267 -7.94 -24.43 46.31
CA THR D 267 -7.43 -24.75 47.65
C THR D 267 -5.93 -25.08 47.66
N VAL D 268 -5.31 -25.18 46.49
CA VAL D 268 -3.88 -25.49 46.44
C VAL D 268 -3.05 -24.24 46.73
N PRO D 269 -1.95 -24.41 47.47
CA PRO D 269 -1.05 -23.29 47.75
C PRO D 269 -0.29 -22.84 46.49
N VAL D 270 -0.20 -21.54 46.28
CA VAL D 270 0.46 -21.00 45.10
C VAL D 270 1.82 -20.41 45.44
N ASN D 271 2.15 -20.39 46.74
CA ASN D 271 3.46 -19.98 47.19
C ASN D 271 3.78 -20.57 48.57
N LYS D 272 5.00 -20.32 49.04
CA LYS D 272 5.50 -20.89 50.29
C LYS D 272 4.82 -20.26 51.49
N ARG D 273 4.13 -19.14 51.26
CA ARG D 273 3.35 -18.48 52.29
C ARG D 273 2.00 -19.18 52.49
N ASN D 274 1.76 -20.19 51.66
CA ASN D 274 0.53 -20.99 51.69
C ASN D 274 -0.73 -20.19 51.33
N GLU D 275 -0.58 -19.16 50.50
CA GLU D 275 -1.75 -18.46 49.97
C GLU D 275 -2.38 -19.29 48.86
N THR D 276 -3.71 -19.27 48.80
CA THR D 276 -4.43 -19.80 47.66
C THR D 276 -4.44 -18.74 46.56
N LEU D 277 -4.86 -19.12 45.36
CA LEU D 277 -4.94 -18.17 44.24
C LEU D 277 -5.89 -17.01 44.58
N GLY D 278 -7.03 -17.34 45.18
CA GLY D 278 -7.99 -16.33 45.59
C GLY D 278 -7.46 -15.41 46.68
N GLU D 279 -6.79 -15.96 47.69
CA GLU D 279 -6.20 -15.15 48.77
C GLU D 279 -5.14 -14.20 48.22
N ARG D 280 -4.24 -14.72 47.38
CA ARG D 280 -3.16 -13.89 46.86
C ARG D 280 -3.67 -12.82 45.91
N THR D 281 -4.62 -13.17 45.06
CA THR D 281 -5.17 -12.21 44.10
C THR D 281 -5.88 -11.08 44.85
N THR D 282 -6.65 -11.44 45.87
CA THR D 282 -7.35 -10.45 46.69
C THR D 282 -6.36 -9.46 47.32
N ARG D 283 -5.22 -9.97 47.76
CA ARG D 283 -4.18 -9.14 48.37
C ARG D 283 -3.58 -8.11 47.39
N HIS D 284 -3.66 -8.39 46.10
CA HIS D 284 -3.07 -7.51 45.07
C HIS D 284 -4.08 -6.57 44.41
N LEU D 285 -5.34 -6.62 44.83
CA LEU D 285 -6.37 -5.79 44.22
C LEU D 285 -6.17 -4.32 44.56
N VAL D 286 -6.16 -3.49 43.53
CA VAL D 286 -6.03 -2.05 43.73
C VAL D 286 -7.09 -1.31 42.94
N LYS D 287 -7.31 -0.08 43.33
CA LYS D 287 -8.27 0.79 42.67
C LYS D 287 -7.57 2.04 42.15
N ARG D 288 -7.50 2.19 40.83
CA ARG D 288 -6.83 3.36 40.25
C ARG D 288 -7.41 3.81 38.92
N LYS D 289 -7.05 5.04 38.54
CA LYS D 289 -7.45 5.61 37.26
C LYS D 289 -6.55 5.08 36.15
N VAL D 290 -7.16 4.61 35.07
CA VAL D 290 -6.41 4.17 33.90
C VAL D 290 -6.88 4.95 32.67
N ARG D 291 -6.35 4.61 31.51
CA ARG D 291 -6.76 5.26 30.26
C ARG D 291 -7.73 4.35 29.51
N ASN D 292 -8.75 4.93 28.88
CA ASN D 292 -9.73 4.12 28.18
C ASN D 292 -9.24 3.69 26.80
N ARG D 293 -9.37 2.38 26.53
CA ARG D 293 -8.92 1.80 25.27
C ARG D 293 -10.01 0.93 24.64
N GLY D 303 -14.45 9.87 27.59
CA GLY D 303 -13.63 10.26 28.73
C GLY D 303 -12.18 9.83 28.60
N GLU D 304 -11.27 10.65 29.11
CA GLU D 304 -9.85 10.37 29.04
C GLU D 304 -9.46 9.26 30.02
N THR D 305 -9.85 9.42 31.28
CA THR D 305 -9.52 8.43 32.30
C THR D 305 -10.76 7.71 32.86
N LYS D 306 -10.55 6.50 33.36
CA LYS D 306 -11.61 5.71 33.98
C LYS D 306 -10.97 5.05 35.20
N GLU D 307 -11.72 4.97 36.29
CA GLU D 307 -11.21 4.29 37.48
C GLU D 307 -11.66 2.83 37.51
N ILE D 308 -10.71 1.90 37.65
CA ILE D 308 -11.04 0.47 37.64
C ILE D 308 -10.38 -0.30 38.79
N THR D 309 -10.92 -1.47 39.09
CA THR D 309 -10.32 -2.33 40.10
C THR D 309 -9.68 -3.55 39.45
N PHE D 310 -8.41 -3.78 39.77
CA PHE D 310 -7.67 -4.88 39.18
C PHE D 310 -6.52 -5.31 40.08
N SER D 311 -5.86 -6.40 39.71
CA SER D 311 -4.72 -6.89 40.47
C SER D 311 -3.43 -6.30 39.91
N ASN D 312 -2.62 -5.71 40.79
CA ASN D 312 -1.34 -5.15 40.35
C ASN D 312 -0.20 -6.19 40.43
N SER D 313 -0.54 -7.47 40.38
CA SER D 313 0.48 -8.52 40.53
C SER D 313 1.60 -8.44 39.48
N VAL D 314 1.25 -8.13 38.24
CA VAL D 314 2.23 -8.07 37.16
C VAL D 314 3.25 -6.95 37.38
N GLU D 315 2.78 -5.78 37.82
CA GLU D 315 3.71 -4.68 38.01
C GLU D 315 4.65 -4.98 39.20
N GLN D 316 4.17 -5.73 40.18
CA GLN D 316 5.01 -6.20 41.28
C GLN D 316 6.02 -7.24 40.77
N LYS D 317 5.59 -8.09 39.85
CA LYS D 317 6.47 -9.11 39.27
C LYS D 317 7.63 -8.47 38.50
N ARG D 318 7.31 -7.46 37.68
CA ARG D 318 8.34 -6.74 36.93
C ARG D 318 9.38 -6.14 37.88
N ILE D 319 8.89 -5.56 38.98
CA ILE D 319 9.77 -4.97 40.00
C ILE D 319 10.64 -6.06 40.63
N ALA D 320 10.05 -7.21 40.97
CA ALA D 320 10.79 -8.32 41.56
C ALA D 320 11.87 -8.88 40.63
N LEU D 321 11.55 -8.99 39.34
CA LEU D 321 12.49 -9.47 38.33
C LEU D 321 13.66 -8.51 38.18
N LEU D 322 13.36 -7.21 38.19
CA LEU D 322 14.41 -6.19 38.11
C LEU D 322 15.36 -6.26 39.30
N ASN D 323 14.79 -6.49 40.49
CA ASN D 323 15.58 -6.67 41.71
C ASN D 323 16.55 -7.85 41.59
N ARG D 324 16.02 -8.95 41.09
CA ARG D 324 16.80 -10.16 40.80
C ARG D 324 17.94 -9.89 39.83
N ALA D 325 17.61 -9.27 38.70
CA ALA D 325 18.57 -9.04 37.63
C ALA D 325 19.69 -8.11 38.09
N ALA D 326 19.32 -7.04 38.79
CA ALA D 326 20.29 -6.09 39.32
C ALA D 326 21.24 -6.78 40.31
N SER D 327 20.67 -7.62 41.17
CA SER D 327 21.47 -8.36 42.14
C SER D 327 22.44 -9.31 41.43
N TYR D 328 21.95 -9.97 40.39
CA TYR D 328 22.78 -10.88 39.62
C TYR D 328 23.94 -10.13 38.96
N VAL D 329 23.65 -8.96 38.37
CA VAL D 329 24.69 -8.18 37.70
C VAL D 329 25.73 -7.68 38.70
N ASN D 330 25.28 -7.37 39.91
CA ASN D 330 26.17 -6.88 40.97
C ASN D 330 27.35 -7.81 41.27
N SER D 331 27.11 -9.11 41.14
CA SER D 331 28.12 -10.10 41.49
C SER D 331 28.43 -11.04 40.33
N ALA D 332 27.95 -10.72 39.14
CA ALA D 332 28.22 -11.53 37.97
C ALA D 332 29.70 -11.45 37.59
N PRO D 333 30.27 -12.56 37.08
CA PRO D 333 31.65 -12.54 36.58
C PRO D 333 31.79 -11.57 35.40
N PRO D 334 33.01 -11.05 35.18
CA PRO D 334 33.29 -10.08 34.13
C PRO D 334 32.75 -10.45 32.72
N PRO D 335 32.87 -11.72 32.27
CA PRO D 335 32.31 -11.96 30.93
C PRO D 335 30.80 -11.73 30.86
N VAL D 336 30.10 -12.01 31.94
CA VAL D 336 28.65 -11.81 31.98
C VAL D 336 28.31 -10.33 31.93
N VAL D 337 29.03 -9.53 32.71
CA VAL D 337 28.88 -8.08 32.68
C VAL D 337 29.10 -7.51 31.27
N MET D 338 30.13 -8.01 30.58
CA MET D 338 30.41 -7.58 29.21
C MET D 338 29.23 -7.84 28.28
N ARG D 339 28.67 -9.04 28.36
CA ARG D 339 27.58 -9.45 27.48
C ARG D 339 26.28 -8.71 27.76
N MET D 340 26.00 -8.44 29.03
CA MET D 340 24.77 -7.75 29.37
C MET D 340 24.87 -6.28 29.00
N ALA D 341 26.07 -5.73 29.06
CA ALA D 341 26.30 -4.36 28.63
C ALA D 341 26.04 -4.25 27.12
N LYS D 342 26.52 -5.23 26.37
CA LYS D 342 26.33 -5.20 24.93
C LYS D 342 24.85 -5.33 24.56
N LEU D 343 24.13 -6.23 25.25
CA LEU D 343 22.70 -6.43 24.99
C LEU D 343 21.93 -5.14 25.23
N LEU D 344 22.31 -4.44 26.29
CA LEU D 344 21.71 -3.17 26.64
C LEU D 344 21.97 -2.13 25.56
N GLN D 345 23.20 -2.06 25.08
CA GLN D 345 23.58 -1.13 24.03
C GLN D 345 22.87 -1.46 22.72
N ASP D 346 22.68 -2.76 22.46
CA ASP D 346 22.09 -3.22 21.21
C ASP D 346 20.60 -2.91 21.14
N SER D 347 20.01 -2.51 22.27
CA SER D 347 18.60 -2.12 22.28
C SER D 347 18.40 -0.78 21.55
N LEU D 348 19.50 -0.12 21.23
CA LEU D 348 19.48 1.18 20.55
C LEU D 348 19.90 1.09 19.09
N LEU D 349 20.00 -0.11 18.53
CA LEU D 349 20.53 -0.28 17.18
C LEU D 349 19.54 -0.07 16.04
N ASP D 350 18.25 -0.25 16.29
CA ASP D 350 17.23 -0.02 15.26
C ASP D 350 16.26 1.08 15.68
#